data_9EWL
#
_entry.id   9EWL
#
_cell.length_a   218.380
_cell.length_b   114.320
_cell.length_c   142.440
_cell.angle_alpha   90.000
_cell.angle_beta   113.052
_cell.angle_gamma   90.000
#
_symmetry.space_group_name_H-M   'C 1 2 1'
#
loop_
_entity.id
_entity.type
_entity.pdbx_description
1 polymer 'Cys-loop ligand-gated ion channel'
2 non-polymer 'nonyl beta-D-glucopyranoside'
3 non-polymer (2S)-1-(4-bromophenyl)propan-2-amine
4 water water
#
_entity_poly.entity_id   1
_entity_poly.type   'polypeptide(L)'
_entity_poly.pdbx_seq_one_letter_code
;MASLAAEPSDVFIGLKIDQITGINQKEENFSVVGSLRIDWRQPLLAFEHAPGEPKHRTYTLATFLKLLEEKQIRWPAFTY
HNQQGRMDFQNRLISLSEDGTVMYLERFTSTFQAPAFDFRLFPFDNQLFFIHVDSIFPQHLFRFQEMQGFSGLGDQLGEE
EWIVTEVNTHLTTHNEFTKGDASRFVLEFHAERHLNYYLMRILIPVLLIITVSWFTFFLQDYTKRIDLAGGNLLLFIAFN
FTISSDLPRLGYITLMDAFLVGTFIITALVVLGNVWLRRLENHGKQALARKLDIYAITSYPLAYLLGALTLWLLFFWRSY
;
_entity_poly.pdbx_strand_id   AAA,BBB,CCC,DDD,EEE
#
# COMPACT_ATOMS: atom_id res chain seq x y z
N GLU A 7 -14.08 -7.09 49.13
CA GLU A 7 -12.66 -6.64 49.04
C GLU A 7 -12.19 -6.75 47.59
N PRO A 8 -11.90 -5.64 46.88
CA PRO A 8 -11.29 -5.72 45.55
C PRO A 8 -9.83 -6.18 45.57
N SER A 9 -9.49 -7.25 44.84
CA SER A 9 -8.11 -7.79 44.72
C SER A 9 -7.36 -6.91 43.70
N ASP A 10 -6.10 -6.60 44.01
CA ASP A 10 -5.28 -5.59 43.30
C ASP A 10 -4.54 -6.25 42.13
N VAL A 11 -4.37 -5.50 41.05
CA VAL A 11 -3.71 -5.95 39.79
C VAL A 11 -2.65 -4.91 39.43
N PHE A 12 -1.41 -5.35 39.18
CA PHE A 12 -0.20 -4.50 39.14
C PHE A 12 0.30 -4.38 37.70
N ILE A 13 -0.08 -3.27 37.06
CA ILE A 13 -0.06 -3.06 35.59
C ILE A 13 1.23 -2.33 35.20
N GLY A 14 2.14 -3.05 34.54
CA GLY A 14 3.34 -2.49 33.89
C GLY A 14 3.17 -2.50 32.37
N LEU A 15 3.47 -1.38 31.70
CA LEU A 15 3.47 -1.30 30.21
C LEU A 15 4.71 -0.52 29.75
N LYS A 16 5.66 -1.22 29.12
CA LYS A 16 6.90 -0.65 28.53
C LYS A 16 6.76 -0.65 27.01
N ILE A 17 7.37 0.33 26.34
CA ILE A 17 7.33 0.47 24.86
C ILE A 17 8.77 0.32 24.34
N ASP A 18 9.09 -0.85 23.79
CA ASP A 18 10.45 -1.20 23.31
C ASP A 18 10.74 -0.41 22.02
N GLN A 19 9.74 -0.30 21.14
CA GLN A 19 9.88 0.39 19.83
C GLN A 19 8.70 1.33 19.56
N ILE A 20 8.99 2.44 18.90
CA ILE A 20 8.02 3.20 18.07
C ILE A 20 8.30 2.81 16.61
N THR A 21 7.47 1.92 16.06
CA THR A 21 7.58 1.38 14.69
C THR A 21 7.32 2.55 13.73
N GLY A 22 6.34 3.39 14.06
CA GLY A 22 6.15 4.70 13.41
C GLY A 22 4.93 5.44 13.93
N ILE A 23 4.95 6.76 13.78
CA ILE A 23 3.79 7.67 14.04
C ILE A 23 3.24 8.12 12.69
N ASN A 24 2.11 7.55 12.26
CA ASN A 24 1.43 7.95 11.01
C ASN A 24 0.55 9.17 11.31
N GLN A 25 1.02 10.37 11.02
CA GLN A 25 0.32 11.59 11.46
C GLN A 25 -0.86 11.89 10.53
N LYS A 26 -0.88 11.32 9.33
CA LYS A 26 -1.99 11.52 8.36
C LYS A 26 -3.25 10.78 8.84
N GLU A 27 -3.08 9.61 9.46
CA GLU A 27 -4.21 8.77 9.97
C GLU A 27 -4.41 9.02 11.47
N GLU A 28 -3.54 9.83 12.09
CA GLU A 28 -3.64 10.21 13.52
C GLU A 28 -3.61 8.96 14.39
N ASN A 29 -2.58 8.13 14.20
CA ASN A 29 -2.26 6.99 15.09
C ASN A 29 -0.74 6.87 15.19
N PHE A 30 -0.28 5.98 16.06
CA PHE A 30 1.15 5.62 16.20
C PHE A 30 1.18 4.11 16.42
N SER A 31 2.33 3.50 16.20
CA SER A 31 2.52 2.04 16.34
C SER A 31 3.77 1.78 17.17
N VAL A 32 3.67 0.74 18.02
CA VAL A 32 4.67 0.39 19.07
C VAL A 32 4.77 -1.11 19.17
N VAL A 33 6.00 -1.60 19.31
CA VAL A 33 6.32 -2.88 19.99
C VAL A 33 6.28 -2.58 21.48
N GLY A 34 5.54 -3.38 22.26
CA GLY A 34 5.37 -3.18 23.72
C GLY A 34 5.24 -4.49 24.48
N SER A 35 5.69 -4.48 25.74
CA SER A 35 5.51 -5.54 26.76
C SER A 35 4.51 -5.06 27.82
N LEU A 36 3.47 -5.84 28.13
CA LEU A 36 2.57 -5.59 29.29
C LEU A 36 2.92 -6.60 30.37
N ARG A 37 2.96 -6.15 31.63
CA ARG A 37 3.29 -6.98 32.82
C ARG A 37 2.25 -6.75 33.90
N ILE A 38 1.73 -7.85 34.46
CA ILE A 38 0.62 -7.88 35.44
C ILE A 38 1.04 -8.82 36.58
N ASP A 39 1.15 -8.30 37.80
CA ASP A 39 1.14 -9.12 39.04
C ASP A 39 -0.28 -9.08 39.60
N TRP A 40 -0.86 -10.26 39.85
CA TRP A 40 -2.22 -10.43 40.44
C TRP A 40 -2.23 -11.71 41.28
N ARG A 41 -2.34 -11.57 42.60
CA ARG A 41 -2.41 -12.69 43.57
C ARG A 41 -3.87 -13.15 43.65
N GLN A 42 -4.08 -14.42 43.29
CA GLN A 42 -5.32 -15.18 43.57
C GLN A 42 -4.97 -16.24 44.60
N PRO A 43 -5.38 -16.10 45.88
CA PRO A 43 -5.25 -17.16 46.86
C PRO A 43 -5.69 -18.51 46.27
N LEU A 44 -6.84 -18.53 45.60
CA LEU A 44 -7.53 -19.77 45.14
C LEU A 44 -6.68 -20.54 44.13
N LEU A 45 -5.72 -19.88 43.47
CA LEU A 45 -4.82 -20.51 42.47
C LEU A 45 -3.59 -21.09 43.17
N ALA A 46 -3.40 -20.78 44.46
CA ALA A 46 -2.34 -21.34 45.32
C ALA A 46 -2.36 -22.85 45.19
N PHE A 47 -1.19 -23.47 45.28
CA PHE A 47 -1.03 -24.95 45.22
C PHE A 47 0.06 -25.34 46.21
N GLU A 48 0.22 -26.64 46.46
CA GLU A 48 1.23 -27.16 47.40
C GLU A 48 2.26 -27.98 46.63
N HIS A 49 3.54 -27.66 46.85
CA HIS A 49 4.68 -28.31 46.18
C HIS A 49 5.24 -29.32 47.18
N ALA A 50 5.16 -30.61 46.87
CA ALA A 50 5.96 -31.63 47.59
C ALA A 50 7.42 -31.26 47.40
N PRO A 51 8.24 -31.13 48.48
CA PRO A 51 9.59 -30.59 48.35
C PRO A 51 10.42 -31.37 47.33
N GLY A 52 11.11 -30.68 46.42
CA GLY A 52 11.81 -31.30 45.27
C GLY A 52 10.99 -31.24 43.99
N GLU A 53 9.76 -30.71 44.09
CA GLU A 53 8.89 -30.35 42.94
C GLU A 53 8.79 -28.84 42.83
N PRO A 54 9.02 -28.26 41.63
CA PRO A 54 9.04 -26.81 41.45
C PRO A 54 7.83 -26.08 42.05
N LYS A 55 8.08 -24.86 42.54
CA LYS A 55 7.11 -24.05 43.31
C LYS A 55 6.56 -22.97 42.40
N HIS A 56 6.95 -22.96 41.12
CA HIS A 56 6.49 -21.97 40.11
C HIS A 56 5.98 -22.71 38.86
N ARG A 57 4.69 -22.57 38.54
CA ARG A 57 4.08 -23.17 37.32
C ARG A 57 4.14 -22.17 36.17
N THR A 58 4.47 -22.67 34.98
CA THR A 58 4.64 -21.89 33.72
C THR A 58 3.58 -22.33 32.73
N TYR A 59 2.75 -21.39 32.26
CA TYR A 59 1.48 -21.65 31.53
C TYR A 59 1.37 -20.79 30.27
N THR A 60 1.05 -21.43 29.14
CA THR A 60 0.41 -20.77 27.95
C THR A 60 -0.85 -20.08 28.48
N LEU A 61 -1.10 -18.83 28.09
CA LEU A 61 -2.37 -18.15 28.45
C LEU A 61 -3.54 -19.07 28.08
N ALA A 62 -3.40 -19.77 26.95
CA ALA A 62 -4.39 -20.73 26.40
C ALA A 62 -4.89 -21.63 27.54
N THR A 63 -4.01 -22.35 28.23
CA THR A 63 -4.38 -23.33 29.28
C THR A 63 -4.55 -22.65 30.64
N PHE A 64 -3.88 -21.51 30.89
CA PHE A 64 -4.05 -20.75 32.15
C PHE A 64 -5.52 -20.33 32.29
N LEU A 65 -6.15 -19.89 31.21
CA LEU A 65 -7.58 -19.47 31.21
C LEU A 65 -8.48 -20.71 31.29
N LYS A 66 -8.12 -21.80 30.61
CA LYS A 66 -8.88 -23.08 30.65
C LYS A 66 -8.84 -23.60 32.08
N LEU A 67 -7.79 -23.26 32.84
CA LEU A 67 -7.62 -23.58 34.29
C LEU A 67 -8.60 -22.71 35.11
N LEU A 68 -8.55 -21.39 34.94
CA LEU A 68 -9.44 -20.43 35.64
C LEU A 68 -10.90 -20.81 35.37
N GLU A 69 -11.20 -21.34 34.18
CA GLU A 69 -12.57 -21.72 33.75
C GLU A 69 -13.02 -23.01 34.48
N GLU A 70 -12.10 -23.95 34.70
CA GLU A 70 -12.37 -25.16 35.54
C GLU A 70 -12.73 -24.69 36.95
N LYS A 71 -11.85 -23.89 37.55
CA LYS A 71 -12.00 -23.40 38.95
C LYS A 71 -13.05 -22.29 39.02
N GLN A 72 -13.67 -21.91 37.89
CA GLN A 72 -14.62 -20.75 37.82
C GLN A 72 -14.06 -19.59 38.64
N ILE A 73 -12.78 -19.25 38.46
CA ILE A 73 -12.13 -18.04 39.05
C ILE A 73 -12.20 -16.94 38.00
N ARG A 74 -12.46 -15.71 38.44
CA ARG A 74 -12.52 -14.51 37.57
C ARG A 74 -11.10 -13.99 37.36
N TRP A 75 -10.71 -13.83 36.09
CA TRP A 75 -9.48 -13.13 35.65
C TRP A 75 -9.81 -11.64 35.52
N PRO A 76 -8.85 -10.74 35.82
CA PRO A 76 -9.12 -9.30 35.81
C PRO A 76 -9.11 -8.79 34.36
N ALA A 77 -10.09 -9.21 33.56
CA ALA A 77 -10.11 -9.04 32.08
C ALA A 77 -9.92 -7.55 31.76
N PHE A 78 -9.03 -7.25 30.82
CA PHE A 78 -8.70 -5.86 30.41
C PHE A 78 -8.79 -5.75 28.88
N THR A 79 -8.99 -4.52 28.39
CA THR A 79 -8.91 -4.11 26.97
C THR A 79 -7.91 -2.96 26.83
N TYR A 80 -7.24 -2.87 25.69
CA TYR A 80 -6.52 -1.64 25.25
C TYR A 80 -7.53 -0.73 24.55
N HIS A 81 -7.99 0.32 25.22
CA HIS A 81 -9.18 1.12 24.80
C HIS A 81 -8.92 1.87 23.49
N ASN A 82 -7.67 2.31 23.26
CA ASN A 82 -7.31 3.12 22.07
C ASN A 82 -6.49 2.26 21.08
N GLN A 83 -6.60 0.92 21.16
CA GLN A 83 -6.05 -0.02 20.14
C GLN A 83 -6.77 0.22 18.82
N GLN A 84 -6.03 0.19 17.70
CA GLN A 84 -6.59 0.10 16.34
C GLN A 84 -6.10 -1.18 15.68
N GLY A 85 -7.01 -1.90 15.01
CA GLY A 85 -6.70 -3.09 14.21
C GLY A 85 -6.18 -4.21 15.08
N ARG A 86 -5.36 -5.09 14.51
CA ARG A 86 -4.89 -6.32 15.20
C ARG A 86 -3.61 -5.97 15.98
N MET A 87 -3.38 -6.75 17.03
CA MET A 87 -2.22 -6.69 17.96
C MET A 87 -1.48 -8.02 17.79
N ASP A 88 -0.41 -8.03 17.01
CA ASP A 88 0.37 -9.25 16.69
C ASP A 88 1.20 -9.59 17.92
N PHE A 89 0.68 -10.47 18.79
CA PHE A 89 1.32 -10.87 20.07
C PHE A 89 2.54 -11.74 19.79
N GLN A 90 3.64 -11.57 20.55
CA GLN A 90 4.79 -12.51 20.56
C GLN A 90 4.70 -13.44 21.77
N ASN A 91 4.49 -12.88 22.97
CA ASN A 91 4.42 -13.64 24.24
C ASN A 91 3.13 -13.33 24.98
N ARG A 92 2.51 -14.36 25.53
CA ARG A 92 1.32 -14.30 26.42
C ARG A 92 1.50 -15.42 27.44
N LEU A 93 2.27 -15.14 28.49
CA LEU A 93 2.97 -16.15 29.33
C LEU A 93 2.67 -15.88 30.80
N ILE A 94 2.16 -16.90 31.51
CA ILE A 94 1.78 -16.84 32.95
C ILE A 94 2.83 -17.57 33.79
N SER A 95 3.25 -16.97 34.90
CA SER A 95 3.97 -17.68 35.99
C SER A 95 3.20 -17.49 37.29
N LEU A 96 3.00 -18.60 38.00
CA LEU A 96 2.07 -18.77 39.15
C LEU A 96 2.83 -19.45 40.29
N SER A 97 3.08 -18.72 41.39
CA SER A 97 3.83 -19.20 42.57
C SER A 97 2.91 -20.02 43.47
N GLU A 98 3.48 -20.77 44.43
CA GLU A 98 2.76 -21.54 45.48
C GLU A 98 1.63 -20.66 46.02
N ASP A 99 1.99 -19.40 46.32
CA ASP A 99 1.14 -18.34 46.92
C ASP A 99 -0.13 -18.14 46.07
N GLY A 100 -0.03 -18.30 44.76
CA GLY A 100 -1.13 -18.02 43.83
C GLY A 100 -1.00 -16.64 43.21
N THR A 101 0.22 -16.11 43.19
CA THR A 101 0.57 -14.82 42.54
C THR A 101 0.73 -15.09 41.04
N VAL A 102 -0.26 -14.66 40.24
CA VAL A 102 -0.21 -14.73 38.75
C VAL A 102 0.76 -13.65 38.28
N MET A 103 1.65 -13.99 37.35
CA MET A 103 2.60 -13.06 36.68
C MET A 103 2.44 -13.18 35.16
N TYR A 104 1.53 -12.39 34.58
CA TYR A 104 1.22 -12.36 33.12
C TYR A 104 2.15 -11.37 32.42
N LEU A 105 2.79 -11.83 31.35
CA LEU A 105 3.59 -11.00 30.41
C LEU A 105 2.94 -11.09 29.03
N GLU A 106 2.82 -9.96 28.34
CA GLU A 106 2.18 -9.84 27.01
C GLU A 106 3.03 -8.93 26.14
N ARG A 107 3.87 -9.47 25.25
CA ARG A 107 4.58 -8.66 24.22
C ARG A 107 3.68 -8.55 22.99
N PHE A 108 3.85 -7.51 22.19
CA PHE A 108 2.97 -7.24 21.03
C PHE A 108 3.52 -6.09 20.20
N THR A 109 3.23 -6.13 18.89
CA THR A 109 3.13 -4.91 18.06
C THR A 109 1.64 -4.57 17.92
N SER A 110 1.27 -3.30 18.07
CA SER A 110 -0.07 -2.82 17.68
C SER A 110 -0.01 -1.35 17.29
N THR A 111 -1.06 -0.89 16.63
CA THR A 111 -1.33 0.53 16.32
C THR A 111 -2.32 1.08 17.33
N PHE A 112 -2.18 2.36 17.65
CA PHE A 112 -2.99 3.03 18.70
C PHE A 112 -3.48 4.38 18.20
N GLN A 113 -4.71 4.71 18.58
CA GLN A 113 -5.30 6.03 18.32
C GLN A 113 -4.45 7.08 19.06
N ALA A 114 -4.13 8.17 18.38
CA ALA A 114 -3.57 9.41 18.97
C ALA A 114 -4.53 10.54 18.65
N PRO A 115 -5.75 10.56 19.23
CA PRO A 115 -6.71 11.63 18.95
C PRO A 115 -6.27 12.93 19.64
N ALA A 116 -5.05 12.93 20.19
CA ALA A 116 -4.39 14.04 20.92
C ALA A 116 -3.62 14.98 19.97
N PHE A 117 -3.99 15.03 18.69
CA PHE A 117 -3.16 15.58 17.58
C PHE A 117 -3.60 17.02 17.28
N ASP A 118 -2.68 17.97 17.50
CA ASP A 118 -2.89 19.43 17.33
C ASP A 118 -1.89 19.96 16.29
N PHE A 119 -2.32 20.02 15.02
CA PHE A 119 -1.50 20.48 13.87
C PHE A 119 -1.48 22.01 13.79
N ARG A 120 -2.20 22.70 14.67
CA ARG A 120 -2.34 24.19 14.67
C ARG A 120 -0.96 24.80 14.39
N LEU A 121 0.11 24.22 14.93
CA LEU A 121 1.47 24.82 14.91
C LEU A 121 2.45 24.02 14.05
N PHE A 122 1.94 23.06 13.28
CA PHE A 122 2.72 22.25 12.33
C PHE A 122 3.57 23.20 11.50
N PRO A 123 4.90 22.99 11.36
CA PRO A 123 5.61 21.80 11.85
C PRO A 123 6.21 21.90 13.27
N PHE A 124 5.91 22.98 13.98
CA PHE A 124 6.59 23.33 15.24
C PHE A 124 5.95 22.59 16.41
N ASP A 125 4.74 22.03 16.20
CA ASP A 125 3.92 21.38 17.24
C ASP A 125 4.73 20.30 18.01
N ASN A 126 4.35 20.12 19.28
CA ASN A 126 4.66 18.97 20.18
C ASN A 126 3.32 18.28 20.49
N GLN A 127 3.30 16.95 20.62
CA GLN A 127 2.05 16.16 20.67
C GLN A 127 2.04 15.18 21.84
N LEU A 128 0.84 14.69 22.19
CA LEU A 128 0.61 13.68 23.23
C LEU A 128 0.23 12.35 22.58
N PHE A 129 1.04 11.32 22.81
CA PHE A 129 0.71 9.90 22.52
C PHE A 129 0.43 9.21 23.85
N PHE A 130 -0.60 8.38 23.87
CA PHE A 130 -1.01 7.64 25.07
C PHE A 130 -1.66 6.31 24.69
N ILE A 131 -1.48 5.32 25.56
CA ILE A 131 -2.12 3.98 25.52
C ILE A 131 -3.00 3.87 26.77
N HIS A 132 -4.24 3.42 26.62
CA HIS A 132 -5.22 3.18 27.72
C HIS A 132 -5.39 1.67 27.89
N VAL A 133 -4.99 1.15 29.05
CA VAL A 133 -5.28 -0.23 29.54
C VAL A 133 -6.42 -0.10 30.56
N ASP A 134 -7.61 -0.58 30.21
CA ASP A 134 -8.85 -0.54 31.06
C ASP A 134 -9.12 -1.92 31.67
N SER A 135 -9.42 -2.02 32.97
CA SER A 135 -10.13 -3.19 33.55
C SER A 135 -11.53 -3.18 32.96
N ILE A 136 -12.00 -4.28 32.37
CA ILE A 136 -13.43 -4.40 31.94
C ILE A 136 -14.29 -4.29 33.20
N PHE A 137 -13.88 -4.99 34.28
CA PHE A 137 -14.66 -5.15 35.54
C PHE A 137 -14.45 -3.94 36.45
N PRO A 138 -15.47 -3.56 37.26
CA PRO A 138 -15.40 -2.39 38.14
C PRO A 138 -14.29 -2.46 39.22
N GLN A 139 -14.21 -1.43 40.07
CA GLN A 139 -13.19 -1.28 41.14
C GLN A 139 -13.71 -1.87 42.46
N HIS A 140 -14.95 -2.41 42.46
CA HIS A 140 -15.51 -3.22 43.58
C HIS A 140 -14.87 -4.61 43.54
N LEU A 141 -14.50 -5.10 42.35
CA LEU A 141 -13.92 -6.45 42.09
C LEU A 141 -12.38 -6.38 41.96
N PHE A 142 -11.88 -5.53 41.05
CA PHE A 142 -10.44 -5.41 40.70
C PHE A 142 -10.01 -3.93 40.70
N ARG A 143 -8.90 -3.63 41.36
CA ARG A 143 -8.23 -2.32 41.33
C ARG A 143 -6.91 -2.46 40.55
N PHE A 144 -6.65 -1.57 39.59
CA PHE A 144 -5.33 -1.44 38.94
C PHE A 144 -4.45 -0.59 39.85
N GLN A 145 -3.27 -1.13 40.16
CA GLN A 145 -2.18 -0.40 40.86
C GLN A 145 -0.97 -0.39 39.93
N GLU A 146 -0.02 0.51 40.17
CA GLU A 146 1.15 0.69 39.27
C GLU A 146 2.24 -0.31 39.63
N MET A 147 2.45 -1.32 38.79
CA MET A 147 3.69 -2.14 38.83
C MET A 147 4.87 -1.16 38.74
N GLN A 148 5.76 -1.19 39.72
CA GLN A 148 6.87 -0.20 39.88
C GLN A 148 8.11 -0.71 39.13
N GLY A 149 8.98 0.21 38.72
CA GLY A 149 10.25 -0.07 38.03
C GLY A 149 10.06 -0.96 36.80
N PHE A 150 9.18 -0.56 35.90
CA PHE A 150 8.90 -1.26 34.61
C PHE A 150 8.29 -0.30 33.59
N SER A 151 7.03 0.13 33.81
CA SER A 151 6.24 1.01 32.90
C SER A 151 7.08 2.23 32.51
N GLY A 152 7.15 2.51 31.19
CA GLY A 152 7.93 3.62 30.60
C GLY A 152 8.20 3.40 29.12
N LEU A 153 9.25 4.03 28.59
CA LEU A 153 9.72 3.87 27.18
C LEU A 153 11.18 3.41 27.17
N GLY A 154 11.52 2.44 26.31
CA GLY A 154 12.88 1.88 26.14
C GLY A 154 13.83 2.88 25.53
N ASP A 155 15.08 2.51 25.27
CA ASP A 155 16.07 3.50 24.74
C ASP A 155 16.60 3.08 23.37
N GLN A 156 15.82 2.28 22.63
CA GLN A 156 16.02 2.01 21.19
C GLN A 156 14.66 1.96 20.50
N LEU A 157 14.01 3.12 20.42
CA LEU A 157 12.66 3.31 19.85
C LEU A 157 12.75 3.31 18.32
N GLY A 158 13.85 3.86 17.78
CA GLY A 158 14.19 3.90 16.34
C GLY A 158 13.35 4.91 15.57
N GLU A 159 12.78 5.91 16.27
CA GLU A 159 11.92 6.96 15.66
C GLU A 159 12.73 8.26 15.50
N GLU A 160 12.89 8.70 14.25
CA GLU A 160 13.93 9.70 13.90
C GLU A 160 13.31 11.10 13.80
N GLU A 161 12.06 11.22 13.36
CA GLU A 161 11.40 12.55 13.16
C GLU A 161 11.02 13.10 14.53
N TRP A 162 10.33 12.30 15.33
CA TRP A 162 9.94 12.73 16.68
C TRP A 162 11.10 12.46 17.62
N ILE A 163 11.06 13.14 18.77
CA ILE A 163 12.04 12.98 19.87
C ILE A 163 11.28 13.25 21.17
N VAL A 164 11.27 12.25 22.05
CA VAL A 164 10.29 12.12 23.17
C VAL A 164 10.76 13.02 24.30
N THR A 165 9.98 14.04 24.69
CA THR A 165 10.33 14.96 25.81
C THR A 165 10.27 14.18 27.13
N GLU A 166 9.11 13.58 27.47
CA GLU A 166 8.85 13.01 28.82
C GLU A 166 7.78 11.91 28.77
N VAL A 167 7.80 10.97 29.73
CA VAL A 167 6.78 9.89 29.89
C VAL A 167 6.13 10.03 31.28
N ASN A 168 4.84 9.77 31.39
CA ASN A 168 4.05 9.77 32.65
C ASN A 168 3.27 8.45 32.72
N THR A 169 3.20 7.82 33.89
CA THR A 169 2.28 6.69 34.16
C THR A 169 1.35 7.13 35.30
N HIS A 170 0.08 6.80 35.21
CA HIS A 170 -0.90 7.16 36.26
C HIS A 170 -2.17 6.33 36.07
N LEU A 171 -3.02 6.29 37.09
CA LEU A 171 -4.27 5.51 37.09
C LEU A 171 -5.45 6.49 37.00
N THR A 172 -6.62 5.98 36.64
CA THR A 172 -7.89 6.72 36.65
C THR A 172 -9.03 5.72 36.40
N THR A 173 -10.23 6.21 36.17
CA THR A 173 -11.43 5.35 36.00
C THR A 173 -12.03 5.55 34.61
N HIS A 174 -12.97 4.67 34.25
CA HIS A 174 -13.82 4.76 33.05
C HIS A 174 -15.21 4.20 33.39
N ASN A 175 -16.14 4.18 32.44
CA ASN A 175 -17.48 3.58 32.63
C ASN A 175 -17.96 3.02 31.30
N GLU A 176 -17.07 2.28 30.61
CA GLU A 176 -17.21 1.87 29.19
C GLU A 176 -18.41 0.91 29.02
N PHE A 177 -18.41 -0.21 29.76
CA PHE A 177 -19.39 -1.33 29.62
C PHE A 177 -20.21 -1.42 30.90
N THR A 178 -19.51 -1.33 32.05
CA THR A 178 -20.05 -1.11 33.42
C THR A 178 -20.59 0.32 33.52
N LYS A 179 -21.48 0.53 34.49
CA LYS A 179 -21.83 1.89 34.97
C LYS A 179 -21.24 2.07 36.38
N GLY A 180 -20.68 0.99 36.93
CA GLY A 180 -19.72 1.06 38.05
C GLY A 180 -18.38 1.58 37.56
N ASP A 181 -17.72 2.44 38.36
CA ASP A 181 -16.34 2.93 38.11
C ASP A 181 -15.41 1.73 37.90
N ALA A 182 -14.51 1.83 36.91
CA ALA A 182 -13.51 0.81 36.53
C ALA A 182 -12.12 1.44 36.40
N SER A 183 -11.07 0.67 36.64
CA SER A 183 -9.65 1.10 36.57
C SER A 183 -9.26 1.37 35.11
N ARG A 184 -8.40 2.37 34.87
CA ARG A 184 -7.70 2.62 33.58
C ARG A 184 -6.25 3.03 33.86
N PHE A 185 -5.29 2.11 33.65
CA PHE A 185 -3.84 2.42 33.66
C PHE A 185 -3.50 3.14 32.36
N VAL A 186 -2.78 4.25 32.45
CA VAL A 186 -2.44 5.13 31.29
C VAL A 186 -0.92 5.30 31.22
N LEU A 187 -0.35 5.05 30.04
CA LEU A 187 1.03 5.43 29.66
C LEU A 187 0.94 6.56 28.61
N GLU A 188 1.19 7.80 29.04
CA GLU A 188 1.30 9.03 28.21
C GLU A 188 2.76 9.29 27.87
N PHE A 189 3.05 9.80 26.67
CA PHE A 189 4.36 10.42 26.34
C PHE A 189 4.11 11.57 25.37
N HIS A 190 4.84 12.67 25.58
CA HIS A 190 4.98 13.77 24.60
C HIS A 190 6.25 13.53 23.79
N ALA A 191 6.18 13.78 22.49
CA ALA A 191 7.35 13.96 21.62
C ALA A 191 7.18 15.28 20.88
N GLU A 192 8.30 15.82 20.39
CA GLU A 192 8.30 16.98 19.48
C GLU A 192 9.16 16.64 18.27
N ARG A 193 8.98 17.43 17.22
CA ARG A 193 9.32 17.11 15.82
C ARG A 193 10.71 17.68 15.50
N HIS A 194 11.64 16.85 15.01
CA HIS A 194 12.94 17.27 14.41
C HIS A 194 12.66 18.00 13.09
N LEU A 195 12.87 19.31 13.07
CA LEU A 195 12.41 20.21 11.97
C LEU A 195 13.39 20.19 10.79
N ASN A 196 14.53 19.51 10.94
CA ASN A 196 15.53 19.37 9.84
C ASN A 196 14.77 19.13 8.55
N TYR A 197 14.04 18.01 8.47
CA TYR A 197 13.29 17.63 7.24
C TYR A 197 12.65 18.89 6.64
N TYR A 198 11.81 19.60 7.42
CA TYR A 198 11.01 20.75 6.96
C TYR A 198 11.94 21.87 6.48
N LEU A 199 12.92 22.26 7.30
CA LEU A 199 13.94 23.23 6.85
C LEU A 199 14.42 22.81 5.46
N MET A 200 14.92 21.58 5.38
CA MET A 200 15.76 21.09 4.26
C MET A 200 14.95 21.00 2.97
N ARG A 201 13.70 20.53 3.06
CA ARG A 201 12.89 20.16 1.88
C ARG A 201 11.89 21.25 1.55
N ILE A 202 11.38 22.00 2.55
CA ILE A 202 10.29 23.02 2.36
C ILE A 202 10.87 24.43 2.51
N LEU A 203 11.27 24.82 3.73
CA LEU A 203 11.68 26.22 4.00
C LEU A 203 12.82 26.64 3.06
N ILE A 204 13.96 25.93 3.07
CA ILE A 204 15.16 26.35 2.28
C ILE A 204 14.76 26.57 0.82
N PRO A 205 14.18 25.58 0.10
CA PRO A 205 13.76 25.77 -1.27
C PRO A 205 12.95 27.07 -1.45
N VAL A 206 11.81 27.17 -0.77
CA VAL A 206 10.90 28.32 -0.86
C VAL A 206 11.69 29.63 -0.73
N LEU A 207 12.61 29.72 0.23
CA LEU A 207 13.43 30.95 0.42
C LEU A 207 14.32 31.13 -0.81
N LEU A 208 15.00 30.07 -1.25
CA LEU A 208 15.79 30.12 -2.51
C LEU A 208 14.91 30.70 -3.61
N ILE A 209 13.79 30.03 -3.92
CA ILE A 209 12.88 30.48 -5.01
C ILE A 209 12.61 31.98 -4.84
N ILE A 210 12.24 32.41 -3.64
CA ILE A 210 11.84 33.83 -3.35
C ILE A 210 13.04 34.77 -3.57
N THR A 211 14.21 34.39 -3.07
CA THR A 211 15.42 35.24 -3.10
C THR A 211 15.98 35.35 -4.51
N VAL A 212 16.23 34.21 -5.14
CA VAL A 212 16.72 34.16 -6.55
C VAL A 212 15.71 34.96 -7.39
N SER A 213 14.42 34.66 -7.26
CA SER A 213 13.33 35.38 -7.95
C SER A 213 13.62 36.88 -7.85
N TRP A 214 13.84 37.37 -6.64
CA TRP A 214 14.08 38.81 -6.37
C TRP A 214 15.31 39.32 -7.15
N PHE A 215 16.38 38.53 -7.26
CA PHE A 215 17.62 38.96 -7.96
C PHE A 215 17.26 39.45 -9.37
N THR A 216 16.36 38.73 -10.06
CA THR A 216 15.99 39.01 -11.48
C THR A 216 15.26 40.36 -11.58
N PHE A 217 14.99 41.02 -10.45
CA PHE A 217 14.35 42.36 -10.46
C PHE A 217 15.37 43.36 -10.97
N PHE A 218 16.64 43.19 -10.59
CA PHE A 218 17.74 44.10 -10.99
C PHE A 218 17.96 44.08 -12.51
N LEU A 219 17.27 43.18 -13.23
CA LEU A 219 17.27 43.16 -14.71
C LEU A 219 16.35 44.27 -15.24
N GLN A 220 15.39 44.70 -14.43
CA GLN A 220 14.44 45.81 -14.73
C GLN A 220 13.57 45.42 -15.93
N ASP A 221 13.23 44.13 -16.07
CA ASP A 221 12.27 43.64 -17.10
C ASP A 221 10.98 43.18 -16.40
N TYR A 222 9.92 43.98 -16.47
CA TYR A 222 8.64 43.82 -15.72
C TYR A 222 7.87 42.64 -16.30
N THR A 223 7.85 42.49 -17.63
CA THR A 223 7.40 41.24 -18.29
C THR A 223 8.07 40.07 -17.58
N LYS A 224 9.39 40.02 -17.57
CA LYS A 224 10.16 38.87 -17.03
C LYS A 224 9.93 38.72 -15.51
N ARG A 225 9.50 39.77 -14.80
CA ARG A 225 9.15 39.64 -13.36
C ARG A 225 7.79 38.95 -13.25
N ILE A 226 6.84 39.34 -14.10
CA ILE A 226 5.43 38.83 -14.09
C ILE A 226 5.42 37.35 -14.46
N ASP A 227 6.18 37.00 -15.50
CA ASP A 227 6.30 35.60 -15.97
C ASP A 227 6.86 34.80 -14.80
N LEU A 228 7.77 35.41 -14.05
CA LEU A 228 8.55 34.75 -12.97
C LEU A 228 7.62 34.50 -11.79
N ALA A 229 7.00 35.57 -11.30
CA ALA A 229 6.09 35.53 -10.13
C ALA A 229 4.93 34.56 -10.41
N GLY A 230 4.40 34.56 -11.64
CA GLY A 230 3.35 33.63 -12.07
C GLY A 230 3.76 32.17 -11.93
N GLY A 231 5.03 31.88 -12.25
CA GLY A 231 5.64 30.54 -12.17
C GLY A 231 5.84 30.13 -10.73
N ASN A 232 6.33 31.06 -9.90
CA ASN A 232 6.45 30.87 -8.43
C ASN A 232 5.09 30.41 -7.89
N LEU A 233 4.00 31.09 -8.28
CA LEU A 233 2.63 30.77 -7.79
C LEU A 233 2.41 29.26 -7.91
N LEU A 234 2.54 28.69 -9.12
CA LEU A 234 2.33 27.24 -9.37
C LEU A 234 3.28 26.47 -8.46
N LEU A 235 4.54 26.90 -8.40
CA LEU A 235 5.54 26.27 -7.50
C LEU A 235 4.94 26.14 -6.11
N PHE A 236 4.50 27.23 -5.51
CA PHE A 236 3.93 27.24 -4.14
C PHE A 236 2.68 26.34 -4.10
N ILE A 237 1.82 26.47 -5.10
CA ILE A 237 0.60 25.62 -5.23
C ILE A 237 1.02 24.15 -5.22
N ALA A 238 2.19 23.82 -5.77
CA ALA A 238 2.74 22.46 -5.65
C ALA A 238 3.06 22.22 -4.18
N PHE A 239 3.89 23.06 -3.57
CA PHE A 239 4.32 22.90 -2.15
C PHE A 239 3.07 22.71 -1.29
N ASN A 240 1.98 23.40 -1.67
CA ASN A 240 0.63 23.31 -1.06
C ASN A 240 0.15 21.85 -1.06
N PHE A 241 0.40 21.09 -2.14
CA PHE A 241 0.00 19.67 -2.26
C PHE A 241 1.03 18.77 -1.59
N THR A 242 2.33 19.08 -1.67
CA THR A 242 3.36 18.31 -0.92
C THR A 242 2.90 18.27 0.54
N ILE A 243 2.68 19.44 1.12
CA ILE A 243 2.44 19.58 2.58
C ILE A 243 1.06 19.02 2.92
N SER A 244 0.04 19.32 2.14
CA SER A 244 -1.34 18.86 2.41
C SER A 244 -1.35 17.35 2.69
N SER A 245 -0.57 16.58 1.93
CA SER A 245 -0.62 15.09 1.95
C SER A 245 0.19 14.51 3.12
N ASP A 246 0.99 15.26 3.87
CA ASP A 246 1.59 14.79 5.15
C ASP A 246 0.48 14.66 6.21
N LEU A 247 -0.55 15.50 6.08
CA LEU A 247 -1.56 15.79 7.11
C LEU A 247 -2.92 15.23 6.68
N PRO A 248 -3.87 15.16 7.64
CA PRO A 248 -5.26 14.84 7.33
C PRO A 248 -5.95 15.99 6.59
N ARG A 249 -7.21 15.78 6.24
CA ARG A 249 -8.04 16.83 5.59
C ARG A 249 -8.68 17.64 6.70
N LEU A 250 -7.82 18.25 7.51
CA LEU A 250 -8.19 19.03 8.71
C LEU A 250 -9.24 20.08 8.32
N GLY A 251 -10.19 20.34 9.22
CA GLY A 251 -11.11 21.47 9.13
C GLY A 251 -10.49 22.74 9.71
N TYR A 252 -9.32 22.61 10.36
CA TYR A 252 -8.63 23.74 11.00
C TYR A 252 -7.37 24.08 10.21
N ILE A 253 -6.90 25.32 10.39
CA ILE A 253 -5.87 25.97 9.53
C ILE A 253 -4.53 25.90 10.25
N THR A 254 -3.60 25.14 9.68
CA THR A 254 -2.19 24.96 10.12
C THR A 254 -1.47 26.31 10.10
N LEU A 255 -0.31 26.40 10.77
CA LEU A 255 0.67 27.50 10.60
C LEU A 255 1.27 27.40 9.20
N MET A 256 1.68 26.19 8.82
CA MET A 256 2.10 25.87 7.44
C MET A 256 1.07 26.49 6.47
N ASP A 257 -0.22 26.19 6.64
CA ASP A 257 -1.28 26.68 5.73
C ASP A 257 -1.17 28.19 5.55
N ALA A 258 -0.97 28.93 6.65
CA ALA A 258 -0.82 30.40 6.61
C ALA A 258 0.38 30.74 5.73
N PHE A 259 1.56 30.24 6.09
CA PHE A 259 2.86 30.51 5.42
C PHE A 259 2.70 30.45 3.89
N LEU A 260 2.07 29.37 3.42
CA LEU A 260 1.80 29.14 1.98
C LEU A 260 0.85 30.23 1.48
N VAL A 261 -0.38 30.30 2.02
CA VAL A 261 -1.36 31.32 1.56
C VAL A 261 -0.70 32.70 1.65
N GLY A 262 0.20 32.89 2.62
CA GLY A 262 1.07 34.07 2.71
C GLY A 262 1.76 34.32 1.38
N THR A 263 2.56 33.36 0.95
CA THR A 263 3.36 33.47 -0.31
C THR A 263 2.40 33.74 -1.46
N PHE A 264 1.30 32.98 -1.54
CA PHE A 264 0.25 33.11 -2.60
C PHE A 264 -0.13 34.57 -2.76
N ILE A 265 -0.56 35.19 -1.65
CA ILE A 265 -1.05 36.60 -1.58
C ILE A 265 0.06 37.49 -2.15
N ILE A 266 1.25 37.45 -1.54
CA ILE A 266 2.39 38.32 -1.97
C ILE A 266 2.59 38.16 -3.47
N THR A 267 2.87 36.93 -3.89
CA THR A 267 3.20 36.56 -5.29
C THR A 267 2.14 37.19 -6.21
N ALA A 268 0.86 36.99 -5.93
CA ALA A 268 -0.25 37.55 -6.75
C ALA A 268 -0.11 39.07 -6.87
N LEU A 269 0.28 39.73 -5.78
CA LEU A 269 0.38 41.21 -5.72
C LEU A 269 1.70 41.64 -6.35
N VAL A 270 2.73 40.79 -6.32
CA VAL A 270 3.99 41.02 -7.10
C VAL A 270 3.59 41.10 -8.58
N VAL A 271 2.77 40.15 -9.04
CA VAL A 271 2.26 40.13 -10.44
C VAL A 271 1.57 41.47 -10.65
N LEU A 272 0.53 41.73 -9.87
CA LEU A 272 -0.35 42.91 -10.01
C LEU A 272 0.47 44.20 -10.07
N GLY A 273 1.45 44.36 -9.17
CA GLY A 273 2.33 45.53 -9.10
C GLY A 273 3.16 45.70 -10.36
N ASN A 274 3.83 44.63 -10.78
CA ASN A 274 4.71 44.65 -11.97
C ASN A 274 3.86 44.79 -13.24
N VAL A 275 2.61 44.32 -13.22
CA VAL A 275 1.65 44.55 -14.34
C VAL A 275 1.51 46.06 -14.52
N TRP A 276 1.41 46.77 -13.40
CA TRP A 276 1.11 48.21 -13.39
C TRP A 276 2.37 49.02 -13.72
N LEU A 277 3.54 48.61 -13.23
CA LEU A 277 4.85 49.16 -13.68
C LEU A 277 4.98 49.01 -15.20
N ARG A 278 4.58 47.86 -15.74
CA ARG A 278 4.71 47.51 -17.18
C ARG A 278 3.66 48.28 -17.97
N ARG A 279 2.49 48.49 -17.38
CA ARG A 279 1.42 49.36 -17.92
C ARG A 279 1.99 50.75 -18.21
N LEU A 280 2.89 51.27 -17.36
CA LEU A 280 3.43 52.66 -17.47
C LEU A 280 4.44 52.77 -18.63
N GLU A 281 5.24 51.72 -18.87
CA GLU A 281 6.14 51.61 -20.05
C GLU A 281 5.29 51.61 -21.33
N ASN A 282 4.18 50.86 -21.32
CA ASN A 282 3.20 50.76 -22.43
C ASN A 282 2.56 52.12 -22.75
N HIS A 283 2.58 53.07 -21.81
CA HIS A 283 1.84 54.36 -21.88
C HIS A 283 2.82 55.54 -21.97
N GLY A 284 4.08 55.28 -22.29
CA GLY A 284 5.11 56.30 -22.57
C GLY A 284 5.60 56.95 -21.30
N LYS A 285 5.45 56.27 -20.17
CA LYS A 285 5.91 56.75 -18.85
C LYS A 285 6.95 55.75 -18.34
N GLN A 286 7.85 55.33 -19.24
CA GLN A 286 8.96 54.38 -18.97
C GLN A 286 9.80 54.88 -17.78
N ALA A 287 10.17 56.18 -17.77
CA ALA A 287 11.12 56.82 -16.82
C ALA A 287 10.48 56.98 -15.43
N LEU A 288 9.15 57.02 -15.38
CA LEU A 288 8.38 57.05 -14.12
C LEU A 288 8.38 55.65 -13.51
N ALA A 289 7.95 54.64 -14.27
CA ALA A 289 8.00 53.22 -13.89
C ALA A 289 9.38 52.93 -13.29
N ARG A 290 10.43 53.46 -13.93
CA ARG A 290 11.85 53.35 -13.46
C ARG A 290 12.02 54.04 -12.11
N LYS A 291 11.38 55.20 -11.91
CA LYS A 291 11.37 55.89 -10.60
C LYS A 291 10.70 54.95 -9.59
N LEU A 292 9.46 54.56 -9.85
CA LEU A 292 8.66 53.73 -8.90
C LEU A 292 9.38 52.42 -8.61
N ASP A 293 10.22 51.95 -9.54
CA ASP A 293 10.84 50.61 -9.54
C ASP A 293 11.41 50.33 -8.15
N ILE A 294 12.10 51.32 -7.54
CA ILE A 294 12.85 51.06 -6.27
C ILE A 294 11.88 50.55 -5.21
N TYR A 295 10.63 51.03 -5.19
CA TYR A 295 9.54 50.48 -4.33
C TYR A 295 9.39 48.99 -4.64
N ALA A 296 9.00 48.69 -5.88
CA ALA A 296 8.80 47.32 -6.39
C ALA A 296 9.96 46.43 -5.92
N ILE A 297 11.19 46.91 -6.00
CA ILE A 297 12.42 46.12 -5.69
C ILE A 297 12.57 45.92 -4.17
N THR A 298 12.08 46.84 -3.34
CA THR A 298 12.22 46.76 -1.86
C THR A 298 10.83 46.65 -1.21
N SER A 299 9.80 46.26 -1.97
CA SER A 299 8.52 45.75 -1.43
C SER A 299 8.60 44.23 -1.35
N TYR A 300 9.42 43.62 -2.20
CA TYR A 300 9.58 42.14 -2.26
C TYR A 300 10.09 41.69 -0.89
N PRO A 301 11.28 42.14 -0.44
CA PRO A 301 11.88 41.62 0.79
C PRO A 301 11.08 41.99 2.05
N LEU A 302 10.39 43.14 2.00
CA LEU A 302 9.61 43.70 3.13
C LEU A 302 8.24 43.04 3.21
N ALA A 303 7.56 42.82 2.09
CA ALA A 303 6.26 42.08 2.03
C ALA A 303 6.44 40.68 2.61
N TYR A 304 7.57 40.02 2.34
CA TYR A 304 7.90 38.65 2.80
C TYR A 304 8.54 38.70 4.20
N LEU A 305 8.86 39.87 4.76
CA LEU A 305 9.41 40.00 6.14
C LEU A 305 8.36 40.61 7.07
N LEU A 306 7.54 41.55 6.58
CA LEU A 306 6.19 41.86 7.13
C LEU A 306 5.44 40.55 7.34
N GLY A 307 5.59 39.57 6.42
CA GLY A 307 4.99 38.23 6.50
C GLY A 307 5.54 37.42 7.66
N ALA A 308 6.87 37.45 7.87
CA ALA A 308 7.61 36.68 8.90
C ALA A 308 7.17 37.07 10.32
N LEU A 309 6.51 38.22 10.49
CA LEU A 309 6.02 38.73 11.81
C LEU A 309 4.49 38.80 11.82
N THR A 310 3.80 38.74 10.67
CA THR A 310 2.34 38.50 10.61
C THR A 310 2.05 37.13 11.22
N LEU A 311 2.91 36.14 10.94
CA LEU A 311 2.76 34.74 11.40
C LEU A 311 3.36 34.59 12.79
N TRP A 312 4.64 34.96 12.95
CA TRP A 312 5.44 34.73 14.18
C TRP A 312 4.77 35.46 15.36
N LEU A 313 3.91 36.43 15.08
CA LEU A 313 3.01 37.03 16.11
C LEU A 313 1.71 36.24 16.18
N LEU A 314 0.90 36.24 15.11
CA LEU A 314 -0.43 35.57 15.04
C LEU A 314 -0.36 34.14 15.63
N PHE A 315 0.72 33.39 15.39
CA PHE A 315 0.86 31.95 15.76
C PHE A 315 1.97 31.73 16.79
N PHE A 316 2.47 32.79 17.44
CA PHE A 316 3.35 32.75 18.64
C PHE A 316 3.11 34.05 19.44
N GLU B 7 21.48 -25.01 39.51
CA GLU B 7 22.26 -25.26 38.26
C GLU B 7 21.40 -24.87 37.05
N PRO B 8 21.77 -23.82 36.28
CA PRO B 8 21.03 -23.46 35.07
C PRO B 8 21.23 -24.46 33.92
N SER B 9 20.13 -25.00 33.38
CA SER B 9 20.15 -25.92 32.21
C SER B 9 20.36 -25.09 30.93
N ASP B 10 21.20 -25.59 30.04
CA ASP B 10 21.73 -24.86 28.87
C ASP B 10 20.78 -25.04 27.68
N VAL B 11 20.67 -24.00 26.86
CA VAL B 11 19.78 -23.93 25.66
C VAL B 11 20.64 -23.46 24.49
N PHE B 12 20.60 -24.19 23.38
CA PHE B 12 21.56 -24.08 22.25
C PHE B 12 20.87 -23.43 21.05
N ILE B 13 21.09 -22.12 20.91
CA ILE B 13 20.31 -21.18 20.06
C ILE B 13 21.01 -21.01 18.71
N GLY B 14 20.40 -21.57 17.67
CA GLY B 14 20.79 -21.37 16.26
C GLY B 14 19.78 -20.49 15.54
N LEU B 15 20.23 -19.47 14.81
CA LEU B 15 19.37 -18.63 13.97
C LEU B 15 20.05 -18.38 12.63
N LYS B 16 19.51 -18.98 11.56
CA LYS B 16 19.98 -18.82 10.15
C LYS B 16 18.97 -17.92 9.41
N ILE B 17 19.44 -17.13 8.44
CA ILE B 17 18.60 -16.20 7.65
C ILE B 17 18.67 -16.67 6.19
N ASP B 18 17.60 -17.33 5.73
CA ASP B 18 17.53 -17.93 4.37
C ASP B 18 17.36 -16.78 3.36
N GLN B 19 16.55 -15.78 3.68
CA GLN B 19 16.24 -14.63 2.78
C GLN B 19 16.30 -13.30 3.54
N ILE B 20 16.76 -12.25 2.84
CA ILE B 20 16.38 -10.84 3.12
C ILE B 20 15.29 -10.47 2.11
N THR B 21 14.03 -10.47 2.57
CA THR B 21 12.83 -10.15 1.76
C THR B 21 12.93 -8.69 1.35
N GLY B 22 13.37 -7.82 2.28
CA GLY B 22 13.78 -6.45 1.96
C GLY B 22 14.19 -5.65 3.17
N ILE B 23 15.02 -4.62 2.95
CA ILE B 23 15.42 -3.61 3.96
C ILE B 23 14.68 -2.31 3.65
N ASN B 24 13.63 -1.99 4.39
CA ASN B 24 12.87 -0.72 4.25
C ASN B 24 13.61 0.36 5.04
N GLN B 25 14.42 1.19 4.37
CA GLN B 25 15.30 2.14 5.09
C GLN B 25 14.50 3.36 5.54
N LYS B 26 13.33 3.62 4.96
CA LYS B 26 12.47 4.77 5.34
C LYS B 26 11.83 4.52 6.71
N GLU B 27 11.47 3.26 7.01
CA GLU B 27 10.83 2.88 8.30
C GLU B 27 11.88 2.31 9.25
N GLU B 28 13.14 2.19 8.80
CA GLU B 28 14.28 1.74 9.63
C GLU B 28 13.99 0.35 10.19
N ASN B 29 13.66 -0.59 9.31
CA ASN B 29 13.54 -2.04 9.62
C ASN B 29 14.05 -2.83 8.43
N PHE B 30 14.16 -4.14 8.60
CA PHE B 30 14.47 -5.11 7.52
C PHE B 30 13.58 -6.32 7.77
N SER B 31 13.42 -7.15 6.75
CA SER B 31 12.57 -8.36 6.79
C SER B 31 13.36 -9.54 6.25
N VAL B 32 13.14 -10.70 6.88
CA VAL B 32 13.91 -11.96 6.68
C VAL B 32 12.97 -13.15 6.78
N VAL B 33 13.16 -14.11 5.88
CA VAL B 33 12.83 -15.54 6.09
C VAL B 33 13.96 -16.11 6.93
N GLY B 34 13.65 -16.78 8.04
CA GLY B 34 14.64 -17.33 8.98
C GLY B 34 14.18 -18.63 9.62
N SER B 35 15.15 -19.51 9.96
CA SER B 35 14.99 -20.74 10.77
C SER B 35 15.64 -20.51 12.15
N LEU B 36 14.93 -20.78 13.24
CA LEU B 36 15.50 -20.81 14.61
C LEU B 36 15.61 -22.28 15.03
N ARG B 37 16.73 -22.65 15.65
CA ARG B 37 17.02 -24.03 16.11
C ARG B 37 17.51 -23.98 17.56
N ILE B 38 16.94 -24.85 18.39
CA ILE B 38 17.15 -24.91 19.86
C ILE B 38 17.37 -26.37 20.23
N ASP B 39 18.55 -26.69 20.76
CA ASP B 39 18.79 -27.94 21.53
C ASP B 39 18.68 -27.60 23.02
N TRP B 40 17.82 -28.30 23.75
CA TRP B 40 17.62 -28.13 25.21
C TRP B 40 17.27 -29.50 25.82
N ARG B 41 18.17 -30.05 26.63
CA ARG B 41 18.00 -31.33 27.34
C ARG B 41 17.22 -31.09 28.63
N GLN B 42 16.05 -31.71 28.71
CA GLN B 42 15.25 -31.87 29.94
C GLN B 42 15.28 -33.35 30.31
N PRO B 43 16.03 -33.76 31.34
CA PRO B 43 16.01 -35.16 31.78
C PRO B 43 14.56 -35.61 31.99
N LEU B 44 13.72 -34.77 32.62
CA LEU B 44 12.33 -35.13 33.02
C LEU B 44 11.47 -35.56 31.81
N LEU B 45 11.85 -35.13 30.60
CA LEU B 45 11.11 -35.47 29.36
C LEU B 45 11.62 -36.81 28.80
N ALA B 46 12.74 -37.32 29.33
CA ALA B 46 13.31 -38.64 28.98
C ALA B 46 12.21 -39.69 29.09
N PHE B 47 12.29 -40.70 28.21
CA PHE B 47 11.32 -41.82 28.12
C PHE B 47 12.12 -43.08 27.74
N GLU B 48 11.47 -44.23 27.86
CA GLU B 48 12.02 -45.57 27.54
C GLU B 48 10.99 -46.27 26.68
N HIS B 49 11.44 -47.04 25.68
CA HIS B 49 10.60 -47.68 24.63
C HIS B 49 10.91 -49.18 24.53
N ALA B 50 9.90 -50.02 24.28
CA ALA B 50 10.09 -51.42 23.84
C ALA B 50 10.66 -51.44 22.43
N PRO B 51 11.30 -52.54 21.99
CA PRO B 51 11.80 -52.63 20.61
C PRO B 51 10.59 -52.51 19.66
N GLY B 52 10.50 -51.45 18.88
CA GLY B 52 9.32 -51.18 18.03
C GLY B 52 9.02 -49.71 17.99
N GLU B 53 8.84 -49.08 19.14
CA GLU B 53 8.49 -47.63 19.24
C GLU B 53 9.74 -46.82 19.00
N PRO B 54 9.71 -45.82 18.08
CA PRO B 54 10.92 -45.05 17.77
C PRO B 54 11.51 -44.39 19.03
N LYS B 55 12.80 -44.11 19.02
CA LYS B 55 13.54 -43.51 20.14
C LYS B 55 13.55 -41.97 20.05
N HIS B 56 12.91 -41.44 19.01
CA HIS B 56 12.76 -39.99 18.77
C HIS B 56 11.28 -39.66 18.53
N ARG B 57 10.66 -38.90 19.42
CA ARG B 57 9.24 -38.45 19.32
C ARG B 57 9.16 -37.12 18.56
N THR B 58 8.16 -37.00 17.67
CA THR B 58 7.93 -35.80 16.82
C THR B 58 6.60 -35.16 17.21
N TYR B 59 6.64 -33.87 17.58
CA TYR B 59 5.55 -33.12 18.26
C TYR B 59 5.29 -31.77 17.58
N THR B 60 4.02 -31.48 17.29
CA THR B 60 3.50 -30.09 17.09
C THR B 60 3.88 -29.32 18.35
N LEU B 61 4.42 -28.11 18.22
CA LEU B 61 4.68 -27.24 19.41
C LEU B 61 3.40 -27.20 20.25
N ALA B 62 2.24 -27.15 19.59
CA ALA B 62 0.90 -27.10 20.21
C ALA B 62 0.82 -28.13 21.33
N THR B 63 1.08 -29.42 21.05
CA THR B 63 0.94 -30.53 22.03
C THR B 63 2.23 -30.69 22.86
N PHE B 64 3.39 -30.30 22.34
CA PHE B 64 4.65 -30.36 23.11
C PHE B 64 4.53 -29.48 24.35
N LEU B 65 3.92 -28.30 24.23
CA LEU B 65 3.73 -27.38 25.37
C LEU B 65 2.61 -27.90 26.28
N LYS B 66 1.56 -28.48 25.71
CA LYS B 66 0.43 -29.08 26.49
C LYS B 66 1.01 -30.24 27.30
N LEU B 67 2.08 -30.87 26.81
CA LEU B 67 2.85 -31.95 27.51
C LEU B 67 3.63 -31.35 28.68
N LEU B 68 4.45 -30.32 28.42
CA LEU B 68 5.24 -29.62 29.46
C LEU B 68 4.29 -29.09 30.56
N GLU B 69 3.08 -28.71 30.20
CA GLU B 69 2.06 -28.16 31.13
C GLU B 69 1.49 -29.28 32.02
N GLU B 70 1.29 -30.50 31.47
CA GLU B 70 0.91 -31.69 32.27
C GLU B 70 2.02 -31.94 33.30
N LYS B 71 3.26 -32.06 32.84
CA LYS B 71 4.44 -32.39 33.69
C LYS B 71 4.87 -31.15 34.50
N GLN B 72 4.19 -30.01 34.35
CA GLN B 72 4.58 -28.72 34.99
C GLN B 72 6.10 -28.55 34.87
N ILE B 73 6.66 -28.77 33.67
CA ILE B 73 8.10 -28.48 33.35
C ILE B 73 8.14 -27.08 32.72
N ARG B 74 9.18 -26.31 33.08
CA ARG B 74 9.44 -24.97 32.54
C ARG B 74 10.16 -25.10 31.20
N TRP B 75 9.60 -24.49 30.16
CA TRP B 75 10.24 -24.32 28.82
C TRP B 75 11.06 -23.03 28.86
N PRO B 76 12.20 -22.96 28.15
CA PRO B 76 13.08 -21.79 28.23
C PRO B 76 12.52 -20.65 27.36
N ALA B 77 11.38 -20.10 27.76
CA ALA B 77 10.57 -19.18 26.93
C ALA B 77 11.44 -18.01 26.49
N PHE B 78 11.36 -17.68 25.20
CA PHE B 78 12.16 -16.61 24.57
C PHE B 78 11.23 -15.67 23.81
N THR B 79 11.70 -14.43 23.59
CA THR B 79 11.10 -13.42 22.67
C THR B 79 12.17 -12.99 21.66
N TYR B 80 11.76 -12.61 20.45
CA TYR B 80 12.57 -11.81 19.52
C TYR B 80 12.38 -10.33 19.87
N HIS B 81 13.37 -9.72 20.54
CA HIS B 81 13.22 -8.41 21.21
C HIS B 81 12.99 -7.26 20.20
N ASN B 82 13.58 -7.37 19.02
CA ASN B 82 13.51 -6.33 17.97
C ASN B 82 12.59 -6.77 16.83
N GLN B 83 11.67 -7.72 17.09
CA GLN B 83 10.57 -8.11 16.16
C GLN B 83 9.64 -6.91 15.99
N GLN B 84 9.17 -6.66 14.77
CA GLN B 84 8.06 -5.74 14.48
C GLN B 84 6.92 -6.51 13.81
N GLY B 85 5.69 -6.27 14.26
CA GLY B 85 4.46 -6.84 13.68
C GLY B 85 4.43 -8.35 13.83
N ARG B 86 3.76 -9.03 12.91
CA ARG B 86 3.50 -10.50 12.99
C ARG B 86 4.69 -11.23 12.37
N MET B 87 4.89 -12.46 12.83
CA MET B 87 5.93 -13.42 12.39
C MET B 87 5.18 -14.62 11.80
N ASP B 88 5.05 -14.66 10.48
CA ASP B 88 4.28 -15.70 9.76
C ASP B 88 5.13 -16.97 9.78
N PHE B 89 4.88 -17.85 10.75
CA PHE B 89 5.63 -19.12 10.95
C PHE B 89 5.28 -20.12 9.84
N GLN B 90 6.26 -20.87 9.35
CA GLN B 90 6.01 -22.07 8.49
C GLN B 90 6.10 -23.35 9.32
N ASN B 91 7.16 -23.51 10.13
CA ASN B 91 7.39 -24.74 10.94
C ASN B 91 7.65 -24.37 12.39
N ARG B 92 7.07 -25.15 13.30
CA ARG B 92 7.25 -25.05 14.77
C ARG B 92 7.21 -26.49 15.30
N LEU B 93 8.35 -27.18 15.22
CA LEU B 93 8.42 -28.67 15.24
C LEU B 93 9.46 -29.12 16.30
N ILE B 94 9.03 -29.98 17.23
CA ILE B 94 9.86 -30.53 18.34
C ILE B 94 10.26 -31.97 18.00
N SER B 95 11.53 -32.32 18.20
CA SER B 95 12.01 -33.72 18.27
C SER B 95 12.71 -33.94 19.61
N LEU B 96 12.38 -35.08 20.24
CA LEU B 96 12.67 -35.40 21.66
C LEU B 96 13.27 -36.82 21.71
N SER B 97 14.55 -36.95 22.07
CA SER B 97 15.28 -38.24 22.17
C SER B 97 14.95 -38.92 23.49
N GLU B 98 15.27 -40.22 23.64
CA GLU B 98 15.10 -40.97 24.91
C GLU B 98 15.64 -40.12 26.06
N ASP B 99 16.81 -39.54 25.84
CA ASP B 99 17.59 -38.72 26.79
C ASP B 99 16.74 -37.55 27.30
N GLY B 100 15.80 -37.04 26.51
CA GLY B 100 14.97 -35.88 26.85
C GLY B 100 15.59 -34.61 26.29
N THR B 101 16.39 -34.73 25.23
CA THR B 101 16.96 -33.61 24.46
C THR B 101 15.87 -33.09 23.52
N VAL B 102 15.29 -31.94 23.85
CA VAL B 102 14.29 -31.21 23.01
C VAL B 102 15.06 -30.61 21.86
N MET B 103 14.54 -30.76 20.63
CA MET B 103 15.09 -30.17 19.38
C MET B 103 13.99 -29.39 18.67
N TYR B 104 13.84 -28.10 19.01
CA TYR B 104 12.82 -27.18 18.45
C TYR B 104 13.39 -26.50 17.21
N LEU B 105 12.62 -26.54 16.11
CA LEU B 105 12.87 -25.78 14.85
C LEU B 105 11.70 -24.84 14.62
N GLU B 106 11.98 -23.59 14.23
CA GLU B 106 10.99 -22.52 14.02
C GLU B 106 11.39 -21.78 12.74
N ARG B 107 10.75 -22.05 11.61
CA ARG B 107 10.90 -21.21 10.37
C ARG B 107 9.89 -20.06 10.42
N PHE B 108 10.18 -18.95 9.76
CA PHE B 108 9.32 -17.75 9.82
C PHE B 108 9.77 -16.72 8.80
N THR B 109 8.83 -15.91 8.32
CA THR B 109 9.08 -14.54 7.84
C THR B 109 8.72 -13.58 8.97
N SER B 110 9.55 -12.58 9.25
CA SER B 110 9.18 -11.44 10.11
C SER B 110 9.97 -10.20 9.72
N THR B 111 9.48 -9.05 10.18
CA THR B 111 10.17 -7.75 10.10
C THR B 111 10.86 -7.46 11.43
N PHE B 112 11.99 -6.77 11.39
CA PHE B 112 12.83 -6.51 12.57
C PHE B 112 13.28 -5.05 12.59
N GLN B 113 13.33 -4.47 13.77
CA GLN B 113 13.88 -3.12 13.99
C GLN B 113 15.37 -3.15 13.62
N ALA B 114 15.82 -2.15 12.87
CA ALA B 114 17.24 -1.80 12.64
C ALA B 114 17.48 -0.40 13.15
N PRO B 115 17.43 -0.17 14.48
CA PRO B 115 17.64 1.17 15.02
C PRO B 115 19.12 1.56 14.92
N ALA B 116 19.91 0.74 14.21
CA ALA B 116 21.36 0.89 13.98
C ALA B 116 21.68 1.75 12.74
N PHE B 117 20.75 2.62 12.32
CA PHE B 117 20.72 3.24 10.97
C PHE B 117 21.35 4.64 11.02
N ASP B 118 22.46 4.80 10.31
CA ASP B 118 23.31 6.03 10.26
C ASP B 118 23.36 6.54 8.81
N PHE B 119 22.45 7.47 8.47
CA PHE B 119 22.31 8.06 7.11
C PHE B 119 23.32 9.19 6.90
N ARG B 120 24.11 9.52 7.92
CA ARG B 120 25.10 10.64 7.90
C ARG B 120 25.80 10.65 6.53
N LEU B 121 26.12 9.46 5.99
CA LEU B 121 26.98 9.31 4.80
C LEU B 121 26.22 8.77 3.59
N PHE B 122 24.90 8.72 3.68
CA PHE B 122 24.01 8.30 2.57
C PHE B 122 24.43 9.06 1.32
N PRO B 123 24.67 8.40 0.16
CA PRO B 123 24.41 6.98 -0.05
C PRO B 123 25.57 6.02 0.23
N PHE B 124 26.67 6.55 0.77
CA PHE B 124 27.94 5.82 0.87
C PHE B 124 27.95 4.94 2.12
N ASP B 125 27.02 5.18 3.05
CA ASP B 125 26.95 4.50 4.38
C ASP B 125 26.97 2.97 4.24
N ASN B 126 27.54 2.31 5.27
CA ASN B 126 27.41 0.87 5.62
C ASN B 126 26.66 0.79 6.96
N GLN B 127 25.82 -0.24 7.17
CA GLN B 127 24.85 -0.29 8.29
C GLN B 127 24.93 -1.62 9.04
N LEU B 128 24.41 -1.63 10.28
CA LEU B 128 24.31 -2.84 11.13
C LEU B 128 22.86 -3.28 11.22
N PHE B 129 22.58 -4.50 10.78
CA PHE B 129 21.31 -5.22 11.01
C PHE B 129 21.57 -6.31 12.04
N PHE B 130 20.65 -6.47 12.98
CA PHE B 130 20.77 -7.48 14.05
C PHE B 130 19.38 -7.94 14.48
N ILE B 131 19.31 -9.20 14.90
CA ILE B 131 18.14 -9.85 15.54
C ILE B 131 18.56 -10.21 16.97
N HIS B 132 17.72 -9.88 17.96
CA HIS B 132 17.92 -10.22 19.39
C HIS B 132 16.91 -11.31 19.76
N VAL B 133 17.43 -12.49 20.14
CA VAL B 133 16.69 -13.62 20.77
C VAL B 133 17.03 -13.57 22.26
N ASP B 134 16.06 -13.19 23.10
CA ASP B 134 16.18 -13.07 24.58
C ASP B 134 15.52 -14.27 25.28
N SER B 135 16.18 -14.91 26.26
CA SER B 135 15.48 -15.74 27.28
C SER B 135 14.62 -14.80 28.10
N ILE B 136 13.33 -15.08 28.26
CA ILE B 136 12.48 -14.32 29.23
C ILE B 136 13.05 -14.55 30.63
N PHE B 137 13.42 -15.79 30.95
CA PHE B 137 13.85 -16.24 32.29
C PHE B 137 15.32 -15.95 32.52
N PRO B 138 15.76 -15.68 33.78
CA PRO B 138 17.15 -15.31 34.09
C PRO B 138 18.18 -16.41 33.76
N GLN B 139 19.46 -16.15 34.08
CA GLN B 139 20.59 -17.07 33.81
C GLN B 139 20.85 -17.97 35.03
N HIS B 140 20.06 -17.82 36.10
CA HIS B 140 20.01 -18.76 37.25
C HIS B 140 19.26 -20.02 36.83
N LEU B 141 18.29 -19.89 35.91
CA LEU B 141 17.40 -20.98 35.42
C LEU B 141 17.89 -21.53 34.07
N PHE B 142 18.04 -20.66 33.06
CA PHE B 142 18.43 -21.03 31.67
C PHE B 142 19.59 -20.15 31.20
N ARG B 143 20.61 -20.81 30.62
CA ARG B 143 21.73 -20.14 29.91
C ARG B 143 21.57 -20.42 28.41
N PHE B 144 21.66 -19.38 27.59
CA PHE B 144 21.79 -19.52 26.11
C PHE B 144 23.25 -19.80 25.80
N GLN B 145 23.49 -20.87 25.05
CA GLN B 145 24.81 -21.21 24.45
C GLN B 145 24.62 -21.21 22.92
N GLU B 146 25.72 -21.12 22.18
CA GLU B 146 25.66 -20.97 20.70
C GLU B 146 25.58 -22.37 20.08
N MET B 147 24.41 -22.74 19.56
CA MET B 147 24.30 -23.91 18.65
C MET B 147 25.32 -23.73 17.52
N GLN B 148 26.24 -24.67 17.35
CA GLN B 148 27.38 -24.55 16.40
C GLN B 148 26.98 -25.13 15.04
N GLY B 149 27.67 -24.68 13.99
CA GLY B 149 27.44 -25.10 12.59
C GLY B 149 25.99 -24.92 12.17
N PHE B 150 25.43 -23.72 12.37
CA PHE B 150 24.05 -23.36 11.97
C PHE B 150 23.89 -21.85 11.82
N SER B 151 23.88 -21.11 12.94
CA SER B 151 23.64 -19.64 13.00
C SER B 151 24.53 -18.92 11.98
N GLY B 152 23.94 -18.05 11.16
CA GLY B 152 24.60 -17.31 10.07
C GLY B 152 23.61 -16.82 9.03
N LEU B 153 24.09 -16.53 7.81
CA LEU B 153 23.25 -16.09 6.66
C LEU B 153 23.44 -17.05 5.48
N GLY B 154 22.35 -17.47 4.82
CA GLY B 154 22.39 -18.36 3.63
C GLY B 154 23.02 -17.65 2.43
N ASP B 155 23.14 -18.29 1.26
CA ASP B 155 23.68 -17.60 0.06
C ASP B 155 22.65 -17.56 -1.07
N GLN B 156 21.37 -17.42 -0.72
CA GLN B 156 20.34 -16.86 -1.63
C GLN B 156 19.43 -15.91 -0.85
N LEU B 157 19.99 -14.77 -0.45
CA LEU B 157 19.30 -13.70 0.32
C LEU B 157 18.39 -12.91 -0.62
N GLY B 158 18.83 -12.72 -1.88
CA GLY B 158 18.04 -12.13 -2.98
C GLY B 158 17.91 -10.62 -2.88
N GLU B 159 18.78 -9.97 -2.09
CA GLU B 159 18.76 -8.52 -1.82
C GLU B 159 19.85 -7.84 -2.68
N GLU B 160 19.43 -6.93 -3.55
CA GLU B 160 20.25 -6.48 -4.69
C GLU B 160 20.95 -5.16 -4.37
N GLU B 161 20.32 -4.28 -3.58
CA GLU B 161 20.90 -2.94 -3.27
C GLU B 161 22.01 -3.12 -2.24
N TRP B 162 21.71 -3.84 -1.17
CA TRP B 162 22.73 -4.11 -0.13
C TRP B 162 23.56 -5.30 -0.54
N ILE B 163 24.74 -5.41 0.08
CA ILE B 163 25.66 -6.56 -0.09
C ILE B 163 26.41 -6.72 1.24
N VAL B 164 26.31 -7.91 1.82
CA VAL B 164 26.60 -8.16 3.26
C VAL B 164 28.12 -8.30 3.41
N THR B 165 28.77 -7.42 4.18
CA THR B 165 30.24 -7.52 4.44
C THR B 165 30.54 -8.77 5.27
N GLU B 166 29.94 -8.90 6.48
CA GLU B 166 30.30 -9.95 7.47
C GLU B 166 29.13 -10.22 8.44
N VAL B 167 29.08 -11.43 9.00
CA VAL B 167 28.07 -11.86 10.03
C VAL B 167 28.82 -12.29 11.30
N ASN B 168 28.28 -11.97 12.48
CA ASN B 168 28.83 -12.33 13.81
C ASN B 168 27.71 -12.92 14.66
N THR B 169 28.02 -13.92 15.49
CA THR B 169 27.12 -14.43 16.55
C THR B 169 27.84 -14.23 17.89
N HIS B 170 27.10 -13.86 18.93
CA HIS B 170 27.65 -13.76 20.30
C HIS B 170 26.50 -13.76 21.28
N LEU B 171 26.81 -14.01 22.55
CA LEU B 171 25.80 -14.04 23.64
C LEU B 171 26.05 -12.84 24.52
N THR B 172 25.04 -12.48 25.31
CA THR B 172 25.10 -11.34 26.26
C THR B 172 23.83 -11.36 27.08
N THR B 173 23.59 -10.32 27.89
CA THR B 173 22.48 -10.33 28.87
C THR B 173 21.52 -9.17 28.58
N HIS B 174 20.37 -9.20 29.24
CA HIS B 174 19.36 -8.11 29.28
C HIS B 174 18.71 -8.11 30.67
N ASN B 175 17.77 -7.21 30.91
CA ASN B 175 17.00 -7.15 32.20
C ASN B 175 15.59 -6.64 31.91
N GLU B 176 14.96 -7.20 30.87
CA GLU B 176 13.72 -6.67 30.24
C GLU B 176 12.55 -6.76 31.23
N PHE B 177 12.25 -7.95 31.73
CA PHE B 177 11.05 -8.25 32.58
C PHE B 177 11.53 -8.65 33.97
N THR B 178 12.57 -9.50 34.02
CA THR B 178 13.41 -9.81 35.21
C THR B 178 14.26 -8.61 35.57
N LYS B 179 14.74 -8.55 36.81
CA LYS B 179 15.84 -7.65 37.23
C LYS B 179 17.07 -8.54 37.51
N GLY B 180 16.89 -9.86 37.47
CA GLY B 180 17.99 -10.83 37.30
C GLY B 180 18.49 -10.80 35.86
N ASP B 181 19.81 -10.89 35.67
CA ASP B 181 20.46 -11.02 34.33
C ASP B 181 19.83 -12.19 33.56
N ALA B 182 19.57 -11.99 32.26
CA ALA B 182 18.97 -12.97 31.33
C ALA B 182 19.81 -13.06 30.06
N SER B 183 19.80 -14.22 29.39
CA SER B 183 20.54 -14.50 28.13
C SER B 183 19.93 -13.69 26.98
N ARG B 184 20.77 -13.23 26.05
CA ARG B 184 20.37 -12.68 24.73
C ARG B 184 21.34 -13.18 23.66
N PHE B 185 20.91 -14.15 22.83
CA PHE B 185 21.63 -14.58 21.61
C PHE B 185 21.43 -13.51 20.55
N VAL B 186 22.52 -13.09 19.90
CA VAL B 186 22.50 -11.99 18.90
C VAL B 186 23.11 -12.51 17.59
N LEU B 187 22.37 -12.31 16.50
CA LEU B 187 22.87 -12.44 15.11
C LEU B 187 22.95 -11.03 14.52
N GLU B 188 24.18 -10.48 14.43
CA GLU B 188 24.53 -9.19 13.76
C GLU B 188 25.00 -9.47 12.34
N PHE B 189 24.68 -8.59 11.38
CA PHE B 189 25.35 -8.53 10.07
C PHE B 189 25.45 -7.05 9.64
N HIS B 190 26.58 -6.68 9.04
CA HIS B 190 26.75 -5.41 8.29
C HIS B 190 26.53 -5.71 6.81
N ALA B 191 25.84 -4.80 6.13
CA ALA B 191 25.81 -4.72 4.66
C ALA B 191 26.20 -3.30 4.27
N GLU B 192 26.64 -3.14 3.02
CA GLU B 192 26.86 -1.81 2.41
C GLU B 192 26.16 -1.78 1.05
N ARG B 193 25.98 -0.56 0.55
CA ARG B 193 24.98 -0.18 -0.46
C ARG B 193 25.64 -0.19 -1.85
N HIS B 194 25.07 -0.93 -2.82
CA HIS B 194 25.44 -0.87 -4.26
C HIS B 194 25.02 0.49 -4.84
N LEU B 195 26.00 1.34 -5.16
CA LEU B 195 25.78 2.77 -5.50
C LEU B 195 25.36 2.93 -6.97
N ASN B 196 25.35 1.84 -7.75
CA ASN B 196 24.91 1.88 -9.17
C ASN B 196 23.67 2.75 -9.24
N TYR B 197 22.59 2.33 -8.58
CA TYR B 197 21.28 3.03 -8.59
C TYR B 197 21.54 4.54 -8.51
N TYR B 198 22.25 4.99 -7.46
CA TYR B 198 22.46 6.43 -7.16
C TYR B 198 23.26 7.07 -8.31
N LEU B 199 24.38 6.48 -8.71
CA LEU B 199 25.12 6.97 -9.90
C LEU B 199 24.10 7.20 -11.02
N MET B 200 23.37 6.14 -11.37
CA MET B 200 22.61 6.03 -12.63
C MET B 200 21.45 7.01 -12.65
N ARG B 201 20.75 7.18 -11.51
CA ARG B 201 19.46 7.92 -11.45
C ARG B 201 19.69 9.33 -10.92
N ILE B 202 20.66 9.54 -10.03
CA ILE B 202 20.88 10.85 -9.32
C ILE B 202 22.16 11.52 -9.85
N LEU B 203 23.33 10.97 -9.55
CA LEU B 203 24.62 11.64 -9.87
C LEU B 203 24.70 11.95 -11.38
N ILE B 204 24.60 10.93 -12.25
CA ILE B 204 24.78 11.11 -13.71
C ILE B 204 23.89 12.25 -14.20
N PRO B 205 22.54 12.18 -14.00
CA PRO B 205 21.65 13.26 -14.45
C PRO B 205 22.17 14.64 -14.01
N VAL B 206 22.27 14.84 -12.69
CA VAL B 206 22.69 16.12 -12.09
C VAL B 206 23.93 16.65 -12.80
N LEU B 207 24.94 15.79 -13.05
CA LEU B 207 26.19 16.22 -13.72
C LEU B 207 25.85 16.60 -15.16
N LEU B 208 25.09 15.76 -15.87
CA LEU B 208 24.60 16.13 -17.22
C LEU B 208 23.99 17.53 -17.16
N ILE B 209 22.94 17.71 -16.36
CA ILE B 209 22.22 19.02 -16.24
C ILE B 209 23.26 20.12 -16.06
N ILE B 210 24.20 19.95 -15.13
CA ILE B 210 25.22 20.99 -14.77
C ILE B 210 26.14 21.26 -15.96
N THR B 211 26.60 20.21 -16.64
CA THR B 211 27.59 20.31 -17.73
C THR B 211 26.96 20.90 -18.98
N VAL B 212 25.86 20.30 -19.43
CA VAL B 212 25.12 20.82 -20.60
C VAL B 212 24.77 22.27 -20.31
N SER B 213 24.18 22.54 -19.14
CA SER B 213 23.85 23.92 -18.69
C SER B 213 25.04 24.83 -19.01
N TRP B 214 26.23 24.45 -18.55
CA TRP B 214 27.47 25.24 -18.73
C TRP B 214 27.75 25.49 -20.23
N PHE B 215 27.52 24.52 -21.11
CA PHE B 215 27.78 24.66 -22.56
C PHE B 215 27.09 25.92 -23.08
N THR B 216 25.85 26.17 -22.66
CA THR B 216 25.00 27.29 -23.17
C THR B 216 25.59 28.64 -22.73
N PHE B 217 26.67 28.63 -21.94
CA PHE B 217 27.36 29.87 -21.53
C PHE B 217 28.07 30.43 -22.75
N PHE B 218 28.64 29.56 -23.59
CA PHE B 218 29.40 29.95 -24.80
C PHE B 218 28.50 30.63 -25.82
N LEU B 219 27.17 30.69 -25.57
CA LEU B 219 26.22 31.49 -26.38
C LEU B 219 26.35 32.98 -26.01
N GLN B 220 26.84 33.25 -24.80
CA GLN B 220 27.09 34.63 -24.27
C GLN B 220 25.76 35.37 -24.16
N ASP B 221 24.66 34.66 -23.84
CA ASP B 221 23.33 35.27 -23.56
C ASP B 221 23.02 35.12 -22.07
N TYR B 222 23.15 36.21 -21.31
CA TYR B 222 23.07 36.24 -19.83
C TYR B 222 21.61 36.03 -19.39
N THR B 223 20.66 36.65 -20.09
CA THR B 223 19.23 36.32 -19.98
C THR B 223 19.09 34.79 -20.04
N LYS B 224 19.54 34.18 -21.14
CA LYS B 224 19.36 32.72 -21.37
C LYS B 224 20.12 31.90 -20.33
N ARG B 225 21.15 32.45 -19.68
CA ARG B 225 21.87 31.74 -18.58
C ARG B 225 20.98 31.76 -17.34
N ILE B 226 20.37 32.91 -17.04
CA ILE B 226 19.55 33.14 -15.82
C ILE B 226 18.28 32.30 -15.89
N ASP B 227 17.65 32.27 -17.06
CA ASP B 227 16.43 31.47 -17.32
C ASP B 227 16.82 30.00 -17.06
N LEU B 228 18.03 29.64 -17.45
CA LEU B 228 18.53 28.25 -17.45
C LEU B 228 18.79 27.84 -16.01
N ALA B 229 19.61 28.62 -15.31
CA ALA B 229 20.02 28.37 -13.92
C ALA B 229 18.77 28.33 -13.02
N GLY B 230 17.81 29.22 -13.26
CA GLY B 230 16.53 29.25 -12.53
C GLY B 230 15.77 27.94 -12.67
N GLY B 231 15.79 27.34 -13.87
CA GLY B 231 15.15 26.06 -14.20
C GLY B 231 15.85 24.90 -13.52
N ASN B 232 17.18 24.91 -13.56
CA ASN B 232 18.05 23.94 -12.83
C ASN B 232 17.61 23.92 -11.36
N LEU B 233 17.47 25.09 -10.74
CA LEU B 233 17.08 25.20 -9.31
C LEU B 233 15.90 24.27 -9.04
N LEU B 234 14.79 24.46 -9.75
CA LEU B 234 13.55 23.65 -9.55
C LEU B 234 13.93 22.19 -9.78
N LEU B 235 14.70 21.91 -10.84
CA LEU B 235 15.16 20.53 -11.12
C LEU B 235 15.76 19.95 -9.84
N PHE B 236 16.75 20.61 -9.26
CA PHE B 236 17.44 20.12 -8.03
C PHE B 236 16.41 20.00 -6.89
N ILE B 237 15.57 21.02 -6.73
CA ILE B 237 14.48 21.03 -5.71
C ILE B 237 13.63 19.78 -5.91
N ALA B 238 13.43 19.34 -7.14
CA ALA B 238 12.74 18.07 -7.41
C ALA B 238 13.62 16.94 -6.85
N PHE B 239 14.87 16.84 -7.29
CA PHE B 239 15.78 15.76 -6.86
C PHE B 239 15.80 15.71 -5.33
N ASN B 240 15.68 16.89 -4.70
CA ASN B 240 15.54 17.10 -3.24
C ASN B 240 14.36 16.29 -2.70
N PHE B 241 13.24 16.21 -3.42
CA PHE B 241 12.04 15.44 -3.01
C PHE B 241 12.20 13.97 -3.41
N THR B 242 12.80 13.65 -4.56
CA THR B 242 13.12 12.24 -4.88
C THR B 242 13.85 11.65 -3.68
N ILE B 243 14.95 12.29 -3.30
CA ILE B 243 15.90 11.73 -2.32
C ILE B 243 15.28 11.75 -0.93
N SER B 244 14.66 12.86 -0.54
CA SER B 244 14.04 13.02 0.80
C SER B 244 13.21 11.78 1.14
N SER B 245 12.46 11.24 0.17
CA SER B 245 11.43 10.20 0.39
C SER B 245 12.01 8.79 0.37
N ASP B 246 13.29 8.57 0.04
CA ASP B 246 13.97 7.26 0.29
C ASP B 246 14.16 7.11 1.80
N LEU B 247 14.32 8.25 2.49
CA LEU B 247 14.82 8.35 3.88
C LEU B 247 13.71 8.78 4.82
N PRO B 248 13.91 8.61 6.15
CA PRO B 248 13.02 9.17 7.15
C PRO B 248 13.14 10.69 7.22
N ARG B 249 12.34 11.29 8.08
CA ARG B 249 12.33 12.75 8.32
C ARG B 249 13.35 12.99 9.43
N LEU B 250 14.58 12.60 9.15
CA LEU B 250 15.73 12.71 10.08
C LEU B 250 15.84 14.16 10.54
N GLY B 251 16.24 14.36 11.79
CA GLY B 251 16.66 15.66 12.32
C GLY B 251 18.13 15.93 12.04
N TYR B 252 18.85 14.95 11.48
CA TYR B 252 20.28 15.09 11.12
C TYR B 252 20.41 15.19 9.60
N ILE B 253 21.54 15.78 9.19
CA ILE B 253 21.77 16.26 7.79
C ILE B 253 22.65 15.23 7.09
N THR B 254 22.07 14.58 6.07
CA THR B 254 22.73 13.58 5.18
C THR B 254 23.89 14.25 4.44
N LEU B 255 24.79 13.46 3.86
CA LEU B 255 25.78 13.92 2.85
C LEU B 255 25.03 14.33 1.58
N MET B 256 24.12 13.47 1.14
CA MET B 256 23.16 13.78 0.05
C MET B 256 22.60 15.18 0.30
N ASP B 257 22.03 15.45 1.48
CA ASP B 257 21.40 16.76 1.80
C ASP B 257 22.37 17.89 1.48
N ALA B 258 23.63 17.75 1.87
CA ALA B 258 24.67 18.76 1.59
C ALA B 258 24.77 18.95 0.07
N PHE B 259 25.09 17.87 -0.65
CA PHE B 259 25.30 17.86 -2.13
C PHE B 259 24.25 18.70 -2.82
N LEU B 260 22.98 18.47 -2.47
CA LEU B 260 21.82 19.20 -3.04
C LEU B 260 21.92 20.67 -2.62
N VAL B 261 21.88 20.97 -1.32
CA VAL B 261 21.97 22.38 -0.85
C VAL B 261 23.20 23.03 -1.47
N GLY B 262 24.25 22.24 -1.70
CA GLY B 262 25.44 22.66 -2.47
C GLY B 262 25.02 23.25 -3.78
N THR B 263 24.37 22.44 -4.61
CA THR B 263 23.95 22.84 -5.98
C THR B 263 23.06 24.09 -5.85
N PHE B 264 22.09 24.07 -4.92
CA PHE B 264 21.15 25.18 -4.66
C PHE B 264 21.92 26.50 -4.56
N ILE B 265 22.89 26.53 -3.64
CA ILE B 265 23.73 27.72 -3.35
C ILE B 265 24.38 28.18 -4.65
N ILE B 266 25.15 27.31 -5.30
CA ILE B 266 25.87 27.65 -6.57
C ILE B 266 24.87 28.25 -7.56
N THR B 267 23.85 27.46 -7.89
CA THR B 267 22.82 27.80 -8.89
C THR B 267 22.30 29.22 -8.60
N ALA B 268 21.90 29.49 -7.35
CA ALA B 268 21.38 30.82 -6.94
C ALA B 268 22.41 31.92 -7.25
N LEU B 269 23.69 31.64 -7.04
CA LEU B 269 24.78 32.63 -7.24
C LEU B 269 25.12 32.69 -8.73
N VAL B 270 24.91 31.61 -9.48
CA VAL B 270 25.01 31.65 -10.97
C VAL B 270 23.98 32.68 -11.46
N VAL B 271 22.74 32.59 -10.95
CA VAL B 271 21.67 33.57 -11.29
C VAL B 271 22.21 34.95 -10.96
N LEU B 272 22.52 35.17 -9.69
CA LEU B 272 22.92 36.48 -9.14
C LEU B 272 24.06 37.09 -9.98
N GLY B 273 25.08 36.29 -10.30
CA GLY B 273 26.25 36.72 -11.09
C GLY B 273 25.85 37.14 -12.49
N ASN B 274 25.10 36.29 -13.20
CA ASN B 274 24.67 36.57 -14.59
C ASN B 274 23.66 37.71 -14.60
N VAL B 275 22.90 37.92 -13.52
CA VAL B 275 22.00 39.10 -13.36
C VAL B 275 22.88 40.35 -13.49
N TRP B 276 24.04 40.31 -12.85
CA TRP B 276 24.93 41.47 -12.71
C TRP B 276 25.72 41.68 -14.02
N LEU B 277 26.17 40.61 -14.67
CA LEU B 277 26.73 40.67 -16.05
C LEU B 277 25.71 41.33 -16.98
N ARG B 278 24.44 40.97 -16.86
CA ARG B 278 23.34 41.43 -17.73
C ARG B 278 23.00 42.88 -17.37
N ARG B 279 23.10 43.22 -16.09
CA ARG B 279 22.97 44.60 -15.58
C ARG B 279 23.95 45.52 -16.34
N LEU B 280 25.15 45.04 -16.66
CA LEU B 280 26.23 45.87 -17.29
C LEU B 280 25.94 46.13 -18.77
N GLU B 281 25.36 45.15 -19.48
CA GLU B 281 24.86 45.31 -20.87
C GLU B 281 23.74 46.37 -20.88
N ASN B 282 22.84 46.31 -19.91
CA ASN B 282 21.71 47.26 -19.70
C ASN B 282 22.22 48.70 -19.45
N HIS B 283 23.48 48.87 -19.04
CA HIS B 283 24.07 50.16 -18.57
C HIS B 283 25.16 50.64 -19.54
N GLY B 284 25.21 50.08 -20.75
CA GLY B 284 26.10 50.50 -21.84
C GLY B 284 27.53 50.07 -21.61
N LYS B 285 27.73 49.04 -20.79
CA LYS B 285 29.06 48.47 -20.50
C LYS B 285 29.04 47.02 -20.97
N GLN B 286 28.51 46.80 -22.18
CA GLN B 286 28.41 45.48 -22.85
C GLN B 286 29.81 44.84 -22.93
N ALA B 287 30.83 45.60 -23.35
CA ALA B 287 32.21 45.13 -23.66
C ALA B 287 32.97 44.80 -22.38
N LEU B 288 32.57 45.38 -21.26
CA LEU B 288 33.12 45.08 -19.91
C LEU B 288 32.55 43.73 -19.44
N ALA B 289 31.22 43.61 -19.42
CA ALA B 289 30.51 42.35 -19.10
C ALA B 289 31.16 41.22 -19.90
N ARG B 290 31.49 41.47 -21.17
CA ARG B 290 32.20 40.53 -22.08
C ARG B 290 33.59 40.23 -21.54
N LYS B 291 34.30 41.23 -21.00
CA LYS B 291 35.60 41.03 -20.33
C LYS B 291 35.35 40.11 -19.12
N LEU B 292 34.49 40.52 -18.20
CA LEU B 292 34.24 39.76 -16.95
C LEU B 292 33.76 38.35 -17.27
N ASP B 293 33.16 38.15 -18.43
CA ASP B 293 32.46 36.89 -18.84
C ASP B 293 33.37 35.71 -18.52
N ILE B 294 34.67 35.81 -18.83
CA ILE B 294 35.60 34.64 -18.73
C ILE B 294 35.56 34.09 -17.30
N TYR B 295 35.44 34.98 -16.29
CA TYR B 295 35.22 34.56 -14.87
C TYR B 295 33.96 33.70 -14.83
N ALA B 296 32.82 34.32 -15.15
CA ALA B 296 31.49 33.68 -15.15
C ALA B 296 31.59 32.29 -15.78
N ILE B 297 32.31 32.15 -16.89
CA ILE B 297 32.41 30.87 -17.67
C ILE B 297 33.29 29.85 -16.93
N THR B 298 34.26 30.29 -16.13
CA THR B 298 35.19 29.36 -15.42
C THR B 298 35.02 29.53 -13.90
N SER B 299 33.92 30.11 -13.44
CA SER B 299 33.46 30.03 -12.03
C SER B 299 32.49 28.86 -11.89
N TYR B 300 31.81 28.50 -12.99
CA TYR B 300 30.82 27.41 -13.00
C TYR B 300 31.56 26.13 -12.63
N PRO B 301 32.58 25.69 -13.40
CA PRO B 301 33.20 24.38 -13.17
C PRO B 301 33.98 24.34 -11.84
N LEU B 302 34.49 25.50 -11.40
CA LEU B 302 35.33 25.64 -10.18
C LEU B 302 34.46 25.72 -8.94
N ALA B 303 33.34 26.46 -8.98
CA ALA B 303 32.36 26.54 -7.87
C ALA B 303 31.82 25.14 -7.55
N TYR B 304 31.59 24.31 -8.59
CA TYR B 304 31.05 22.93 -8.48
C TYR B 304 32.19 21.93 -8.20
N LEU B 305 33.47 22.33 -8.28
CA LEU B 305 34.61 21.43 -7.97
C LEU B 305 35.28 21.83 -6.65
N LEU B 306 35.33 23.13 -6.35
CA LEU B 306 35.45 23.67 -4.96
C LEU B 306 34.41 22.96 -4.07
N GLY B 307 33.22 22.71 -4.61
CA GLY B 307 32.12 21.98 -3.93
C GLY B 307 32.47 20.53 -3.66
N ALA B 308 33.09 19.83 -4.63
CA ALA B 308 33.44 18.39 -4.57
C ALA B 308 34.44 18.11 -3.45
N LEU B 309 35.11 19.14 -2.92
CA LEU B 309 36.11 19.02 -1.81
C LEU B 309 35.64 19.76 -0.57
N THR B 310 34.63 20.65 -0.66
CA THR B 310 33.91 21.19 0.52
C THR B 310 33.23 20.02 1.24
N LEU B 311 32.68 19.07 0.48
CA LEU B 311 31.93 17.90 1.00
C LEU B 311 32.91 16.77 1.32
N TRP B 312 33.70 16.37 0.33
CA TRP B 312 34.58 15.17 0.40
C TRP B 312 35.60 15.34 1.52
N LEU B 313 35.82 16.58 1.98
CA LEU B 313 36.58 16.86 3.22
C LEU B 313 35.62 16.89 4.41
N LEU B 314 34.67 17.85 4.47
CA LEU B 314 33.68 18.00 5.59
C LEU B 314 33.10 16.64 6.02
N PHE B 315 32.82 15.71 5.08
CA PHE B 315 32.10 14.44 5.34
C PHE B 315 33.00 13.21 5.09
N PHE B 316 34.31 13.42 4.91
CA PHE B 316 35.35 12.34 4.86
C PHE B 316 36.68 12.96 5.34
N GLU C 7 15.20 -48.35 6.66
CA GLU C 7 14.64 -48.45 5.26
C GLU C 7 13.64 -47.32 5.04
N PRO C 8 13.97 -46.31 4.21
CA PRO C 8 13.18 -45.07 4.14
C PRO C 8 11.84 -45.26 3.41
N SER C 9 10.73 -44.88 4.06
CA SER C 9 9.37 -44.91 3.45
C SER C 9 9.23 -43.71 2.50
N ASP C 10 8.62 -43.95 1.35
CA ASP C 10 8.59 -43.02 0.19
C ASP C 10 7.38 -42.10 0.32
N VAL C 11 7.54 -40.85 -0.13
CA VAL C 11 6.50 -39.78 -0.08
C VAL C 11 6.41 -39.20 -1.50
N PHE C 12 5.18 -39.11 -2.04
CA PHE C 12 4.90 -38.86 -3.47
C PHE C 12 4.33 -37.45 -3.64
N ILE C 13 5.23 -36.53 -4.01
CA ILE C 13 5.06 -35.04 -3.92
C ILE C 13 4.57 -34.51 -5.26
N GLY C 14 3.30 -34.10 -5.31
CA GLY C 14 2.71 -33.36 -6.44
C GLY C 14 2.51 -31.90 -6.06
N LEU C 15 2.92 -30.97 -6.93
CA LEU C 15 2.66 -29.52 -6.74
C LEU C 15 2.22 -28.91 -8.08
N LYS C 16 0.94 -28.53 -8.18
CA LYS C 16 0.33 -27.85 -9.36
C LYS C 16 0.10 -26.38 -9.01
N ILE C 17 0.20 -25.49 -9.99
CA ILE C 17 0.05 -24.02 -9.80
C ILE C 17 -1.18 -23.58 -10.59
N ASP C 18 -2.31 -23.35 -9.92
CA ASP C 18 -3.61 -23.03 -10.56
C ASP C 18 -3.54 -21.59 -11.07
N GLN C 19 -2.94 -20.68 -10.30
CA GLN C 19 -2.82 -19.24 -10.65
C GLN C 19 -1.41 -18.72 -10.41
N ILE C 20 -0.97 -17.79 -11.27
CA ILE C 20 0.07 -16.77 -10.95
C ILE C 20 -0.69 -15.47 -10.65
N THR C 21 -0.85 -15.15 -9.37
CA THR C 21 -1.57 -13.96 -8.86
C THR C 21 -0.79 -12.73 -9.32
N GLY C 22 0.54 -12.80 -9.24
CA GLY C 22 1.43 -11.84 -9.91
C GLY C 22 2.89 -12.08 -9.63
N ILE C 23 3.75 -11.58 -10.53
CA ILE C 23 5.23 -11.57 -10.36
C ILE C 23 5.65 -10.14 -10.04
N ASN C 24 5.97 -9.85 -8.78
CA ASN C 24 6.48 -8.52 -8.36
C ASN C 24 8.00 -8.49 -8.63
N GLN C 25 8.42 -7.90 -9.73
CA GLN C 25 9.84 -7.99 -10.16
C GLN C 25 10.68 -6.98 -9.36
N LYS C 26 10.08 -5.97 -8.76
CA LYS C 26 10.80 -4.95 -7.94
C LYS C 26 11.28 -5.59 -6.62
N GLU C 27 10.49 -6.50 -6.04
CA GLU C 27 10.82 -7.18 -4.76
C GLU C 27 11.42 -8.56 -5.04
N GLU C 28 11.49 -8.96 -6.32
CA GLU C 28 12.11 -10.24 -6.76
C GLU C 28 11.41 -11.41 -6.07
N ASN C 29 10.09 -11.47 -6.20
CA ASN C 29 9.25 -12.63 -5.80
C ASN C 29 8.12 -12.79 -6.81
N PHE C 30 7.37 -13.88 -6.67
CA PHE C 30 6.13 -14.13 -7.44
C PHE C 30 5.14 -14.74 -6.47
N SER C 31 3.87 -14.72 -6.83
CA SER C 31 2.76 -15.25 -5.99
C SER C 31 1.88 -16.16 -6.82
N VAL C 32 1.40 -17.23 -6.19
CA VAL C 32 0.69 -18.37 -6.83
C VAL C 32 -0.40 -18.87 -5.88
N VAL C 33 -1.56 -19.16 -6.45
CA VAL C 33 -2.53 -20.16 -5.92
C VAL C 33 -1.98 -21.53 -6.35
N GLY C 34 -1.84 -22.47 -5.41
CA GLY C 34 -1.27 -23.81 -5.67
C GLY C 34 -1.92 -24.89 -4.82
N SER C 35 -1.96 -26.11 -5.37
CA SER C 35 -2.35 -27.38 -4.68
C SER C 35 -1.09 -28.23 -4.48
N LEU C 36 -0.85 -28.71 -3.27
CA LEU C 36 0.19 -29.74 -2.99
C LEU C 36 -0.53 -31.06 -2.74
N ARG C 37 0.01 -32.15 -3.30
CA ARG C 37 -0.56 -33.52 -3.16
C ARG C 37 0.57 -34.48 -2.76
N ILE C 38 0.29 -35.31 -1.74
CA ILE C 38 1.26 -36.24 -1.10
C ILE C 38 0.55 -37.59 -0.95
N ASP C 39 1.09 -38.62 -1.60
CA ASP C 39 0.78 -40.03 -1.27
C ASP C 39 1.93 -40.55 -0.39
N TRP C 40 1.59 -41.10 0.78
CA TRP C 40 2.56 -41.67 1.76
C TRP C 40 1.89 -42.81 2.49
N ARG C 41 2.35 -44.05 2.24
CA ARG C 41 1.85 -45.28 2.90
C ARG C 41 2.59 -45.47 4.22
N GLN C 42 1.82 -45.42 5.31
CA GLN C 42 2.24 -45.83 6.66
C GLN C 42 1.45 -47.09 7.02
N PRO C 43 2.09 -48.27 7.02
CA PRO C 43 1.40 -49.48 7.47
C PRO C 43 0.75 -49.25 8.83
N LEU C 44 1.46 -48.59 9.76
CA LEU C 44 1.04 -48.43 11.18
C LEU C 44 -0.30 -47.69 11.29
N LEU C 45 -0.68 -46.92 10.26
CA LEU C 45 -1.96 -46.17 10.23
C LEU C 45 -3.07 -47.04 9.67
N ALA C 46 -2.72 -48.20 9.11
CA ALA C 46 -3.68 -49.22 8.63
C ALA C 46 -4.69 -49.52 9.74
N PHE C 47 -5.93 -49.82 9.34
CA PHE C 47 -7.06 -50.17 10.22
C PHE C 47 -7.89 -51.26 9.53
N GLU C 48 -8.89 -51.86 10.17
CA GLU C 48 -9.68 -52.95 9.51
C GLU C 48 -11.09 -52.50 9.13
N HIS C 49 -11.37 -52.70 7.83
CA HIS C 49 -12.43 -52.12 6.97
C HIS C 49 -13.63 -53.05 7.05
N ALA C 50 -14.15 -53.21 8.27
CA ALA C 50 -15.18 -54.20 8.63
C ALA C 50 -16.35 -54.09 7.66
N PRO C 51 -16.84 -55.20 7.06
CA PRO C 51 -17.82 -55.12 5.98
C PRO C 51 -19.06 -54.31 6.40
N GLY C 52 -19.48 -53.35 5.57
CA GLY C 52 -20.59 -52.43 5.89
C GLY C 52 -20.10 -51.08 6.41
N GLU C 53 -18.81 -50.97 6.75
CA GLU C 53 -18.17 -49.78 7.34
C GLU C 53 -17.14 -49.24 6.36
N PRO C 54 -17.12 -47.91 6.09
CA PRO C 54 -16.20 -47.32 5.11
C PRO C 54 -14.74 -47.72 5.32
N LYS C 55 -14.00 -47.85 4.21
CA LYS C 55 -12.60 -48.35 4.19
C LYS C 55 -11.68 -47.15 4.00
N HIS C 56 -12.22 -45.93 3.91
CA HIS C 56 -11.44 -44.70 3.70
C HIS C 56 -11.81 -43.64 4.76
N ARG C 57 -10.86 -43.24 5.60
CA ARG C 57 -11.07 -42.22 6.66
C ARG C 57 -10.69 -40.83 6.13
N THR C 58 -11.52 -39.82 6.45
CA THR C 58 -11.38 -38.42 5.99
C THR C 58 -11.14 -37.52 7.21
N TYR C 59 -10.02 -36.79 7.22
CA TYR C 59 -9.45 -36.12 8.42
C TYR C 59 -9.06 -34.67 8.13
N THR C 60 -9.51 -33.74 8.99
CA THR C 60 -8.86 -32.40 9.19
C THR C 60 -7.39 -32.68 9.51
N LEU C 61 -6.44 -31.97 8.91
CA LEU C 61 -5.01 -32.09 9.29
C LEU C 61 -4.90 -31.97 10.82
N ALA C 62 -5.70 -31.07 11.39
CA ALA C 62 -5.77 -30.78 12.84
C ALA C 62 -5.78 -32.11 13.62
N THR C 63 -6.77 -32.98 13.35
CA THR C 63 -6.97 -34.26 14.11
C THR C 63 -6.11 -35.38 13.51
N PHE C 64 -5.74 -35.32 12.22
CA PHE C 64 -4.85 -36.33 11.60
C PHE C 64 -3.51 -36.33 12.33
N LEU C 65 -2.99 -35.15 12.67
CA LEU C 65 -1.70 -35.03 13.40
C LEU C 65 -1.89 -35.42 14.87
N LYS C 66 -3.02 -35.06 15.48
CA LYS C 66 -3.34 -35.42 16.89
C LYS C 66 -3.43 -36.95 16.95
N LEU C 67 -3.80 -37.61 15.84
CA LEU C 67 -3.84 -39.09 15.68
C LEU C 67 -2.41 -39.64 15.64
N LEU C 68 -1.58 -39.12 14.73
CA LEU C 68 -0.16 -39.53 14.58
C LEU C 68 0.56 -39.35 15.92
N GLU C 69 0.18 -38.34 16.70
CA GLU C 69 0.79 -38.01 18.02
C GLU C 69 0.38 -39.05 19.08
N GLU C 70 -0.88 -39.53 19.04
CA GLU C 70 -1.34 -40.66 19.90
C GLU C 70 -0.49 -41.89 19.58
N LYS C 71 -0.44 -42.26 18.31
CA LYS C 71 0.29 -43.47 17.82
C LYS C 71 1.81 -43.22 17.81
N GLN C 72 2.27 -42.03 18.19
CA GLN C 72 3.69 -41.60 18.07
C GLN C 72 4.28 -42.11 16.75
N ILE C 73 3.58 -41.87 15.65
CA ILE C 73 4.08 -42.09 14.26
C ILE C 73 4.65 -40.77 13.74
N ARG C 74 5.75 -40.85 13.01
CA ARG C 74 6.42 -39.68 12.38
C ARG C 74 5.73 -39.38 11.05
N TRP C 75 5.30 -38.13 10.87
CA TRP C 75 4.82 -37.55 9.59
C TRP C 75 6.03 -37.03 8.84
N PRO C 76 6.05 -37.10 7.49
CA PRO C 76 7.21 -36.68 6.70
C PRO C 76 7.26 -35.15 6.59
N ALA C 77 7.47 -34.46 7.71
CA ALA C 77 7.29 -32.99 7.83
C ALA C 77 8.14 -32.31 6.76
N PHE C 78 7.54 -31.34 6.06
CA PHE C 78 8.18 -30.58 4.96
C PHE C 78 8.00 -29.09 5.20
N THR C 79 8.88 -28.29 4.59
CA THR C 79 8.79 -26.81 4.49
C THR C 79 8.84 -26.41 3.01
N TYR C 80 8.19 -25.29 2.66
CA TYR C 80 8.43 -24.58 1.39
C TYR C 80 9.62 -23.63 1.60
N HIS C 81 10.80 -23.98 1.11
CA HIS C 81 12.09 -23.34 1.48
C HIS C 81 12.15 -21.89 1.00
N ASN C 82 11.54 -21.58 -0.15
CA ASN C 82 11.58 -20.24 -0.77
C ASN C 82 10.23 -19.53 -0.58
N GLN C 83 9.41 -19.95 0.39
CA GLN C 83 8.18 -19.23 0.83
C GLN C 83 8.58 -17.86 1.39
N GLN C 84 7.82 -16.81 1.08
CA GLN C 84 7.89 -15.51 1.77
C GLN C 84 6.54 -15.20 2.41
N GLY C 85 6.56 -14.72 3.66
CA GLY C 85 5.35 -14.27 4.39
C GLY C 85 4.41 -15.43 4.64
N ARG C 86 3.11 -15.15 4.77
CA ARG C 86 2.10 -16.15 5.17
C ARG C 86 1.59 -16.85 3.91
N MET C 87 1.11 -18.08 4.10
CA MET C 87 0.53 -18.98 3.09
C MET C 87 -0.92 -19.21 3.52
N ASP C 88 -1.85 -18.48 2.90
CA ASP C 88 -3.29 -18.52 3.24
C ASP C 88 -3.84 -19.81 2.67
N PHE C 89 -3.90 -20.87 3.48
CA PHE C 89 -4.37 -22.22 3.10
C PHE C 89 -5.88 -22.20 2.88
N GLN C 90 -6.38 -22.91 1.85
CA GLN C 90 -7.83 -23.18 1.66
C GLN C 90 -8.16 -24.59 2.15
N ASN C 91 -7.39 -25.59 1.73
CA ASN C 91 -7.61 -27.02 2.10
C ASN C 91 -6.33 -27.63 2.66
N ARG C 92 -6.49 -28.43 3.71
CA ARG C 92 -5.42 -29.23 4.36
C ARG C 92 -6.08 -30.52 4.83
N LEU C 93 -6.23 -31.48 3.91
CA LEU C 93 -7.25 -32.58 3.98
C LEU C 93 -6.58 -33.93 3.74
N ILE C 94 -6.77 -34.86 4.67
CA ILE C 94 -6.16 -36.23 4.66
C ILE C 94 -7.22 -37.26 4.27
N SER C 95 -6.87 -38.20 3.37
CA SER C 95 -7.63 -39.46 3.18
C SER C 95 -6.67 -40.65 3.35
N LEU C 96 -7.14 -41.64 4.10
CA LEU C 96 -6.35 -42.76 4.65
C LEU C 96 -7.10 -44.07 4.41
N SER C 97 -6.56 -44.97 3.57
CA SER C 97 -7.17 -46.29 3.23
C SER C 97 -6.88 -47.31 4.34
N GLU C 98 -7.56 -48.46 4.33
CA GLU C 98 -7.29 -49.59 5.27
C GLU C 98 -5.78 -49.81 5.31
N ASP C 99 -5.17 -49.81 4.12
CA ASP C 99 -3.73 -50.07 3.84
C ASP C 99 -2.87 -49.16 4.71
N GLY C 100 -3.32 -47.93 4.97
CA GLY C 100 -2.56 -46.91 5.68
C GLY C 100 -1.88 -45.97 4.70
N THR C 101 -2.40 -45.87 3.47
CA THR C 101 -1.93 -44.92 2.43
C THR C 101 -2.54 -43.55 2.76
N VAL C 102 -1.73 -42.63 3.29
CA VAL C 102 -2.12 -41.23 3.58
C VAL C 102 -2.16 -40.51 2.23
N MET C 103 -3.23 -39.72 2.01
CA MET C 103 -3.40 -38.84 0.83
C MET C 103 -3.69 -37.41 1.29
N TYR C 104 -2.63 -36.62 1.49
CA TYR C 104 -2.69 -35.20 1.95
C TYR C 104 -2.81 -34.28 0.73
N LEU C 105 -3.79 -33.39 0.78
CA LEU C 105 -3.99 -32.28 -0.19
C LEU C 105 -3.87 -30.95 0.56
N GLU C 106 -3.15 -29.98 -0.01
CA GLU C 106 -2.87 -28.66 0.60
C GLU C 106 -3.03 -27.60 -0.49
N ARG C 107 -4.18 -26.91 -0.56
CA ARG C 107 -4.34 -25.73 -1.45
C ARG C 107 -3.89 -24.48 -0.68
N PHE C 108 -3.47 -23.44 -1.38
CA PHE C 108 -2.91 -22.23 -0.74
C PHE C 108 -2.69 -21.13 -1.78
N THR C 109 -2.78 -19.88 -1.32
CA THR C 109 -2.05 -18.74 -1.94
C THR C 109 -0.78 -18.49 -1.10
N SER C 110 0.36 -18.29 -1.73
CA SER C 110 1.57 -17.76 -1.05
C SER C 110 2.45 -17.00 -2.04
N THR C 111 3.36 -16.20 -1.50
CA THR C 111 4.45 -15.53 -2.24
C THR C 111 5.73 -16.34 -2.08
N PHE C 112 6.58 -16.32 -3.11
CA PHE C 112 7.81 -17.13 -3.17
C PHE C 112 8.96 -16.28 -3.66
N GLN C 113 10.14 -16.52 -3.09
CA GLN C 113 11.40 -15.90 -3.54
C GLN C 113 11.66 -16.37 -4.97
N ALA C 114 12.04 -15.44 -5.85
CA ALA C 114 12.61 -15.71 -7.18
C ALA C 114 14.01 -15.09 -7.22
N PRO C 115 14.98 -15.65 -6.48
CA PRO C 115 16.33 -15.07 -6.45
C PRO C 115 17.06 -15.37 -7.77
N ALA C 116 16.32 -15.90 -8.75
CA ALA C 116 16.78 -16.32 -10.09
C ALA C 116 16.68 -15.17 -11.11
N PHE C 117 16.70 -13.91 -10.64
CA PHE C 117 16.26 -12.72 -11.43
C PHE C 117 17.47 -12.02 -12.05
N ASP C 118 17.51 -12.01 -13.38
CA ASP C 118 18.62 -11.48 -14.22
C ASP C 118 18.08 -10.35 -15.11
N PHE C 119 18.18 -9.10 -14.63
CA PHE C 119 17.67 -7.89 -15.33
C PHE C 119 18.67 -7.41 -16.38
N ARG C 120 19.84 -8.06 -16.50
CA ARG C 120 20.94 -7.68 -17.42
C ARG C 120 20.33 -7.26 -18.76
N LEU C 121 19.29 -7.97 -19.22
CA LEU C 121 18.74 -7.82 -20.59
C LEU C 121 17.34 -7.24 -20.59
N PHE C 122 16.89 -6.74 -19.44
CA PHE C 122 15.58 -6.06 -19.28
C PHE C 122 15.46 -5.02 -20.39
N PRO C 123 14.35 -4.98 -21.18
CA PRO C 123 13.14 -5.78 -20.96
C PRO C 123 13.08 -7.14 -21.68
N PHE C 124 14.17 -7.53 -22.32
CA PHE C 124 14.18 -8.66 -23.26
C PHE C 124 14.37 -9.98 -22.49
N ASP C 125 14.79 -9.89 -21.22
CA ASP C 125 15.14 -11.05 -20.37
C ASP C 125 14.01 -12.09 -20.32
N ASN C 126 14.41 -13.36 -20.15
CA ASN C 126 13.60 -14.53 -19.73
C ASN C 126 14.15 -14.98 -18.36
N GLN C 127 13.29 -15.48 -17.46
CA GLN C 127 13.63 -15.69 -16.03
C GLN C 127 13.22 -17.09 -15.57
N LEU C 128 13.80 -17.52 -14.44
CA LEU C 128 13.46 -18.78 -13.76
C LEU C 128 12.69 -18.49 -12.47
N PHE C 129 11.47 -19.01 -12.39
CA PHE C 129 10.67 -19.08 -11.15
C PHE C 129 10.66 -20.54 -10.70
N PHE C 130 10.82 -20.76 -9.41
CA PHE C 130 10.85 -22.12 -8.82
C PHE C 130 10.32 -22.07 -7.39
N ILE C 131 9.69 -23.19 -6.99
CA ILE C 131 9.23 -23.48 -5.61
C ILE C 131 10.04 -24.70 -5.14
N HIS C 132 10.59 -24.63 -3.93
CA HIS C 132 11.33 -25.72 -3.26
C HIS C 132 10.45 -26.28 -2.12
N VAL C 133 10.06 -27.55 -2.24
CA VAL C 133 9.43 -28.37 -1.18
C VAL C 133 10.52 -29.29 -0.63
N ASP C 134 10.97 -29.04 0.60
CA ASP C 134 12.04 -29.80 1.31
C ASP C 134 11.41 -30.74 2.36
N SER C 135 11.83 -32.02 2.42
CA SER C 135 11.63 -32.87 3.63
C SER C 135 12.50 -32.24 4.73
N ILE C 136 11.95 -31.97 5.91
CA ILE C 136 12.78 -31.55 7.07
C ILE C 136 13.71 -32.71 7.42
N PHE C 137 13.17 -33.93 7.42
CA PHE C 137 13.86 -35.18 7.87
C PHE C 137 14.73 -35.75 6.75
N PRO C 138 15.87 -36.41 7.08
CA PRO C 138 16.79 -36.94 6.08
C PRO C 138 16.20 -38.02 5.16
N GLN C 139 17.03 -38.56 4.26
CA GLN C 139 16.64 -39.58 3.25
C GLN C 139 16.87 -40.99 3.79
N HIS C 140 17.36 -41.11 5.04
CA HIS C 140 17.44 -42.40 5.78
C HIS C 140 16.02 -42.75 6.28
N LEU C 141 15.19 -41.74 6.55
CA LEU C 141 13.81 -41.88 7.11
C LEU C 141 12.76 -41.76 6.00
N PHE C 142 12.79 -40.66 5.23
CA PHE C 142 11.80 -40.34 4.17
C PHE C 142 12.52 -39.96 2.87
N ARG C 143 12.08 -40.57 1.76
CA ARG C 143 12.49 -40.19 0.39
C ARG C 143 11.30 -39.52 -0.30
N PHE C 144 11.53 -38.37 -0.93
CA PHE C 144 10.55 -37.74 -1.85
C PHE C 144 10.70 -38.43 -3.20
N GLN C 145 9.58 -38.90 -3.74
CA GLN C 145 9.44 -39.40 -5.12
C GLN C 145 8.44 -38.49 -5.82
N GLU C 146 8.43 -38.50 -7.15
CA GLU C 146 7.57 -37.61 -7.97
C GLU C 146 6.20 -38.26 -8.12
N MET C 147 5.18 -37.72 -7.44
CA MET C 147 3.76 -38.04 -7.75
C MET C 147 3.59 -37.79 -9.26
N GLN C 148 3.20 -38.81 -10.03
CA GLN C 148 3.14 -38.72 -11.52
C GLN C 148 1.74 -38.28 -11.92
N GLY C 149 1.62 -37.64 -13.09
CA GLY C 149 0.37 -37.07 -13.62
C GLY C 149 -0.30 -36.13 -12.63
N PHE C 150 0.44 -35.13 -12.14
CA PHE C 150 -0.11 -34.01 -11.33
C PHE C 150 0.73 -32.73 -11.43
N SER C 151 1.94 -32.76 -10.86
CA SER C 151 2.88 -31.60 -10.74
C SER C 151 3.03 -30.92 -12.10
N GLY C 152 2.86 -29.58 -12.14
CA GLY C 152 2.95 -28.74 -13.35
C GLY C 152 2.31 -27.37 -13.15
N LEU C 153 1.86 -26.73 -14.24
CA LEU C 153 1.14 -25.43 -14.20
C LEU C 153 -0.21 -25.59 -14.89
N GLY C 154 -1.29 -25.06 -14.29
CA GLY C 154 -2.67 -25.09 -14.84
C GLY C 154 -2.78 -24.21 -16.08
N ASP C 155 -3.96 -24.11 -16.71
CA ASP C 155 -4.08 -23.27 -17.94
C ASP C 155 -5.08 -22.14 -17.75
N GLN C 156 -5.19 -21.62 -16.52
CA GLN C 156 -5.77 -20.29 -16.25
C GLN C 156 -4.94 -19.59 -15.18
N LEU C 157 -3.70 -19.24 -15.52
CA LEU C 157 -2.71 -18.59 -14.63
C LEU C 157 -3.08 -17.11 -14.47
N GLY C 158 -3.59 -16.50 -15.54
CA GLY C 158 -4.14 -15.12 -15.56
C GLY C 158 -3.05 -14.06 -15.56
N GLU C 159 -1.82 -14.44 -15.94
CA GLU C 159 -0.62 -13.56 -15.93
C GLU C 159 -0.34 -13.08 -17.36
N GLU C 160 -0.40 -11.77 -17.58
CA GLU C 160 -0.52 -11.17 -18.92
C GLU C 160 0.84 -10.70 -19.42
N GLU C 161 1.72 -10.21 -18.53
CA GLU C 161 3.04 -9.64 -18.95
C GLU C 161 3.97 -10.81 -19.28
N TRP C 162 4.06 -11.78 -18.39
CA TRP C 162 4.90 -12.96 -18.62
C TRP C 162 4.11 -13.96 -19.43
N ILE C 163 4.83 -14.88 -20.05
CA ILE C 163 4.27 -16.03 -20.81
C ILE C 163 5.25 -17.19 -20.67
N VAL C 164 4.76 -18.30 -20.14
CA VAL C 164 5.60 -19.39 -19.55
C VAL C 164 6.11 -20.25 -20.71
N THR C 165 7.43 -20.32 -20.91
CA THR C 165 8.04 -21.16 -21.97
C THR C 165 7.82 -22.65 -21.62
N GLU C 166 8.29 -23.11 -20.46
CA GLU C 166 8.34 -24.56 -20.11
C GLU C 166 8.33 -24.78 -18.59
N VAL C 167 7.85 -25.95 -18.14
CA VAL C 167 7.86 -26.38 -16.70
C VAL C 167 8.70 -27.67 -16.59
N ASN C 168 9.46 -27.81 -15.50
CA ASN C 168 10.25 -29.03 -15.17
C ASN C 168 9.94 -29.39 -13.72
N THR C 169 9.88 -30.69 -13.41
CA THR C 169 9.88 -31.22 -12.02
C THR C 169 11.13 -32.10 -11.89
N HIS C 170 11.80 -32.04 -10.75
CA HIS C 170 12.94 -32.93 -10.47
C HIS C 170 13.15 -33.03 -8.95
N LEU C 171 13.92 -34.02 -8.51
CA LEU C 171 14.26 -34.19 -7.09
C LEU C 171 15.73 -33.84 -6.90
N THR C 172 16.09 -33.56 -5.66
CA THR C 172 17.50 -33.35 -5.25
C THR C 172 17.54 -33.32 -3.72
N THR C 173 18.68 -32.93 -3.15
CA THR C 173 18.87 -32.95 -1.68
C THR C 173 19.14 -31.54 -1.16
N HIS C 174 19.13 -31.40 0.16
CA HIS C 174 19.55 -30.19 0.91
C HIS C 174 20.18 -30.64 2.23
N ASN C 175 20.63 -29.70 3.07
CA ASN C 175 21.19 -30.00 4.41
C ASN C 175 20.85 -28.84 5.36
N GLU C 176 19.59 -28.41 5.33
CA GLU C 176 19.11 -27.14 5.94
C GLU C 176 19.25 -27.20 7.47
N PHE C 177 18.64 -28.19 8.11
CA PHE C 177 18.52 -28.31 9.59
C PHE C 177 19.30 -29.55 10.04
N THR C 178 19.11 -30.65 9.31
CA THR C 178 19.94 -31.90 9.33
C THR C 178 21.31 -31.60 8.73
N LYS C 179 22.30 -32.43 9.04
CA LYS C 179 23.56 -32.52 8.28
C LYS C 179 23.56 -33.86 7.52
N GLY C 180 22.55 -34.70 7.78
CA GLY C 180 22.14 -35.79 6.87
C GLY C 180 21.47 -35.23 5.63
N ASP C 181 21.76 -35.78 4.45
CA ASP C 181 21.07 -35.45 3.17
C ASP C 181 19.57 -35.60 3.33
N ALA C 182 18.80 -34.64 2.79
CA ALA C 182 17.32 -34.58 2.83
C ALA C 182 16.77 -34.34 1.42
N SER C 183 15.55 -34.80 1.15
CA SER C 183 14.85 -34.67 -0.15
C SER C 183 14.45 -33.20 -0.37
N ARG C 184 14.49 -32.75 -1.63
CA ARG C 184 13.90 -31.46 -2.08
C ARG C 184 13.22 -31.67 -3.44
N PHE C 185 11.89 -31.73 -3.45
CA PHE C 185 11.06 -31.69 -4.69
C PHE C 185 11.06 -30.25 -5.21
N VAL C 186 11.32 -30.08 -6.50
CA VAL C 186 11.44 -28.74 -7.14
C VAL C 186 10.48 -28.67 -8.33
N LEU C 187 9.65 -27.62 -8.36
CA LEU C 187 8.86 -27.19 -9.54
C LEU C 187 9.47 -25.87 -10.06
N GLU C 188 10.23 -25.97 -11.16
CA GLU C 188 10.82 -24.85 -11.94
C GLU C 188 9.88 -24.48 -13.09
N PHE C 189 9.78 -23.20 -13.43
CA PHE C 189 9.22 -22.73 -14.72
C PHE C 189 10.00 -21.50 -15.17
N HIS C 190 10.28 -21.42 -16.47
CA HIS C 190 10.73 -20.18 -17.15
C HIS C 190 9.51 -19.50 -17.76
N ALA C 191 9.47 -18.18 -17.64
CA ALA C 191 8.59 -17.32 -18.45
C ALA C 191 9.45 -16.26 -19.11
N GLU C 192 8.94 -15.67 -20.17
CA GLU C 192 9.54 -14.47 -20.82
C GLU C 192 8.45 -13.42 -20.99
N ARG C 193 8.90 -12.20 -21.23
CA ARG C 193 8.15 -10.94 -21.01
C ARG C 193 7.51 -10.51 -22.34
N HIS C 194 6.19 -10.27 -22.34
CA HIS C 194 5.45 -9.59 -23.44
C HIS C 194 5.88 -8.12 -23.50
N LEU C 195 6.60 -7.75 -24.56
CA LEU C 195 7.31 -6.44 -24.68
C LEU C 195 6.35 -5.36 -25.19
N ASN C 196 5.11 -5.71 -25.54
CA ASN C 196 4.08 -4.74 -25.98
C ASN C 196 4.18 -3.53 -25.07
N TYR C 197 3.93 -3.71 -23.76
CA TYR C 197 3.94 -2.63 -22.76
C TYR C 197 5.11 -1.69 -23.06
N TYR C 198 6.34 -2.23 -23.10
CA TYR C 198 7.59 -1.44 -23.24
C TYR C 198 7.58 -0.72 -24.58
N LEU C 199 7.33 -1.42 -25.69
CA LEU C 199 7.18 -0.75 -26.99
C LEU C 199 6.25 0.46 -26.80
N MET C 200 5.04 0.18 -26.31
CA MET C 200 3.88 1.11 -26.37
C MET C 200 4.13 2.34 -25.52
N ARG C 201 4.70 2.17 -24.32
CA ARG C 201 4.76 3.23 -23.29
C ARG C 201 6.14 3.89 -23.28
N ILE C 202 7.22 3.14 -23.59
CA ILE C 202 8.63 3.63 -23.50
C ILE C 202 9.22 3.84 -24.89
N LEU C 203 9.46 2.77 -25.65
CA LEU C 203 10.18 2.86 -26.96
C LEU C 203 9.45 3.86 -27.88
N ILE C 204 8.17 3.63 -28.20
CA ILE C 204 7.44 4.46 -29.20
C ILE C 204 7.57 5.94 -28.82
N PRO C 205 7.16 6.37 -27.60
CA PRO C 205 7.31 7.77 -27.20
C PRO C 205 8.72 8.31 -27.48
N VAL C 206 9.72 7.70 -26.85
CA VAL C 206 11.14 8.11 -26.98
C VAL C 206 11.49 8.31 -28.46
N LEU C 207 11.10 7.41 -29.35
CA LEU C 207 11.40 7.53 -30.79
C LEU C 207 10.63 8.74 -31.34
N LEU C 208 9.34 8.87 -31.02
CA LEU C 208 8.57 10.07 -31.40
C LEU C 208 9.37 11.31 -30.98
N ILE C 209 9.64 11.46 -29.67
CA ILE C 209 10.37 12.64 -29.14
C ILE C 209 11.60 12.88 -30.02
N ILE C 210 12.40 11.84 -30.26
CA ILE C 210 13.70 11.94 -30.99
C ILE C 210 13.45 12.37 -32.44
N THR C 211 12.46 11.78 -33.10
CA THR C 211 12.18 12.00 -34.54
C THR C 211 11.57 13.38 -34.76
N VAL C 212 10.49 13.68 -34.05
CA VAL C 212 9.83 15.01 -34.13
C VAL C 212 10.91 16.06 -33.82
N SER C 213 11.64 15.87 -32.71
CA SER C 213 12.77 16.76 -32.32
C SER C 213 13.60 17.05 -33.58
N TRP C 214 14.02 16.00 -34.27
CA TRP C 214 14.88 16.11 -35.49
C TRP C 214 14.21 16.96 -36.56
N PHE C 215 12.90 16.84 -36.76
CA PHE C 215 12.16 17.61 -37.81
C PHE C 215 12.47 19.10 -37.65
N THR C 216 12.48 19.60 -36.41
CA THR C 216 12.66 21.04 -36.10
C THR C 216 14.07 21.51 -36.49
N PHE C 217 14.93 20.60 -36.94
CA PHE C 217 16.29 20.96 -37.41
C PHE C 217 16.15 21.69 -38.75
N PHE C 218 15.21 21.26 -39.58
CA PHE C 218 14.96 21.85 -40.92
C PHE C 218 14.48 23.31 -40.80
N LEU C 219 14.21 23.77 -39.58
CA LEU C 219 13.89 25.19 -39.30
C LEU C 219 15.18 26.02 -39.30
N GLN C 220 16.32 25.38 -39.08
CA GLN C 220 17.67 26.00 -39.14
C GLN C 220 17.79 27.06 -38.03
N ASP C 221 17.16 26.84 -36.87
CA ASP C 221 17.26 27.72 -35.68
C ASP C 221 18.00 26.95 -34.58
N TYR C 222 19.28 27.28 -34.36
CA TYR C 222 20.22 26.54 -33.47
C TYR C 222 19.85 26.81 -32.01
N THR C 223 19.48 28.04 -31.68
CA THR C 223 18.82 28.38 -30.39
C THR C 223 17.70 27.36 -30.18
N LYS C 224 16.73 27.30 -31.09
CA LYS C 224 15.53 26.44 -30.93
C LYS C 224 15.91 24.95 -30.91
N ARG C 225 17.07 24.56 -31.45
CA ARG C 225 17.54 23.16 -31.35
C ARG C 225 18.05 22.90 -29.93
N ILE C 226 18.80 23.86 -29.38
CA ILE C 226 19.46 23.75 -28.05
C ILE C 226 18.40 23.73 -26.95
N ASP C 227 17.41 24.60 -27.08
CA ASP C 227 16.30 24.70 -26.11
C ASP C 227 15.58 23.35 -26.16
N LEU C 228 15.50 22.76 -27.35
CA LEU C 228 14.72 21.54 -27.62
C LEU C 228 15.45 20.35 -26.99
N ALA C 229 16.71 20.18 -27.36
CA ALA C 229 17.56 19.07 -26.89
C ALA C 229 17.68 19.12 -25.36
N GLY C 230 17.80 20.31 -24.79
CA GLY C 230 17.83 20.50 -23.32
C GLY C 230 16.57 19.97 -22.64
N GLY C 231 15.42 20.18 -23.27
CA GLY C 231 14.09 19.72 -22.81
C GLY C 231 13.97 18.21 -22.91
N ASN C 232 14.42 17.66 -24.03
CA ASN C 232 14.51 16.19 -24.25
C ASN C 232 15.27 15.57 -23.07
N LEU C 233 16.42 16.15 -22.70
CA LEU C 233 17.27 15.63 -21.60
C LEU C 233 16.39 15.33 -20.39
N LEU C 234 15.67 16.33 -19.88
CA LEU C 234 14.81 16.17 -18.69
C LEU C 234 13.78 15.08 -19.00
N LEU C 235 13.20 15.13 -20.19
CA LEU C 235 12.22 14.08 -20.62
C LEU C 235 12.84 12.71 -20.35
N PHE C 236 14.02 12.44 -20.91
CA PHE C 236 14.70 11.12 -20.76
C PHE C 236 14.98 10.86 -19.27
N ILE C 237 15.48 11.88 -18.57
CA ILE C 237 15.76 11.80 -17.11
C ILE C 237 14.46 11.38 -16.40
N ALA C 238 13.31 11.82 -16.88
CA ALA C 238 12.02 11.34 -16.36
C ALA C 238 11.91 9.85 -16.68
N PHE C 239 12.01 9.47 -17.95
CA PHE C 239 11.87 8.05 -18.38
C PHE C 239 12.81 7.19 -17.55
N ASN C 240 13.96 7.75 -17.19
CA ASN C 240 14.98 7.18 -16.26
C ASN C 240 14.34 6.80 -14.92
N PHE C 241 13.42 7.62 -14.40
CA PHE C 241 12.71 7.38 -13.12
C PHE C 241 11.50 6.48 -13.36
N THR C 242 10.78 6.60 -14.47
CA THR C 242 9.71 5.63 -14.81
C THR C 242 10.31 4.23 -14.70
N ILE C 243 11.40 4.01 -15.43
CA ILE C 243 11.97 2.64 -15.62
C ILE C 243 12.62 2.19 -14.32
N SER C 244 13.40 3.06 -13.67
CA SER C 244 14.11 2.72 -12.41
C SER C 244 13.16 2.01 -11.44
N SER C 245 11.91 2.47 -11.35
CA SER C 245 10.94 2.06 -10.30
C SER C 245 10.18 0.78 -10.68
N ASP C 246 10.29 0.24 -11.90
CA ASP C 246 9.80 -1.13 -12.21
C ASP C 246 10.72 -2.13 -11.50
N LEU C 247 11.98 -1.75 -11.32
CA LEU C 247 13.12 -2.63 -10.97
C LEU C 247 13.60 -2.34 -9.55
N PRO C 248 14.44 -3.25 -8.99
CA PRO C 248 15.12 -3.00 -7.73
C PRO C 248 16.22 -1.96 -7.89
N ARG C 249 16.89 -1.66 -6.79
CA ARG C 249 18.04 -0.72 -6.76
C ARG C 249 19.29 -1.55 -7.06
N LEU C 250 19.28 -2.17 -8.24
CA LEU C 250 20.33 -3.10 -8.71
C LEU C 250 21.68 -2.39 -8.62
N GLY C 251 22.72 -3.16 -8.27
CA GLY C 251 24.13 -2.73 -8.38
C GLY C 251 24.66 -3.00 -9.77
N TYR C 252 23.89 -3.70 -10.62
CA TYR C 252 24.31 -4.06 -12.00
C TYR C 252 23.50 -3.24 -13.00
N ILE C 253 24.04 -3.09 -14.21
CA ILE C 253 23.56 -2.12 -15.24
C ILE C 253 22.70 -2.87 -16.26
N THR C 254 21.40 -2.56 -16.29
CA THR C 254 20.39 -3.08 -17.24
C THR C 254 20.79 -2.71 -18.68
N LEU C 255 20.19 -3.37 -19.67
CA LEU C 255 20.22 -2.93 -21.09
C LEU C 255 19.43 -1.62 -21.21
N MET C 256 18.24 -1.61 -20.63
CA MET C 256 17.42 -0.38 -20.48
C MET C 256 18.33 0.75 -19.99
N ASP C 257 19.07 0.54 -18.89
CA ASP C 257 19.94 1.59 -18.30
C ASP C 257 20.85 2.18 -19.38
N ALA C 258 21.45 1.31 -20.21
CA ALA C 258 22.34 1.74 -21.30
C ALA C 258 21.54 2.64 -22.25
N PHE C 259 20.45 2.12 -22.82
CA PHE C 259 19.60 2.81 -23.82
C PHE C 259 19.34 4.25 -23.40
N LEU C 260 18.94 4.44 -22.13
CA LEU C 260 18.67 5.79 -21.56
C LEU C 260 19.97 6.58 -21.55
N VAL C 261 21.00 6.11 -20.83
CA VAL C 261 22.30 6.85 -20.76
C VAL C 261 22.79 7.10 -22.20
N GLY C 262 22.48 6.19 -23.12
CA GLY C 262 22.72 6.38 -24.56
C GLY C 262 22.15 7.71 -25.01
N THR C 263 20.83 7.87 -24.86
CA THR C 263 20.10 9.09 -25.28
C THR C 263 20.73 10.30 -24.59
N PHE C 264 20.97 10.20 -23.28
CA PHE C 264 21.58 11.27 -22.45
C PHE C 264 22.82 11.82 -23.16
N ILE C 265 23.77 10.92 -23.46
CA ILE C 265 25.07 11.25 -24.09
C ILE C 265 24.79 12.01 -25.39
N ILE C 266 24.04 11.40 -26.32
CA ILE C 266 23.74 12.01 -27.64
C ILE C 266 23.18 13.42 -27.40
N THR C 267 22.06 13.48 -26.67
CA THR C 267 21.30 14.73 -26.41
C THR C 267 22.27 15.81 -25.94
N ALA C 268 23.12 15.51 -24.95
CA ALA C 268 24.10 16.48 -24.41
C ALA C 268 25.01 17.00 -25.53
N LEU C 269 25.41 16.10 -26.45
CA LEU C 269 26.35 16.43 -27.55
C LEU C 269 25.57 17.13 -28.67
N VAL C 270 24.27 16.85 -28.82
CA VAL C 270 23.39 17.64 -29.73
C VAL C 270 23.41 19.09 -29.25
N VAL C 271 23.27 19.30 -27.94
CA VAL C 271 23.34 20.65 -27.33
C VAL C 271 24.70 21.23 -27.73
N LEU C 272 25.77 20.57 -27.30
CA LEU C 272 27.16 21.04 -27.46
C LEU C 272 27.44 21.42 -28.92
N GLY C 273 27.04 20.56 -29.86
CA GLY C 273 27.23 20.78 -31.31
C GLY C 273 26.50 22.02 -31.80
N ASN C 274 25.21 22.13 -31.48
CA ASN C 274 24.37 23.26 -31.92
C ASN C 274 24.79 24.53 -31.19
N VAL C 275 25.37 24.43 -29.99
CA VAL C 275 25.98 25.59 -29.27
C VAL C 275 27.05 26.18 -30.18
N TRP C 276 27.84 25.29 -30.80
CA TRP C 276 29.03 25.68 -31.58
C TRP C 276 28.61 26.18 -32.97
N LEU C 277 27.61 25.55 -33.59
CA LEU C 277 26.95 26.10 -34.83
C LEU C 277 26.45 27.52 -34.56
N ARG C 278 25.84 27.74 -33.39
CA ARG C 278 25.22 29.03 -33.00
C ARG C 278 26.31 30.04 -32.66
N ARG C 279 27.40 29.55 -32.07
CA ARG C 279 28.64 30.33 -31.82
C ARG C 279 29.12 30.99 -33.13
N LEU C 280 29.01 30.27 -34.26
CA LEU C 280 29.54 30.74 -35.58
C LEU C 280 28.66 31.83 -36.18
N GLU C 281 27.33 31.76 -36.00
CA GLU C 281 26.37 32.83 -36.36
C GLU C 281 26.71 34.09 -35.55
N ASN C 282 26.98 33.93 -34.24
CA ASN C 282 27.35 35.01 -33.29
C ASN C 282 28.65 35.71 -33.72
N HIS C 283 29.49 35.05 -34.55
CA HIS C 283 30.87 35.48 -34.87
C HIS C 283 30.97 35.86 -36.36
N GLY C 284 29.85 36.05 -37.04
CA GLY C 284 29.76 36.54 -38.43
C GLY C 284 30.16 35.47 -39.43
N LYS C 285 30.03 34.21 -39.04
CA LYS C 285 30.30 33.04 -39.90
C LYS C 285 28.98 32.28 -40.05
N GLN C 286 27.88 33.01 -40.25
CA GLN C 286 26.50 32.47 -40.41
C GLN C 286 26.48 31.44 -41.55
N ALA C 287 27.09 31.76 -42.71
CA ALA C 287 27.04 30.97 -43.98
C ALA C 287 27.89 29.71 -43.89
N LEU C 288 28.86 29.70 -42.99
CA LEU C 288 29.71 28.52 -42.68
C LEU C 288 28.90 27.55 -41.82
N ALA C 289 28.37 28.03 -40.69
CA ALA C 289 27.45 27.27 -39.81
C ALA C 289 26.39 26.59 -40.68
N ARG C 290 25.87 27.31 -41.68
CA ARG C 290 24.90 26.80 -42.68
C ARG C 290 25.52 25.67 -43.52
N LYS C 291 26.79 25.80 -43.89
CA LYS C 291 27.52 24.71 -44.57
C LYS C 291 27.56 23.51 -43.62
N LEU C 292 28.13 23.69 -42.43
CA LEU C 292 28.33 22.58 -41.47
C LEU C 292 26.99 21.94 -41.12
N ASP C 293 25.90 22.70 -41.23
CA ASP C 293 24.53 22.32 -40.78
C ASP C 293 24.23 20.90 -41.26
N ILE C 294 24.57 20.57 -42.52
CA ILE C 294 24.14 19.27 -43.12
C ILE C 294 24.67 18.12 -42.27
N TYR C 295 25.88 18.26 -41.70
CA TYR C 295 26.43 17.30 -40.71
C TYR C 295 25.43 17.20 -39.54
N ALA C 296 25.25 18.31 -38.84
CA ALA C 296 24.37 18.46 -37.66
C ALA C 296 23.05 17.76 -37.94
N ILE C 297 22.48 17.94 -39.15
CA ILE C 297 21.13 17.41 -39.52
C ILE C 297 21.19 15.88 -39.74
N THR C 298 22.34 15.33 -40.17
CA THR C 298 22.46 13.88 -40.46
C THR C 298 23.50 13.25 -39.51
N SER C 299 23.83 13.91 -38.39
CA SER C 299 24.51 13.28 -37.24
C SER C 299 23.47 12.81 -36.23
N TYR C 300 22.28 13.45 -36.24
CA TYR C 300 21.18 13.12 -35.31
C TYR C 300 20.77 11.68 -35.57
N PRO C 301 20.32 11.32 -36.80
CA PRO C 301 19.79 9.98 -37.05
C PRO C 301 20.87 8.90 -36.97
N LEU C 302 22.11 9.26 -37.26
CA LEU C 302 23.28 8.33 -37.30
C LEU C 302 23.83 8.11 -35.89
N ALA C 303 23.95 9.16 -35.07
CA ALA C 303 24.36 9.06 -33.66
C ALA C 303 23.40 8.13 -32.89
N TYR C 304 22.10 8.19 -33.19
CA TYR C 304 21.03 7.38 -32.55
C TYR C 304 20.88 6.02 -33.25
N LEU C 305 21.56 5.78 -34.39
CA LEU C 305 21.54 4.46 -35.08
C LEU C 305 22.89 3.74 -34.92
N LEU C 306 23.99 4.49 -34.90
CA LEU C 306 25.28 4.09 -34.24
C LEU C 306 24.97 3.57 -32.83
N GLY C 307 24.02 4.20 -32.14
CA GLY C 307 23.54 3.80 -30.80
C GLY C 307 22.84 2.46 -30.81
N ALA C 308 21.98 2.20 -31.80
CA ALA C 308 21.15 0.96 -31.95
C ALA C 308 22.03 -0.28 -32.12
N LEU C 309 23.32 -0.11 -32.45
CA LEU C 309 24.30 -1.22 -32.66
C LEU C 309 25.42 -1.14 -31.62
N THR C 310 25.60 -0.01 -30.92
CA THR C 310 26.46 0.06 -29.70
C THR C 310 25.87 -0.89 -28.65
N LEU C 311 24.54 -0.95 -28.55
CA LEU C 311 23.81 -1.77 -27.56
C LEU C 311 23.63 -3.19 -28.11
N TRP C 312 23.00 -3.29 -29.29
CA TRP C 312 22.55 -4.57 -29.89
C TRP C 312 23.77 -5.48 -30.14
N LEU C 313 24.98 -4.91 -30.16
CA LEU C 313 26.24 -5.69 -30.15
C LEU C 313 26.68 -5.90 -28.70
N LEU C 314 27.02 -4.82 -27.95
CA LEU C 314 27.52 -4.90 -26.54
C LEU C 314 26.67 -5.87 -25.70
N PHE C 315 25.34 -5.92 -25.90
CA PHE C 315 24.38 -6.68 -25.04
C PHE C 315 23.70 -7.82 -25.83
N PHE C 316 24.17 -8.14 -27.04
CA PHE C 316 23.79 -9.34 -27.84
C PHE C 316 24.98 -9.71 -28.74
N GLU D 7 -24.36 -45.26 -4.80
CA GLU D 7 -25.32 -44.12 -4.95
C GLU D 7 -24.68 -42.84 -4.42
N PRO D 8 -24.39 -41.83 -5.27
CA PRO D 8 -23.88 -40.55 -4.79
C PRO D 8 -24.92 -39.71 -4.05
N SER D 9 -24.63 -39.29 -2.81
CA SER D 9 -25.51 -38.40 -2.00
C SER D 9 -25.33 -36.96 -2.51
N ASP D 10 -26.44 -36.24 -2.61
CA ASP D 10 -26.54 -34.92 -3.29
C ASP D 10 -26.22 -33.81 -2.29
N VAL D 11 -25.59 -32.75 -2.78
CA VAL D 11 -25.17 -31.56 -1.98
C VAL D 11 -25.70 -30.32 -2.71
N PHE D 12 -26.39 -29.44 -1.99
CA PHE D 12 -27.22 -28.35 -2.56
C PHE D 12 -26.53 -27.00 -2.29
N ILE D 13 -25.82 -26.53 -3.32
CA ILE D 13 -24.79 -25.44 -3.26
C ILE D 13 -25.43 -24.11 -3.64
N GLY D 14 -25.59 -23.24 -2.64
CA GLY D 14 -26.01 -21.83 -2.81
C GLY D 14 -24.84 -20.90 -2.58
N LEU D 15 -24.60 -19.94 -3.47
CA LEU D 15 -23.56 -18.89 -3.29
C LEU D 15 -24.14 -17.54 -3.71
N LYS D 16 -24.39 -16.66 -2.75
CA LYS D 16 -24.89 -15.27 -2.94
C LYS D 16 -23.73 -14.29 -2.70
N ILE D 17 -23.72 -13.16 -3.40
CA ILE D 17 -22.64 -12.14 -3.30
C ILE D 17 -23.28 -10.85 -2.78
N ASP D 18 -23.10 -10.55 -1.50
CA ASP D 18 -23.75 -9.41 -0.82
C ASP D 18 -23.07 -8.13 -1.28
N GLN D 19 -21.74 -8.15 -1.43
CA GLN D 19 -20.93 -6.96 -1.84
C GLN D 19 -19.92 -7.35 -2.92
N ILE D 20 -19.67 -6.41 -3.85
CA ILE D 20 -18.40 -6.30 -4.62
C ILE D 20 -17.58 -5.20 -3.94
N THR D 21 -16.60 -5.60 -3.12
CA THR D 21 -15.70 -4.69 -2.36
C THR D 21 -14.88 -3.91 -3.38
N GLY D 22 -14.41 -4.59 -4.43
CA GLY D 22 -13.86 -3.93 -5.62
C GLY D 22 -13.36 -4.92 -6.66
N ILE D 23 -13.28 -4.45 -7.91
CA ILE D 23 -12.67 -5.16 -9.06
C ILE D 23 -11.33 -4.48 -9.35
N ASN D 24 -10.22 -5.10 -8.97
CA ASN D 24 -8.86 -4.60 -9.28
C ASN D 24 -8.49 -5.09 -10.70
N GLN D 25 -8.65 -4.26 -11.71
CA GLN D 25 -8.46 -4.70 -13.11
C GLN D 25 -6.99 -4.78 -13.45
N LYS D 26 -6.11 -4.10 -12.69
CA LYS D 26 -4.64 -4.13 -12.93
C LYS D 26 -4.07 -5.51 -12.54
N GLU D 27 -4.61 -6.13 -11.50
CA GLU D 27 -4.15 -7.46 -11.00
C GLU D 27 -5.06 -8.57 -11.54
N GLU D 28 -6.13 -8.21 -12.27
CA GLU D 28 -7.06 -9.17 -12.91
C GLU D 28 -7.69 -10.07 -11.85
N ASN D 29 -8.27 -9.45 -10.82
CA ASN D 29 -9.11 -10.15 -9.81
C ASN D 29 -10.26 -9.23 -9.40
N PHE D 30 -11.19 -9.75 -8.60
CA PHE D 30 -12.27 -8.98 -7.97
C PHE D 30 -12.42 -9.50 -6.55
N SER D 31 -13.08 -8.74 -5.69
CA SER D 31 -13.28 -9.08 -4.26
C SER D 31 -14.75 -8.89 -3.90
N VAL D 32 -15.24 -9.81 -3.06
CA VAL D 32 -16.68 -9.97 -2.71
C VAL D 32 -16.80 -10.36 -1.24
N VAL D 33 -17.76 -9.74 -0.56
CA VAL D 33 -18.45 -10.32 0.62
C VAL D 33 -19.48 -11.30 0.07
N GLY D 34 -19.49 -12.55 0.56
CA GLY D 34 -20.37 -13.63 0.06
C GLY D 34 -20.80 -14.59 1.15
N SER D 35 -22.00 -15.16 1.00
CA SER D 35 -22.56 -16.27 1.81
C SER D 35 -22.59 -17.55 0.95
N LEU D 36 -22.06 -18.66 1.46
CA LEU D 36 -22.22 -20.00 0.84
C LEU D 36 -23.20 -20.79 1.69
N ARG D 37 -24.12 -21.51 1.04
CA ARG D 37 -25.18 -22.31 1.71
C ARG D 37 -25.20 -23.71 1.08
N ILE D 38 -25.24 -24.72 1.92
CA ILE D 38 -25.13 -26.17 1.56
C ILE D 38 -26.21 -26.91 2.34
N ASP D 39 -27.16 -27.52 1.62
CA ASP D 39 -28.03 -28.59 2.18
C ASP D 39 -27.42 -29.93 1.76
N TRP D 40 -27.16 -30.81 2.73
CA TRP D 40 -26.62 -32.17 2.51
C TRP D 40 -27.18 -33.11 3.58
N ARG D 41 -28.05 -34.03 3.15
CA ARG D 41 -28.67 -35.07 4.03
C ARG D 41 -27.70 -36.24 4.16
N GLN D 42 -27.28 -36.47 5.40
CA GLN D 42 -26.59 -37.71 5.82
C GLN D 42 -27.56 -38.47 6.73
N PRO D 43 -28.17 -39.58 6.27
CA PRO D 43 -28.93 -40.46 7.14
C PRO D 43 -28.19 -40.71 8.47
N LEU D 44 -26.90 -41.04 8.37
CA LEU D 44 -26.06 -41.51 9.50
C LEU D 44 -25.97 -40.46 10.61
N LEU D 45 -26.19 -39.18 10.29
CA LEU D 45 -26.11 -38.06 11.27
C LEU D 45 -27.46 -37.86 11.96
N ALA D 46 -28.51 -38.55 11.48
CA ALA D 46 -29.85 -38.56 12.09
C ALA D 46 -29.73 -38.87 13.58
N PHE D 47 -30.60 -38.28 14.39
CA PHE D 47 -30.67 -38.49 15.85
C PHE D 47 -32.14 -38.50 16.27
N GLU D 48 -32.42 -38.91 17.50
CA GLU D 48 -33.78 -38.85 18.11
C GLU D 48 -33.68 -38.04 19.39
N HIS D 49 -34.63 -37.15 19.61
CA HIS D 49 -34.71 -36.17 20.74
C HIS D 49 -35.93 -36.50 21.59
N ALA D 50 -35.79 -36.55 22.91
CA ALA D 50 -36.93 -36.52 23.85
C ALA D 50 -37.63 -35.18 23.66
N PRO D 51 -38.98 -35.12 23.65
CA PRO D 51 -39.70 -33.85 23.59
C PRO D 51 -39.25 -32.89 24.71
N GLY D 52 -39.01 -31.62 24.37
CA GLY D 52 -38.40 -30.64 25.28
C GLY D 52 -36.93 -30.44 24.98
N GLU D 53 -36.36 -31.31 24.13
CA GLU D 53 -35.01 -31.13 23.52
C GLU D 53 -35.20 -30.80 22.04
N PRO D 54 -34.68 -29.66 21.55
CA PRO D 54 -34.89 -29.25 20.16
C PRO D 54 -34.50 -30.35 19.16
N LYS D 55 -35.18 -30.38 18.01
CA LYS D 55 -35.01 -31.40 16.95
C LYS D 55 -34.04 -30.87 15.88
N HIS D 56 -33.47 -29.68 16.12
CA HIS D 56 -32.48 -29.03 15.23
C HIS D 56 -31.24 -28.64 16.07
N ARG D 57 -30.10 -29.28 15.81
CA ARG D 57 -28.82 -29.06 16.53
C ARG D 57 -28.01 -27.96 15.81
N THR D 58 -27.39 -27.06 16.57
CA THR D 58 -26.59 -25.92 16.07
C THR D 58 -25.12 -26.12 16.50
N TYR D 59 -24.21 -26.11 15.52
CA TYR D 59 -22.79 -26.54 15.66
C TYR D 59 -21.83 -25.53 15.05
N THR D 60 -20.79 -25.15 15.80
CA THR D 60 -19.52 -24.58 15.24
C THR D 60 -19.01 -25.61 14.23
N LEU D 61 -18.59 -25.18 13.03
CA LEU D 61 -17.95 -26.11 12.05
C LEU D 61 -16.85 -26.89 12.79
N ALA D 62 -16.14 -26.20 13.68
CA ALA D 62 -15.03 -26.76 14.50
C ALA D 62 -15.45 -28.10 15.07
N THR D 63 -16.56 -28.18 15.82
CA THR D 63 -17.01 -29.42 16.52
C THR D 63 -17.87 -30.28 15.58
N PHE D 64 -18.53 -29.70 14.58
CA PHE D 64 -19.33 -30.50 13.60
C PHE D 64 -18.40 -31.47 12.88
N LEU D 65 -17.20 -31.03 12.50
CA LEU D 65 -16.21 -31.88 11.80
C LEU D 65 -15.58 -32.87 12.79
N LYS D 66 -15.33 -32.44 14.03
CA LYS D 66 -14.76 -33.31 15.09
C LYS D 66 -15.79 -34.43 15.36
N LEU D 67 -17.08 -34.15 15.13
CA LEU D 67 -18.19 -35.13 15.22
C LEU D 67 -18.11 -36.11 14.05
N LEU D 68 -18.08 -35.60 12.81
CA LEU D 68 -17.97 -36.42 11.58
C LEU D 68 -16.73 -37.32 11.67
N GLU D 69 -15.66 -36.84 12.32
CA GLU D 69 -14.37 -37.57 12.47
C GLU D 69 -14.53 -38.73 13.47
N GLU D 70 -15.30 -38.54 14.54
CA GLU D 70 -15.66 -39.62 15.50
C GLU D 70 -16.43 -40.69 14.73
N LYS D 71 -17.51 -40.29 14.05
CA LYS D 71 -18.41 -41.21 13.30
C LYS D 71 -17.76 -41.68 12.00
N GLN D 72 -16.52 -41.23 11.69
CA GLN D 72 -15.83 -41.52 10.40
C GLN D 72 -16.85 -41.39 9.26
N ILE D 73 -17.63 -40.29 9.24
CA ILE D 73 -18.52 -39.93 8.10
C ILE D 73 -17.74 -38.96 7.21
N ARG D 74 -17.88 -39.11 5.90
CA ARG D 74 -17.23 -38.25 4.88
C ARG D 74 -18.10 -37.01 4.70
N TRP D 75 -17.48 -35.83 4.84
CA TRP D 75 -18.05 -34.51 4.50
C TRP D 75 -17.75 -34.26 3.03
N PRO D 76 -18.66 -33.57 2.30
CA PRO D 76 -18.47 -33.35 0.86
C PRO D 76 -17.48 -32.20 0.63
N ALA D 77 -16.21 -32.44 0.97
CA ALA D 77 -15.17 -31.38 1.05
C ALA D 77 -15.10 -30.65 -0.27
N PHE D 78 -15.06 -29.32 -0.22
CA PHE D 78 -15.02 -28.44 -1.42
C PHE D 78 -13.87 -27.44 -1.27
N THR D 79 -13.40 -26.91 -2.42
CA THR D 79 -12.48 -25.75 -2.53
C THR D 79 -13.14 -24.67 -3.39
N TYR D 80 -12.84 -23.40 -3.14
CA TYR D 80 -13.07 -22.29 -4.10
C TYR D 80 -11.87 -22.23 -5.05
N HIS D 81 -12.01 -22.73 -6.27
CA HIS D 81 -10.87 -23.04 -7.19
C HIS D 81 -10.13 -21.76 -7.63
N ASN D 82 -10.86 -20.65 -7.79
CA ASN D 82 -10.30 -19.36 -8.27
C ASN D 82 -10.19 -18.36 -7.10
N GLN D 83 -10.15 -18.84 -5.85
CA GLN D 83 -9.82 -18.02 -4.65
C GLN D 83 -8.37 -17.51 -4.78
N GLN D 84 -8.13 -16.25 -4.41
CA GLN D 84 -6.77 -15.70 -4.21
C GLN D 84 -6.63 -15.27 -2.74
N GLY D 85 -5.51 -15.64 -2.11
CA GLY D 85 -5.13 -15.21 -0.76
C GLY D 85 -6.10 -15.72 0.27
N ARG D 86 -6.27 -15.00 1.38
CA ARG D 86 -7.07 -15.46 2.54
C ARG D 86 -8.53 -15.06 2.32
N MET D 87 -9.42 -15.83 2.93
CA MET D 87 -10.88 -15.68 2.94
C MET D 87 -11.27 -15.43 4.40
N ASP D 88 -11.48 -14.17 4.77
CA ASP D 88 -11.80 -13.76 6.15
C ASP D 88 -13.24 -14.15 6.41
N PHE D 89 -13.47 -15.32 7.02
CA PHE D 89 -14.81 -15.88 7.31
C PHE D 89 -15.46 -15.08 8.44
N GLN D 90 -16.78 -14.81 8.36
CA GLN D 90 -17.59 -14.28 9.50
C GLN D 90 -18.37 -15.42 10.16
N ASN D 91 -19.06 -16.25 9.37
CA ASN D 91 -19.89 -17.37 9.86
C ASN D 91 -19.50 -18.67 9.17
N ARG D 92 -19.44 -19.76 9.95
CA ARG D 92 -19.21 -21.15 9.50
C ARG D 92 -20.03 -22.03 10.44
N LEU D 93 -21.33 -22.16 10.13
CA LEU D 93 -22.40 -22.54 11.09
C LEU D 93 -23.23 -23.70 10.50
N ILE D 94 -23.34 -24.81 11.24
CA ILE D 94 -24.09 -26.05 10.85
C ILE D 94 -25.42 -26.09 11.60
N SER D 95 -26.51 -26.42 10.89
CA SER D 95 -27.79 -26.85 11.51
C SER D 95 -28.17 -28.24 10.94
N LEU D 96 -28.56 -29.12 11.84
CA LEU D 96 -28.72 -30.58 11.62
C LEU D 96 -30.09 -31.01 12.17
N SER D 97 -31.02 -31.40 11.28
CA SER D 97 -32.39 -31.86 11.64
C SER D 97 -32.33 -33.32 12.12
N GLU D 98 -33.40 -33.78 12.77
CA GLU D 98 -33.57 -35.20 13.21
C GLU D 98 -33.16 -36.11 12.06
N ASP D 99 -33.66 -35.76 10.86
CA ASP D 99 -33.48 -36.51 9.57
C ASP D 99 -31.99 -36.74 9.29
N GLY D 100 -31.14 -35.78 9.69
CA GLY D 100 -29.70 -35.82 9.38
C GLY D 100 -29.38 -34.95 8.17
N THR D 101 -30.23 -33.96 7.91
CA THR D 101 -30.02 -32.93 6.87
C THR D 101 -29.08 -31.86 7.44
N VAL D 102 -27.83 -31.86 6.99
CA VAL D 102 -26.82 -30.83 7.34
C VAL D 102 -27.18 -29.55 6.59
N MET D 103 -27.15 -28.41 7.28
CA MET D 103 -27.35 -27.05 6.69
C MET D 103 -26.17 -26.16 7.06
N TYR D 104 -25.12 -26.15 6.24
CA TYR D 104 -23.87 -25.36 6.41
C TYR D 104 -24.05 -23.98 5.77
N LEU D 105 -23.75 -22.92 6.52
CA LEU D 105 -23.67 -21.51 6.05
C LEU D 105 -22.23 -21.03 6.26
N GLU D 106 -21.68 -20.32 5.28
CA GLU D 106 -20.29 -19.81 5.28
C GLU D 106 -20.32 -18.39 4.72
N ARG D 107 -20.28 -17.36 5.56
CA ARG D 107 -20.09 -15.95 5.10
C ARG D 107 -18.58 -15.67 5.03
N PHE D 108 -18.16 -14.73 4.20
CA PHE D 108 -16.72 -14.45 3.97
C PHE D 108 -16.55 -13.19 3.13
N THR D 109 -15.43 -12.50 3.33
CA THR D 109 -14.77 -11.67 2.28
C THR D 109 -13.63 -12.49 1.68
N SER D 110 -13.49 -12.50 0.36
CA SER D 110 -12.28 -13.02 -0.32
C SER D 110 -12.09 -12.33 -1.66
N THR D 111 -10.88 -12.47 -2.20
CA THR D 111 -10.51 -12.06 -3.58
C THR D 111 -10.53 -13.28 -4.48
N PHE D 112 -10.88 -13.09 -5.74
CA PHE D 112 -11.04 -14.17 -6.73
C PHE D 112 -10.37 -13.80 -8.06
N GLN D 113 -9.77 -14.80 -8.69
CA GLN D 113 -9.20 -14.65 -10.04
C GLN D 113 -10.34 -14.33 -11.01
N ALA D 114 -10.13 -13.36 -11.88
CA ALA D 114 -10.94 -13.09 -13.09
C ALA D 114 -10.04 -13.23 -14.32
N PRO D 115 -9.60 -14.46 -14.66
CA PRO D 115 -8.73 -14.65 -15.82
C PRO D 115 -9.51 -14.47 -17.12
N ALA D 116 -10.76 -14.00 -17.00
CA ALA D 116 -11.74 -13.77 -18.10
C ALA D 116 -11.62 -12.35 -18.69
N PHE D 117 -10.45 -11.71 -18.58
CA PHE D 117 -10.30 -10.24 -18.75
C PHE D 117 -9.79 -9.93 -20.17
N ASP D 118 -10.61 -9.20 -20.93
CA ASP D 118 -10.39 -8.85 -22.36
C ASP D 118 -10.38 -7.32 -22.50
N PHE D 119 -9.18 -6.72 -22.43
CA PHE D 119 -8.98 -5.24 -22.49
C PHE D 119 -8.97 -4.77 -23.95
N ARG D 120 -9.09 -5.69 -24.93
CA ARG D 120 -9.01 -5.39 -26.39
C ARG D 120 -9.78 -4.10 -26.66
N LEU D 121 -10.91 -3.89 -25.99
CA LEU D 121 -11.89 -2.82 -26.30
C LEU D 121 -11.97 -1.78 -25.18
N PHE D 122 -11.05 -1.84 -24.22
CA PHE D 122 -10.93 -0.88 -23.11
C PHE D 122 -10.97 0.52 -23.72
N PRO D 123 -11.83 1.46 -23.22
CA PRO D 123 -12.64 1.29 -22.03
C PRO D 123 -14.06 0.73 -22.25
N PHE D 124 -14.37 0.32 -23.48
CA PHE D 124 -15.75 0.01 -23.90
C PHE D 124 -16.09 -1.43 -23.51
N ASP D 125 -15.08 -2.24 -23.18
CA ASP D 125 -15.22 -3.69 -22.89
C ASP D 125 -16.30 -3.97 -21.83
N ASN D 126 -16.92 -5.14 -21.95
CA ASN D 126 -17.75 -5.86 -20.93
C ASN D 126 -17.00 -7.16 -20.58
N GLN D 127 -17.05 -7.60 -19.32
CA GLN D 127 -16.18 -8.69 -18.80
C GLN D 127 -16.98 -9.77 -18.07
N LEU D 128 -16.37 -10.94 -17.92
CA LEU D 128 -16.92 -12.09 -17.15
C LEU D 128 -16.16 -12.24 -15.84
N PHE D 129 -16.88 -12.14 -14.73
CA PHE D 129 -16.42 -12.51 -13.38
C PHE D 129 -17.13 -13.81 -13.00
N PHE D 130 -16.40 -14.74 -12.38
CA PHE D 130 -16.96 -16.03 -11.95
C PHE D 130 -16.22 -16.54 -10.72
N ILE D 131 -16.95 -17.29 -9.88
CA ILE D 131 -16.44 -18.06 -8.71
C ILE D 131 -16.70 -19.54 -9.02
N HIS D 132 -15.68 -20.38 -8.82
CA HIS D 132 -15.76 -21.86 -8.95
C HIS D 132 -15.74 -22.49 -7.57
N VAL D 133 -16.83 -23.17 -7.20
CA VAL D 133 -16.95 -24.06 -6.00
C VAL D 133 -16.85 -25.50 -6.54
N ASP D 134 -15.75 -26.18 -6.25
CA ASP D 134 -15.46 -27.59 -6.68
C ASP D 134 -15.67 -28.56 -5.51
N SER D 135 -16.38 -29.69 -5.71
CA SER D 135 -16.26 -30.88 -4.83
C SER D 135 -14.84 -31.41 -5.01
N ILE D 136 -14.10 -31.63 -3.92
CA ILE D 136 -12.78 -32.33 -4.02
C ILE D 136 -13.05 -33.75 -4.51
N PHE D 137 -14.08 -34.39 -3.97
CA PHE D 137 -14.43 -35.83 -4.21
C PHE D 137 -15.23 -36.00 -5.50
N PRO D 138 -15.09 -37.15 -6.21
CA PRO D 138 -15.78 -37.38 -7.48
C PRO D 138 -17.31 -37.38 -7.38
N GLN D 139 -17.98 -37.63 -8.52
CA GLN D 139 -19.46 -37.63 -8.64
C GLN D 139 -20.02 -39.03 -8.41
N HIS D 140 -19.16 -40.02 -8.14
CA HIS D 140 -19.53 -41.38 -7.68
C HIS D 140 -19.94 -41.29 -6.20
N LEU D 141 -19.35 -40.36 -5.44
CA LEU D 141 -19.58 -40.17 -3.98
C LEU D 141 -20.56 -39.01 -3.72
N PHE D 142 -20.27 -37.81 -4.26
CA PHE D 142 -21.05 -36.57 -4.04
C PHE D 142 -21.37 -35.90 -5.38
N ARG D 143 -22.63 -35.54 -5.57
CA ARG D 143 -23.11 -34.70 -6.69
C ARG D 143 -23.49 -33.32 -6.14
N PHE D 144 -23.01 -32.25 -6.78
CA PHE D 144 -23.50 -30.87 -6.51
C PHE D 144 -24.79 -30.67 -7.30
N GLN D 145 -25.84 -30.24 -6.60
CA GLN D 145 -27.13 -29.77 -7.18
C GLN D 145 -27.31 -28.31 -6.79
N GLU D 146 -28.19 -27.59 -7.49
CA GLU D 146 -28.37 -26.13 -7.31
C GLU D 146 -29.35 -25.88 -6.18
N MET D 147 -28.87 -25.43 -5.01
CA MET D 147 -29.74 -24.88 -3.95
C MET D 147 -30.62 -23.79 -4.59
N GLN D 148 -31.93 -23.94 -4.48
CA GLN D 148 -32.92 -23.06 -5.15
C GLN D 148 -33.25 -21.84 -4.28
N GLY D 149 -33.64 -20.75 -4.93
CA GLY D 149 -33.98 -19.47 -4.28
C GLY D 149 -32.89 -18.96 -3.36
N PHE D 150 -31.64 -18.86 -3.86
CA PHE D 150 -30.49 -18.31 -3.07
C PHE D 150 -29.38 -17.75 -3.95
N SER D 151 -28.63 -18.63 -4.65
CA SER D 151 -27.45 -18.31 -5.48
C SER D 151 -27.78 -17.15 -6.44
N GLY D 152 -26.92 -16.11 -6.46
CA GLY D 152 -27.07 -14.90 -7.28
C GLY D 152 -26.25 -13.74 -6.74
N LEU D 153 -26.65 -12.49 -7.06
CA LEU D 153 -26.00 -11.25 -6.58
C LEU D 153 -27.02 -10.39 -5.82
N GLY D 154 -26.66 -9.89 -4.63
CA GLY D 154 -27.52 -9.07 -3.75
C GLY D 154 -27.73 -7.70 -4.35
N ASP D 155 -28.41 -6.79 -3.65
CA ASP D 155 -28.81 -5.50 -4.28
C ASP D 155 -28.22 -4.31 -3.52
N GLN D 156 -27.06 -4.51 -2.90
CA GLN D 156 -26.22 -3.43 -2.32
C GLN D 156 -24.76 -3.81 -2.53
N LEU D 157 -24.31 -3.92 -3.80
CA LEU D 157 -22.97 -4.38 -4.18
C LEU D 157 -21.95 -3.26 -3.94
N GLY D 158 -22.38 -2.00 -4.16
CA GLY D 158 -21.63 -0.78 -3.83
C GLY D 158 -20.50 -0.50 -4.82
N GLU D 159 -20.56 -1.11 -6.01
CA GLU D 159 -19.53 -1.02 -7.08
C GLU D 159 -20.01 -0.04 -8.15
N GLU D 160 -19.26 1.05 -8.35
CA GLU D 160 -19.75 2.27 -9.02
C GLU D 160 -19.27 2.28 -10.48
N GLU D 161 -18.08 1.76 -10.78
CA GLU D 161 -17.51 1.81 -12.15
C GLU D 161 -18.21 0.76 -13.00
N TRP D 162 -18.28 -0.47 -12.49
CA TRP D 162 -18.95 -1.55 -13.22
C TRP D 162 -20.43 -1.50 -12.91
N ILE D 163 -21.22 -2.15 -13.77
CA ILE D 163 -22.69 -2.31 -13.60
C ILE D 163 -23.06 -3.64 -14.26
N VAL D 164 -23.68 -4.53 -13.47
CA VAL D 164 -23.76 -6.00 -13.76
C VAL D 164 -24.89 -6.20 -14.77
N THR D 165 -24.61 -6.71 -15.96
CA THR D 165 -25.65 -7.02 -16.98
C THR D 165 -26.53 -8.18 -16.47
N GLU D 166 -25.95 -9.34 -16.17
CA GLU D 166 -26.70 -10.59 -15.88
C GLU D 166 -25.87 -11.55 -15.02
N VAL D 167 -26.53 -12.42 -14.26
CA VAL D 167 -25.91 -13.53 -13.45
C VAL D 167 -26.44 -14.87 -13.98
N ASN D 168 -25.60 -15.90 -14.02
CA ASN D 168 -25.97 -17.29 -14.40
C ASN D 168 -25.42 -18.24 -13.35
N THR D 169 -26.16 -19.29 -13.01
CA THR D 169 -25.68 -20.42 -12.17
C THR D 169 -25.77 -21.68 -13.01
N HIS D 170 -24.79 -22.57 -12.89
CA HIS D 170 -24.83 -23.87 -13.59
C HIS D 170 -23.82 -24.81 -12.93
N LEU D 171 -23.95 -26.10 -13.19
CA LEU D 171 -23.06 -27.14 -12.64
C LEU D 171 -22.24 -27.68 -13.82
N THR D 172 -21.09 -28.27 -13.50
CA THR D 172 -20.20 -28.92 -14.48
C THR D 172 -19.16 -29.72 -13.71
N THR D 173 -18.14 -30.22 -14.40
CA THR D 173 -17.15 -31.16 -13.78
C THR D 173 -15.76 -30.55 -13.85
N HIS D 174 -14.84 -31.17 -13.11
CA HIS D 174 -13.38 -30.91 -13.15
C HIS D 174 -12.64 -32.22 -12.93
N ASN D 175 -11.32 -32.21 -12.92
CA ASN D 175 -10.48 -33.40 -12.63
C ASN D 175 -9.20 -32.95 -11.93
N GLU D 176 -9.35 -32.07 -10.94
CA GLU D 176 -8.24 -31.30 -10.32
C GLU D 176 -7.29 -32.24 -9.56
N PHE D 177 -7.81 -33.02 -8.62
CA PHE D 177 -7.02 -33.87 -7.69
C PHE D 177 -7.34 -35.34 -7.97
N THR D 178 -8.64 -35.62 -8.15
CA THR D 178 -9.19 -36.89 -8.72
C THR D 178 -8.89 -36.95 -10.22
N LYS D 179 -8.93 -38.16 -10.78
CA LYS D 179 -9.02 -38.37 -12.25
C LYS D 179 -10.42 -38.90 -12.56
N GLY D 180 -11.21 -39.20 -11.52
CA GLY D 180 -12.67 -39.30 -11.61
C GLY D 180 -13.29 -37.93 -11.78
N ASP D 181 -14.32 -37.80 -12.63
CA ASP D 181 -15.13 -36.56 -12.78
C ASP D 181 -15.65 -36.11 -11.42
N ALA D 182 -15.58 -34.80 -11.16
CA ALA D 182 -16.01 -34.14 -9.90
C ALA D 182 -16.92 -32.95 -10.21
N SER D 183 -17.83 -32.61 -9.29
CA SER D 183 -18.79 -31.48 -9.41
C SER D 183 -18.04 -30.15 -9.33
N ARG D 184 -18.50 -29.14 -10.09
CA ARG D 184 -18.09 -27.72 -9.94
C ARG D 184 -19.33 -26.84 -10.10
N PHE D 185 -19.86 -26.30 -9.00
CA PHE D 185 -20.90 -25.24 -8.99
C PHE D 185 -20.24 -23.93 -9.41
N VAL D 186 -20.85 -23.21 -10.35
CA VAL D 186 -20.28 -21.96 -10.94
C VAL D 186 -21.32 -20.85 -10.79
N LEU D 187 -20.90 -19.72 -10.23
CA LEU D 187 -21.62 -18.43 -10.25
C LEU D 187 -20.83 -17.49 -11.16
N GLU D 188 -21.32 -17.28 -12.40
CA GLU D 188 -20.82 -16.32 -13.43
C GLU D 188 -21.63 -15.02 -13.32
N PHE D 189 -20.99 -13.87 -13.54
CA PHE D 189 -21.70 -12.59 -13.83
C PHE D 189 -20.87 -11.78 -14.81
N HIS D 190 -21.55 -11.15 -15.76
CA HIS D 190 -20.97 -10.09 -16.62
C HIS D 190 -21.31 -8.74 -16.01
N ALA D 191 -20.35 -7.82 -16.03
CA ALA D 191 -20.58 -6.38 -15.82
C ALA D 191 -19.98 -5.62 -16.99
N GLU D 192 -20.45 -4.40 -17.20
CA GLU D 192 -19.83 -3.45 -18.16
C GLU D 192 -19.59 -2.13 -17.44
N ARG D 193 -18.74 -1.31 -18.07
CA ARG D 193 -17.98 -0.21 -17.44
C ARG D 193 -18.74 1.11 -17.64
N HIS D 194 -19.02 1.85 -16.56
CA HIS D 194 -19.53 3.25 -16.60
C HIS D 194 -18.43 4.18 -17.14
N LEU D 195 -18.59 4.67 -18.38
CA LEU D 195 -17.51 5.36 -19.15
C LEU D 195 -17.41 6.83 -18.74
N ASN D 196 -18.31 7.32 -17.88
CA ASN D 196 -18.27 8.72 -17.39
C ASN D 196 -16.82 9.06 -17.07
N TYR D 197 -16.22 8.34 -16.12
CA TYR D 197 -14.81 8.58 -15.68
C TYR D 197 -13.95 8.88 -16.91
N TYR D 198 -13.92 7.97 -17.88
CA TYR D 198 -13.04 8.05 -19.09
C TYR D 198 -13.40 9.30 -19.89
N LEU D 199 -14.67 9.49 -20.22
CA LEU D 199 -15.10 10.75 -20.89
C LEU D 199 -14.47 11.92 -20.13
N MET D 200 -14.75 12.00 -18.84
CA MET D 200 -14.56 13.20 -18.00
C MET D 200 -13.08 13.52 -17.84
N ARG D 201 -12.23 12.50 -17.66
CA ARG D 201 -10.81 12.67 -17.25
C ARG D 201 -9.89 12.53 -18.45
N ILE D 202 -10.24 11.71 -19.45
CA ILE D 202 -9.36 11.38 -20.62
C ILE D 202 -9.90 12.04 -21.90
N LEU D 203 -11.05 11.57 -22.40
CA LEU D 203 -11.55 12.03 -23.72
C LEU D 203 -11.73 13.55 -23.72
N ILE D 204 -12.53 14.11 -22.81
CA ILE D 204 -12.86 15.57 -22.81
C ILE D 204 -11.56 16.38 -22.85
N PRO D 205 -10.62 16.21 -21.89
CA PRO D 205 -9.35 16.96 -21.92
C PRO D 205 -8.69 16.89 -23.30
N VAL D 206 -8.34 15.68 -23.74
CA VAL D 206 -7.66 15.44 -25.04
C VAL D 206 -8.35 16.25 -26.14
N LEU D 207 -9.68 16.23 -26.21
CA LEU D 207 -10.42 16.97 -27.27
C LEU D 207 -10.23 18.47 -27.03
N LEU D 208 -10.38 18.94 -25.79
CA LEU D 208 -10.06 20.35 -25.45
C LEU D 208 -8.66 20.68 -26.00
N ILE D 209 -7.63 19.98 -25.53
CA ILE D 209 -6.22 20.22 -25.96
C ILE D 209 -6.19 20.33 -27.48
N ILE D 210 -6.78 19.36 -28.19
CA ILE D 210 -6.74 19.27 -29.68
C ILE D 210 -7.45 20.47 -30.31
N THR D 211 -8.61 20.83 -29.79
CA THR D 211 -9.46 21.90 -30.36
C THR D 211 -8.85 23.27 -30.10
N VAL D 212 -8.57 23.57 -28.83
CA VAL D 212 -7.90 24.85 -28.46
C VAL D 212 -6.62 24.95 -29.29
N SER D 213 -5.80 23.91 -29.28
CA SER D 213 -4.54 23.83 -30.08
C SER D 213 -4.85 24.35 -31.48
N TRP D 214 -5.87 23.80 -32.13
CA TRP D 214 -6.27 24.15 -33.51
C TRP D 214 -6.58 25.64 -33.63
N PHE D 215 -7.24 26.25 -32.64
CA PHE D 215 -7.62 27.69 -32.67
C PHE D 215 -6.38 28.52 -32.98
N THR D 216 -5.25 28.21 -32.36
CA THR D 216 -3.98 28.99 -32.47
C THR D 216 -3.42 28.91 -33.91
N PHE D 217 -4.06 28.13 -34.78
CA PHE D 217 -3.65 28.04 -36.20
C PHE D 217 -4.04 29.35 -36.88
N PHE D 218 -5.19 29.91 -36.52
CA PHE D 218 -5.72 31.17 -37.11
C PHE D 218 -4.81 32.35 -36.79
N LEU D 219 -3.79 32.15 -35.93
CA LEU D 219 -2.74 33.17 -35.66
C LEU D 219 -1.73 33.20 -36.81
N GLN D 220 -1.64 32.10 -37.56
CA GLN D 220 -0.77 31.94 -38.76
C GLN D 220 0.71 32.10 -38.35
N ASP D 221 1.08 31.63 -37.14
CA ASP D 221 2.49 31.55 -36.68
C ASP D 221 2.91 30.09 -36.61
N TYR D 222 3.72 29.64 -37.58
CA TYR D 222 4.08 28.22 -37.80
C TYR D 222 5.07 27.78 -36.70
N THR D 223 6.01 28.64 -36.34
CA THR D 223 6.83 28.46 -35.11
C THR D 223 5.87 28.12 -33.97
N LYS D 224 4.92 29.00 -33.67
CA LYS D 224 4.02 28.84 -32.50
C LYS D 224 3.13 27.60 -32.67
N ARG D 225 2.90 27.11 -33.88
CA ARG D 225 2.14 25.84 -34.09
C ARG D 225 3.03 24.66 -33.70
N ILE D 226 4.30 24.70 -34.11
CA ILE D 226 5.29 23.60 -33.90
C ILE D 226 5.61 23.47 -32.42
N ASP D 227 5.80 24.60 -31.74
CA ASP D 227 6.08 24.63 -30.29
C ASP D 227 4.87 23.99 -29.60
N LEU D 228 3.69 24.28 -30.13
CA LEU D 228 2.39 23.89 -29.53
C LEU D 228 2.22 22.38 -29.69
N ALA D 229 2.29 21.90 -30.93
CA ALA D 229 2.10 20.49 -31.29
C ALA D 229 3.14 19.63 -30.55
N GLY D 230 4.37 20.12 -30.43
CA GLY D 230 5.44 19.43 -29.69
C GLY D 230 5.08 19.22 -28.23
N GLY D 231 4.42 20.22 -27.62
CA GLY D 231 3.95 20.23 -26.23
C GLY D 231 2.80 19.25 -26.04
N ASN D 232 1.86 19.26 -26.99
CA ASN D 232 0.73 18.29 -27.04
C ASN D 232 1.31 16.87 -26.97
N LEU D 233 2.33 16.59 -27.78
CA LEU D 233 2.96 15.24 -27.83
C LEU D 233 3.22 14.76 -26.40
N LEU D 234 4.00 15.51 -25.63
CA LEU D 234 4.37 15.15 -24.23
C LEU D 234 3.06 14.98 -23.45
N LEU D 235 2.12 15.91 -23.62
CA LEU D 235 0.80 15.82 -22.95
C LEU D 235 0.23 14.42 -23.17
N PHE D 236 0.09 14.00 -24.43
CA PHE D 236 -0.49 12.68 -24.78
C PHE D 236 0.38 11.57 -24.17
N ILE D 237 1.70 11.71 -24.31
CA ILE D 237 2.68 10.74 -23.72
C ILE D 237 2.41 10.63 -22.21
N ALA D 238 2.00 11.72 -21.57
CA ALA D 238 1.57 11.65 -20.16
C ALA D 238 0.30 10.80 -20.09
N PHE D 239 -0.74 11.16 -20.84
CA PHE D 239 -2.03 10.45 -20.81
C PHE D 239 -1.78 8.96 -21.06
N ASN D 240 -0.76 8.67 -21.88
CA ASN D 240 -0.23 7.29 -22.16
C ASN D 240 0.16 6.60 -20.84
N PHE D 241 0.75 7.31 -19.88
CA PHE D 241 1.15 6.76 -18.57
C PHE D 241 -0.04 6.77 -17.60
N THR D 242 -0.91 7.78 -17.63
CA THR D 242 -2.17 7.73 -16.84
C THR D 242 -2.85 6.40 -17.14
N ILE D 243 -3.11 6.14 -18.42
CA ILE D 243 -3.93 5.00 -18.87
C ILE D 243 -3.18 3.69 -18.63
N SER D 244 -1.90 3.63 -18.96
CA SER D 244 -1.07 2.41 -18.80
C SER D 244 -1.26 1.82 -17.39
N SER D 245 -1.30 2.68 -16.37
CA SER D 245 -1.29 2.26 -14.94
C SER D 245 -2.67 1.80 -14.44
N ASP D 246 -3.77 1.99 -15.19
CA ASP D 246 -5.08 1.36 -14.85
C ASP D 246 -4.98 -0.15 -15.11
N LEU D 247 -4.16 -0.52 -16.09
CA LEU D 247 -4.15 -1.84 -16.77
C LEU D 247 -2.90 -2.62 -16.42
N PRO D 248 -2.88 -3.94 -16.71
CA PRO D 248 -1.66 -4.75 -16.63
C PRO D 248 -0.68 -4.39 -17.73
N ARG D 249 0.48 -5.05 -17.71
CA ARG D 249 1.52 -4.87 -18.74
C ARG D 249 1.20 -5.87 -19.85
N LEU D 250 0.00 -5.71 -20.42
CA LEU D 250 -0.58 -6.57 -21.46
C LEU D 250 0.44 -6.73 -22.60
N GLY D 251 0.46 -7.92 -23.18
CA GLY D 251 1.18 -8.19 -24.44
C GLY D 251 0.33 -7.84 -25.65
N TYR D 252 -0.95 -7.51 -25.43
CA TYR D 252 -1.90 -7.16 -26.53
C TYR D 252 -2.22 -5.67 -26.47
N ILE D 253 -2.70 -5.15 -27.59
CA ILE D 253 -2.87 -3.69 -27.85
C ILE D 253 -4.34 -3.33 -27.65
N THR D 254 -4.60 -2.51 -26.63
CA THR D 254 -5.92 -1.93 -26.27
C THR D 254 -6.45 -1.07 -27.43
N LEU D 255 -7.74 -0.75 -27.43
CA LEU D 255 -8.34 0.31 -28.27
C LEU D 255 -7.79 1.67 -27.81
N MET D 256 -7.82 1.89 -26.50
CA MET D 256 -7.15 3.06 -25.87
C MET D 256 -5.76 3.21 -26.49
N ASP D 257 -4.94 2.15 -26.47
CA ASP D 257 -3.55 2.20 -26.98
C ASP D 257 -3.53 2.78 -28.39
N ALA D 258 -4.44 2.33 -29.25
CA ALA D 258 -4.55 2.83 -30.63
C ALA D 258 -4.81 4.33 -30.58
N PHE D 259 -5.90 4.74 -29.94
CA PHE D 259 -6.36 6.16 -29.85
C PHE D 259 -5.18 7.08 -29.54
N LEU D 260 -4.38 6.71 -28.54
CA LEU D 260 -3.18 7.48 -28.12
C LEU D 260 -2.17 7.47 -29.27
N VAL D 261 -1.68 6.30 -29.66
CA VAL D 261 -0.68 6.23 -30.77
C VAL D 261 -1.24 6.98 -31.99
N GLY D 262 -2.56 6.94 -32.16
CA GLY D 262 -3.27 7.77 -33.15
C GLY D 262 -2.85 9.22 -33.03
N THR D 263 -3.11 9.82 -31.87
CA THR D 263 -2.82 11.25 -31.60
C THR D 263 -1.32 11.48 -31.85
N PHE D 264 -0.46 10.60 -31.32
CA PHE D 264 1.01 10.67 -31.46
C PHE D 264 1.38 10.90 -32.92
N ILE D 265 0.90 10.01 -33.79
CA ILE D 265 1.17 10.01 -35.25
C ILE D 265 0.75 11.38 -35.81
N ILE D 266 -0.52 11.75 -35.64
CA ILE D 266 -1.06 13.05 -36.16
C ILE D 266 -0.15 14.17 -35.71
N THR D 267 -0.02 14.32 -34.38
CA THR D 267 0.73 15.40 -33.72
C THR D 267 2.11 15.50 -34.37
N ALA D 268 2.83 14.40 -34.50
CA ALA D 268 4.18 14.35 -35.12
C ALA D 268 4.13 14.94 -36.53
N LEU D 269 3.08 14.63 -37.28
CA LEU D 269 2.93 15.06 -38.70
C LEU D 269 2.44 16.51 -38.72
N VAL D 270 1.70 16.95 -37.70
CA VAL D 270 1.36 18.39 -37.53
C VAL D 270 2.67 19.17 -37.42
N VAL D 271 3.59 18.67 -36.58
CA VAL D 271 4.94 19.29 -36.43
C VAL D 271 5.57 19.33 -37.82
N LEU D 272 5.75 18.16 -38.41
CA LEU D 272 6.47 17.97 -39.69
C LEU D 272 5.91 18.90 -40.77
N GLY D 273 4.58 18.98 -40.88
CA GLY D 273 3.88 19.84 -41.86
C GLY D 273 4.19 21.31 -41.63
N ASN D 274 4.00 21.78 -40.40
CA ASN D 274 4.22 23.20 -40.04
C ASN D 274 5.72 23.53 -40.11
N VAL D 275 6.60 22.55 -39.90
CA VAL D 275 8.07 22.73 -40.10
C VAL D 275 8.28 23.16 -41.55
N TRP D 276 7.55 22.52 -42.45
CA TRP D 276 7.75 22.67 -43.90
C TRP D 276 7.07 23.97 -44.39
N LEU D 277 5.90 24.31 -43.86
CA LEU D 277 5.26 25.64 -44.05
C LEU D 277 6.23 26.74 -43.63
N ARG D 278 6.90 26.55 -42.50
CA ARG D 278 7.82 27.53 -41.88
C ARG D 278 9.11 27.60 -42.69
N ARG D 279 9.54 26.44 -43.21
CA ARG D 279 10.68 26.33 -44.15
C ARG D 279 10.46 27.29 -45.33
N LEU D 280 9.21 27.43 -45.82
CA LEU D 280 8.87 28.22 -47.05
C LEU D 280 8.95 29.72 -46.77
N GLU D 281 8.55 30.16 -45.57
CA GLU D 281 8.71 31.57 -45.10
C GLU D 281 10.20 31.90 -45.02
N ASN D 282 11.00 30.97 -44.49
CA ASN D 282 12.48 31.08 -44.35
C ASN D 282 13.16 31.23 -45.72
N HIS D 283 12.49 30.81 -46.82
CA HIS D 283 13.08 30.66 -48.18
C HIS D 283 12.42 31.66 -49.16
N GLY D 284 11.73 32.67 -48.62
CA GLY D 284 11.18 33.79 -49.42
C GLY D 284 9.94 33.39 -50.18
N LYS D 285 9.26 32.35 -49.71
CA LYS D 285 8.00 31.85 -50.32
C LYS D 285 6.92 31.97 -49.24
N GLN D 286 6.90 33.09 -48.52
CA GLN D 286 5.94 33.41 -47.43
C GLN D 286 4.50 33.27 -47.97
N ALA D 287 4.21 33.85 -49.14
CA ALA D 287 2.85 33.98 -49.75
C ALA D 287 2.34 32.62 -50.26
N LEU D 288 3.26 31.71 -50.55
CA LEU D 288 2.94 30.31 -50.96
C LEU D 288 2.53 29.53 -49.70
N ALA D 289 3.39 29.52 -48.68
CA ALA D 289 3.11 28.92 -47.35
C ALA D 289 1.71 29.35 -46.92
N ARG D 290 1.38 30.64 -47.12
CA ARG D 290 0.05 31.24 -46.84
C ARG D 290 -1.02 30.59 -47.70
N LYS D 291 -0.72 30.31 -48.97
CA LYS D 291 -1.63 29.55 -49.87
C LYS D 291 -1.85 28.16 -49.25
N LEU D 292 -0.77 27.41 -49.05
CA LEU D 292 -0.84 26.01 -48.56
C LEU D 292 -1.54 25.97 -47.20
N ASP D 293 -1.48 27.07 -46.44
CA ASP D 293 -1.93 27.16 -45.02
C ASP D 293 -3.31 26.51 -44.91
N ILE D 294 -4.23 26.79 -45.84
CA ILE D 294 -5.65 26.39 -45.69
C ILE D 294 -5.71 24.87 -45.54
N TYR D 295 -4.84 24.13 -46.23
CA TYR D 295 -4.70 22.66 -46.03
C TYR D 295 -4.38 22.41 -44.56
N ALA D 296 -3.21 22.90 -44.12
CA ALA D 296 -2.70 22.77 -42.74
C ALA D 296 -3.85 23.02 -41.75
N ILE D 297 -4.67 24.05 -41.98
CA ILE D 297 -5.75 24.48 -41.04
C ILE D 297 -6.93 23.48 -41.06
N THR D 298 -7.18 22.81 -42.20
CA THR D 298 -8.33 21.88 -42.33
C THR D 298 -7.82 20.46 -42.60
N SER D 299 -6.55 20.17 -42.31
CA SER D 299 -6.03 18.80 -42.17
C SER D 299 -6.08 18.40 -40.70
N TYR D 300 -6.04 19.38 -39.79
CA TYR D 300 -6.06 19.13 -38.33
C TYR D 300 -7.37 18.41 -38.02
N PRO D 301 -8.55 19.01 -38.28
CA PRO D 301 -9.81 18.40 -37.82
C PRO D 301 -10.13 17.09 -38.59
N LEU D 302 -9.65 16.98 -39.83
CA LEU D 302 -9.91 15.84 -40.73
C LEU D 302 -8.96 14.68 -40.42
N ALA D 303 -7.68 14.94 -40.16
CA ALA D 303 -6.69 13.92 -39.73
C ALA D 303 -7.16 13.25 -38.43
N TYR D 304 -7.75 14.02 -37.51
CA TYR D 304 -8.28 13.55 -36.19
C TYR D 304 -9.71 12.98 -36.35
N LEU D 305 -10.36 13.12 -37.51
CA LEU D 305 -11.71 12.55 -37.75
C LEU D 305 -11.63 11.37 -38.74
N LEU D 306 -10.73 11.44 -39.72
CA LEU D 306 -10.15 10.25 -40.41
C LEU D 306 -9.70 9.23 -39.34
N GLY D 307 -9.14 9.72 -38.22
CA GLY D 307 -8.71 8.89 -37.09
C GLY D 307 -9.88 8.22 -36.38
N ALA D 308 -10.98 8.96 -36.16
CA ALA D 308 -12.20 8.50 -35.43
C ALA D 308 -12.88 7.32 -36.15
N LEU D 309 -12.54 7.08 -37.42
CA LEU D 309 -13.12 5.98 -38.25
C LEU D 309 -12.02 4.97 -38.64
N THR D 310 -10.73 5.32 -38.52
CA THR D 310 -9.62 4.32 -38.59
C THR D 310 -9.79 3.33 -37.44
N LEU D 311 -10.21 3.82 -36.27
CA LEU D 311 -10.39 3.03 -35.03
C LEU D 311 -11.79 2.40 -35.03
N TRP D 312 -12.82 3.24 -35.13
CA TRP D 312 -14.25 2.85 -34.97
C TRP D 312 -14.62 1.79 -36.01
N LEU D 313 -13.84 1.67 -37.09
CA LEU D 313 -13.94 0.53 -38.04
C LEU D 313 -13.01 -0.60 -37.57
N LEU D 314 -11.69 -0.38 -37.55
CA LEU D 314 -10.67 -1.42 -37.18
C LEU D 314 -11.08 -2.17 -35.89
N PHE D 315 -11.68 -1.49 -34.89
CA PHE D 315 -11.99 -2.06 -33.55
C PHE D 315 -13.51 -2.13 -33.29
N PHE D 316 -14.34 -1.94 -34.32
CA PHE D 316 -15.81 -2.19 -34.31
C PHE D 316 -16.24 -2.54 -35.75
N GLU E 7 -42.55 -19.24 22.07
CA GLU E 7 -42.13 -17.91 22.56
C GLU E 7 -40.69 -17.64 22.15
N PRO E 8 -40.42 -16.62 21.28
CA PRO E 8 -39.05 -16.20 20.99
C PRO E 8 -38.36 -15.51 22.18
N SER E 9 -37.18 -16.00 22.58
CA SER E 9 -36.36 -15.41 23.67
C SER E 9 -35.63 -14.18 23.12
N ASP E 10 -35.57 -13.12 23.93
CA ASP E 10 -35.15 -11.76 23.51
C ASP E 10 -33.64 -11.64 23.70
N VAL E 11 -33.00 -10.88 22.81
CA VAL E 11 -31.53 -10.63 22.79
C VAL E 11 -31.33 -9.11 22.71
N PHE E 12 -30.51 -8.56 23.59
CA PHE E 12 -30.42 -7.10 23.86
C PHE E 12 -29.10 -6.57 23.31
N ILE E 13 -29.18 -5.98 22.10
CA ILE E 13 -28.05 -5.69 21.18
C ILE E 13 -27.60 -4.25 21.38
N GLY E 14 -26.42 -4.07 21.98
CA GLY E 14 -25.72 -2.78 22.08
C GLY E 14 -24.51 -2.75 21.17
N LEU E 15 -24.36 -1.67 20.39
CA LEU E 15 -23.15 -1.46 19.54
C LEU E 15 -22.71 0.00 19.67
N LYS E 16 -21.56 0.22 20.32
CA LYS E 16 -20.91 1.54 20.49
C LYS E 16 -19.68 1.61 19.56
N ILE E 17 -19.35 2.80 19.05
CA ILE E 17 -18.21 3.01 18.12
C ILE E 17 -17.21 3.93 18.81
N ASP E 18 -16.12 3.37 19.34
CA ASP E 18 -15.10 4.10 20.14
C ASP E 18 -14.29 4.98 19.19
N GLN E 19 -13.96 4.46 18.00
CA GLN E 19 -13.14 5.17 16.99
C GLN E 19 -13.75 5.05 15.59
N ILE E 20 -13.61 6.11 14.79
CA ILE E 20 -13.59 6.05 13.31
C ILE E 20 -12.11 6.09 12.89
N THR E 21 -11.54 4.93 12.56
CA THR E 21 -10.12 4.76 12.16
C THR E 21 -9.94 5.52 10.85
N GLY E 22 -10.92 5.40 9.94
CA GLY E 22 -11.02 6.29 8.77
C GLY E 22 -12.18 5.91 7.86
N ILE E 23 -12.62 6.89 7.08
CA ILE E 23 -13.63 6.71 5.98
C ILE E 23 -12.88 6.78 4.65
N ASN E 24 -12.65 5.64 4.01
CA ASN E 24 -12.02 5.57 2.67
C ASN E 24 -13.12 5.80 1.62
N GLN E 25 -13.24 7.03 1.10
CA GLN E 25 -14.38 7.38 0.23
C GLN E 25 -14.14 6.86 -1.19
N LYS E 26 -12.90 6.55 -1.55
CA LYS E 26 -12.56 6.02 -2.89
C LYS E 26 -13.05 4.57 -3.03
N GLU E 27 -13.00 3.79 -1.94
CA GLU E 27 -13.44 2.37 -1.94
C GLU E 27 -14.86 2.26 -1.37
N GLU E 28 -15.44 3.37 -0.92
CA GLU E 28 -16.83 3.45 -0.41
C GLU E 28 -17.00 2.48 0.77
N ASN E 29 -16.12 2.62 1.77
CA ASN E 29 -16.25 1.93 3.08
C ASN E 29 -15.78 2.89 4.18
N PHE E 30 -15.96 2.50 5.42
CA PHE E 30 -15.42 3.19 6.60
C PHE E 30 -14.93 2.11 7.55
N SER E 31 -14.09 2.51 8.50
CA SER E 31 -13.50 1.58 9.50
C SER E 31 -13.67 2.18 10.89
N VAL E 32 -13.93 1.30 11.86
CA VAL E 32 -14.31 1.64 13.26
C VAL E 32 -13.69 0.60 14.21
N VAL E 33 -13.16 1.10 15.31
CA VAL E 33 -13.04 0.36 16.59
C VAL E 33 -14.43 0.40 17.24
N GLY E 34 -14.96 -0.76 17.64
CA GLY E 34 -16.32 -0.89 18.20
C GLY E 34 -16.41 -1.97 19.26
N SER E 35 -17.31 -1.78 20.24
CA SER E 35 -17.75 -2.76 21.26
C SER E 35 -19.18 -3.21 20.94
N LEU E 36 -19.44 -4.51 20.88
CA LEU E 36 -20.81 -5.08 20.79
C LEU E 36 -21.15 -5.66 22.15
N ARG E 37 -22.37 -5.43 22.63
CA ARG E 37 -22.86 -5.91 23.95
C ARG E 37 -24.23 -6.57 23.75
N ILE E 38 -24.40 -7.75 24.34
CA ILE E 38 -25.58 -8.63 24.19
C ILE E 38 -25.97 -9.12 25.58
N ASP E 39 -27.17 -8.78 26.04
CA ASP E 39 -27.85 -9.46 27.17
C ASP E 39 -28.83 -10.46 26.56
N TRP E 40 -28.72 -11.74 26.96
CA TRP E 40 -29.61 -12.85 26.50
C TRP E 40 -29.76 -13.85 27.64
N ARG E 41 -30.97 -13.90 28.21
CA ARG E 41 -31.35 -14.84 29.29
C ARG E 41 -31.79 -16.17 28.67
N GLN E 42 -31.02 -17.20 29.01
CA GLN E 42 -31.35 -18.61 28.75
C GLN E 42 -31.67 -19.25 30.09
N PRO E 43 -32.96 -19.60 30.35
CA PRO E 43 -33.30 -20.33 31.57
C PRO E 43 -32.34 -21.51 31.79
N LEU E 44 -32.09 -22.29 30.74
CA LEU E 44 -31.41 -23.62 30.83
C LEU E 44 -29.95 -23.41 31.25
N LEU E 45 -29.38 -22.22 31.04
CA LEU E 45 -27.98 -21.90 31.39
C LEU E 45 -27.87 -21.53 32.88
N ALA E 46 -29.01 -21.42 33.56
CA ALA E 46 -29.07 -21.20 35.02
C ALA E 46 -28.24 -22.29 35.72
N PHE E 47 -27.61 -21.94 36.84
CA PHE E 47 -26.84 -22.86 37.70
C PHE E 47 -27.10 -22.48 39.16
N GLU E 48 -26.66 -23.32 40.10
CA GLU E 48 -26.72 -23.06 41.56
C GLU E 48 -25.30 -23.16 42.11
N HIS E 49 -24.90 -22.17 42.93
CA HIS E 49 -23.53 -22.02 43.50
C HIS E 49 -23.54 -22.31 45.01
N ALA E 50 -22.62 -23.13 45.51
CA ALA E 50 -22.32 -23.20 46.96
C ALA E 50 -21.80 -21.84 47.38
N PRO E 51 -22.24 -21.27 48.53
CA PRO E 51 -21.67 -20.01 49.03
C PRO E 51 -20.14 -20.09 49.14
N GLY E 52 -19.43 -19.08 48.68
CA GLY E 52 -17.96 -19.10 48.53
C GLY E 52 -17.55 -19.37 47.09
N GLU E 53 -18.52 -19.73 46.23
CA GLU E 53 -18.35 -19.78 44.75
C GLU E 53 -19.16 -18.64 44.15
N PRO E 54 -18.54 -17.76 43.33
CA PRO E 54 -19.27 -16.63 42.74
C PRO E 54 -20.54 -17.07 41.98
N LYS E 55 -21.52 -16.18 41.94
CA LYS E 55 -22.83 -16.41 41.28
C LYS E 55 -22.79 -15.86 39.85
N HIS E 56 -21.62 -15.39 39.41
CA HIS E 56 -21.38 -14.89 38.03
C HIS E 56 -20.17 -15.62 37.44
N ARG E 57 -20.39 -16.45 36.41
CA ARG E 57 -19.34 -17.24 35.71
C ARG E 57 -18.78 -16.42 34.54
N THR E 58 -17.45 -16.46 34.37
CA THR E 58 -16.68 -15.68 33.36
C THR E 58 -16.03 -16.67 32.39
N TYR E 59 -16.33 -16.54 31.10
CA TYR E 59 -16.06 -17.53 30.03
C TYR E 59 -15.41 -16.89 28.80
N THR E 60 -14.30 -17.47 28.32
CA THR E 60 -13.83 -17.30 26.92
C THR E 60 -14.99 -17.73 26.02
N LEU E 61 -15.32 -16.98 24.98
CA LEU E 61 -16.34 -17.39 23.99
C LEU E 61 -16.02 -18.84 23.56
N ALA E 62 -14.73 -19.13 23.40
CA ALA E 62 -14.21 -20.47 22.99
C ALA E 62 -14.92 -21.56 23.78
N THR E 63 -14.87 -21.52 25.11
CA THR E 63 -15.43 -22.58 26.00
C THR E 63 -16.93 -22.32 26.28
N PHE E 64 -17.40 -21.08 26.20
CA PHE E 64 -18.84 -20.77 26.39
C PHE E 64 -19.65 -21.49 25.31
N LEU E 65 -19.16 -21.51 24.07
CA LEU E 65 -19.84 -22.21 22.94
C LEU E 65 -19.68 -23.73 23.08
N LYS E 66 -18.50 -24.19 23.53
CA LYS E 66 -18.25 -25.65 23.77
C LYS E 66 -19.20 -26.11 24.88
N LEU E 67 -19.61 -25.19 25.78
CA LEU E 67 -20.61 -25.43 26.85
C LEU E 67 -22.01 -25.57 26.22
N LEU E 68 -22.42 -24.58 25.43
CA LEU E 68 -23.74 -24.57 24.73
C LEU E 68 -23.85 -25.84 23.87
N GLU E 69 -22.73 -26.32 23.32
CA GLU E 69 -22.68 -27.52 22.43
C GLU E 69 -22.87 -28.80 23.26
N GLU E 70 -22.33 -28.86 24.48
CA GLU E 70 -22.60 -29.98 25.44
C GLU E 70 -24.10 -30.01 25.72
N LYS E 71 -24.65 -28.88 26.16
CA LYS E 71 -26.08 -28.74 26.55
C LYS E 71 -26.98 -28.72 25.30
N GLN E 72 -26.42 -28.77 24.09
CA GLN E 72 -27.16 -28.56 22.81
C GLN E 72 -28.18 -27.44 22.98
N ILE E 73 -27.75 -26.29 23.53
CA ILE E 73 -28.54 -25.02 23.59
C ILE E 73 -28.16 -24.18 22.38
N ARG E 74 -29.14 -23.52 21.78
CA ARG E 74 -28.96 -22.63 20.61
C ARG E 74 -28.53 -21.25 21.13
N TRP E 75 -27.41 -20.75 20.59
CA TRP E 75 -26.93 -19.35 20.74
C TRP E 75 -27.59 -18.51 19.66
N PRO E 76 -27.90 -17.22 19.93
CA PRO E 76 -28.60 -16.37 18.97
C PRO E 76 -27.63 -15.86 17.90
N ALA E 77 -27.12 -16.77 17.07
CA ALA E 77 -25.97 -16.51 16.16
C ALA E 77 -26.31 -15.30 15.28
N PHE E 78 -25.36 -14.37 15.15
CA PHE E 78 -25.53 -13.12 14.38
C PHE E 78 -24.34 -12.96 13.43
N THR E 79 -24.55 -12.19 12.35
CA THR E 79 -23.51 -11.71 11.40
C THR E 79 -23.57 -10.18 11.35
N TYR E 80 -22.43 -9.54 11.10
CA TYR E 80 -22.36 -8.13 10.65
C TYR E 80 -22.51 -8.13 9.12
N HIS E 81 -23.69 -7.77 8.61
CA HIS E 81 -24.09 -7.99 7.20
C HIS E 81 -23.25 -7.17 6.22
N ASN E 82 -22.83 -5.95 6.63
CA ASN E 82 -22.07 -5.00 5.78
C ASN E 82 -20.60 -4.97 6.22
N GLN E 83 -20.10 -6.00 6.93
CA GLN E 83 -18.66 -6.20 7.24
C GLN E 83 -17.90 -6.39 5.93
N GLN E 84 -16.72 -5.79 5.81
CA GLN E 84 -15.74 -6.10 4.74
C GLN E 84 -14.45 -6.62 5.39
N GLY E 85 -13.90 -7.70 4.84
CA GLY E 85 -12.60 -8.27 5.26
C GLY E 85 -12.67 -8.79 6.67
N ARG E 86 -11.53 -8.81 7.38
CA ARG E 86 -11.43 -9.42 8.72
C ARG E 86 -11.79 -8.36 9.77
N MET E 87 -12.22 -8.85 10.92
CA MET E 87 -12.61 -8.08 12.13
C MET E 87 -11.63 -8.51 13.23
N ASP E 88 -10.62 -7.69 13.48
CA ASP E 88 -9.53 -7.98 14.45
C ASP E 88 -10.12 -7.76 15.84
N PHE E 89 -10.60 -8.84 16.47
CA PHE E 89 -11.26 -8.81 17.82
C PHE E 89 -10.22 -8.52 18.89
N GLN E 90 -10.55 -7.71 19.91
CA GLN E 90 -9.75 -7.61 21.17
C GLN E 90 -10.38 -8.46 22.28
N ASN E 91 -11.69 -8.34 22.50
CA ASN E 91 -12.42 -9.06 23.57
C ASN E 91 -13.62 -9.80 22.98
N ARG E 92 -13.82 -11.03 23.47
CA ARG E 92 -14.99 -11.89 23.16
C ARG E 92 -15.30 -12.68 24.43
N LEU E 93 -16.05 -12.05 25.35
CA LEU E 93 -16.06 -12.37 26.81
C LEU E 93 -17.51 -12.51 27.28
N ILE E 94 -17.85 -13.66 27.89
CA ILE E 94 -19.20 -14.01 28.41
C ILE E 94 -19.23 -13.88 29.93
N SER E 95 -20.28 -13.26 30.48
CA SER E 95 -20.64 -13.34 31.92
C SER E 95 -22.07 -13.85 32.05
N LEU E 96 -22.28 -14.80 32.96
CA LEU E 96 -23.46 -15.68 33.09
C LEU E 96 -23.89 -15.72 34.55
N SER E 97 -25.04 -15.14 34.90
CA SER E 97 -25.61 -15.10 36.28
C SER E 97 -26.28 -16.45 36.60
N GLU E 98 -26.56 -16.71 37.88
CA GLU E 98 -27.30 -17.92 38.35
C GLU E 98 -28.53 -18.09 37.46
N ASP E 99 -29.23 -16.98 37.22
CA ASP E 99 -30.48 -16.84 36.42
C ASP E 99 -30.30 -17.47 35.03
N GLY E 100 -29.10 -17.39 34.46
CA GLY E 100 -28.82 -17.85 33.09
C GLY E 100 -28.86 -16.70 32.09
N THR E 101 -28.66 -15.48 32.59
CA THR E 101 -28.53 -14.26 31.77
C THR E 101 -27.10 -14.21 31.22
N VAL E 102 -26.94 -14.50 29.93
CA VAL E 102 -25.65 -14.39 29.18
C VAL E 102 -25.39 -12.90 28.96
N MET E 103 -24.15 -12.46 29.20
CA MET E 103 -23.67 -11.09 28.91
C MET E 103 -22.40 -11.15 28.06
N TYR E 104 -22.57 -11.16 26.72
CA TYR E 104 -21.48 -11.22 25.71
C TYR E 104 -21.01 -9.81 25.38
N LEU E 105 -19.70 -9.58 25.45
CA LEU E 105 -19.01 -8.36 24.99
C LEU E 105 -18.04 -8.74 23.87
N GLU E 106 -18.00 -7.94 22.80
CA GLU E 106 -17.16 -8.18 21.59
C GLU E 106 -16.56 -6.83 21.18
N ARG E 107 -15.30 -6.56 21.51
CA ARG E 107 -14.56 -5.38 20.96
C ARG E 107 -13.91 -5.80 19.64
N PHE E 108 -13.66 -4.86 18.74
CA PHE E 108 -13.12 -5.16 17.41
C PHE E 108 -12.74 -3.88 16.67
N THR E 109 -11.75 -3.97 15.79
CA THR E 109 -11.64 -3.12 14.59
C THR E 109 -12.20 -3.89 13.40
N SER E 110 -13.01 -3.26 12.56
CA SER E 110 -13.37 -3.81 11.23
C SER E 110 -13.69 -2.68 10.26
N THR E 111 -13.68 -3.03 8.98
CA THR E 111 -14.14 -2.17 7.86
C THR E 111 -15.56 -2.56 7.49
N PHE E 112 -16.35 -1.58 7.05
CA PHE E 112 -17.78 -1.76 6.75
C PHE E 112 -18.13 -1.09 5.42
N GLN E 113 -19.01 -1.75 4.67
CA GLN E 113 -19.57 -1.17 3.43
C GLN E 113 -20.35 0.09 3.81
N ALA E 114 -20.14 1.17 3.04
CA ALA E 114 -20.99 2.39 3.05
C ALA E 114 -21.53 2.57 1.64
N PRO E 115 -22.44 1.68 1.16
CA PRO E 115 -22.98 1.81 -0.19
C PRO E 115 -23.97 2.99 -0.26
N ALA E 116 -24.03 3.79 0.83
CA ALA E 116 -24.92 4.95 1.03
C ALA E 116 -24.29 6.27 0.49
N PHE E 117 -23.35 6.17 -0.47
CA PHE E 117 -22.40 7.25 -0.83
C PHE E 117 -22.91 8.02 -2.06
N ASP E 118 -23.21 9.30 -1.86
CA ASP E 118 -23.79 10.23 -2.87
C ASP E 118 -22.82 11.41 -3.09
N PHE E 119 -21.94 11.29 -4.09
CA PHE E 119 -20.90 12.28 -4.44
C PHE E 119 -21.50 13.41 -5.30
N ARG E 120 -22.79 13.33 -5.65
CA ARG E 120 -23.49 14.29 -6.54
C ARG E 120 -23.06 15.70 -6.17
N LEU E 121 -22.89 15.98 -4.87
CA LEU E 121 -22.68 17.35 -4.34
C LEU E 121 -21.28 17.52 -3.74
N PHE E 122 -20.39 16.56 -3.97
CA PHE E 122 -18.98 16.61 -3.55
C PHE E 122 -18.42 17.95 -3.98
N PRO E 123 -17.77 18.75 -3.09
CA PRO E 123 -17.40 18.33 -1.73
C PRO E 123 -18.42 18.66 -0.63
N PHE E 124 -19.59 19.16 -1.01
CA PHE E 124 -20.56 19.77 -0.06
C PHE E 124 -21.41 18.66 0.56
N ASP E 125 -21.40 17.47 -0.02
CA ASP E 125 -22.26 16.32 0.38
C ASP E 125 -22.14 16.03 1.90
N ASN E 126 -23.24 15.51 2.47
CA ASN E 126 -23.38 14.81 3.77
C ASN E 126 -23.81 13.37 3.46
N GLN E 127 -23.36 12.38 4.24
CA GLN E 127 -23.47 10.95 3.88
C GLN E 127 -24.02 10.13 5.05
N LEU E 128 -24.50 8.92 4.73
CA LEU E 128 -24.97 7.92 5.73
C LEU E 128 -23.97 6.77 5.83
N PHE E 129 -23.44 6.57 7.04
CA PHE E 129 -22.68 5.37 7.43
C PHE E 129 -23.57 4.54 8.35
N PHE E 130 -23.59 3.23 8.16
CA PHE E 130 -24.40 2.30 8.97
C PHE E 130 -23.73 0.94 9.07
N ILE E 131 -23.96 0.28 10.21
CA ILE E 131 -23.56 -1.12 10.51
C ILE E 131 -24.86 -1.91 10.69
N HIS E 132 -24.97 -3.08 10.05
CA HIS E 132 -26.10 -4.04 10.16
C HIS E 132 -25.64 -5.25 10.97
N VAL E 133 -26.24 -5.44 12.15
CA VAL E 133 -26.14 -6.68 12.99
C VAL E 133 -27.42 -7.47 12.76
N ASP E 134 -27.33 -8.60 12.06
CA ASP E 134 -28.47 -9.51 11.72
C ASP E 134 -28.45 -10.74 12.64
N SER E 135 -29.60 -11.14 13.22
CA SER E 135 -29.80 -12.52 13.73
C SER E 135 -29.78 -13.44 12.51
N ILE E 136 -28.97 -14.50 12.51
CA ILE E 136 -29.04 -15.53 11.44
C ILE E 136 -30.43 -16.19 11.53
N PHE E 137 -30.88 -16.50 12.74
CA PHE E 137 -32.13 -17.25 13.04
C PHE E 137 -33.34 -16.33 13.00
N PRO E 138 -34.54 -16.85 12.61
CA PRO E 138 -35.75 -16.03 12.50
C PRO E 138 -36.23 -15.41 13.82
N GLN E 139 -37.36 -14.70 13.78
CA GLN E 139 -37.97 -13.98 14.93
C GLN E 139 -38.98 -14.88 15.65
N HIS E 140 -39.17 -16.11 15.16
CA HIS E 140 -39.94 -17.17 15.87
C HIS E 140 -39.08 -17.72 17.02
N LEU E 141 -37.74 -17.70 16.86
CA LEU E 141 -36.75 -18.24 17.84
C LEU E 141 -36.14 -17.11 18.69
N PHE E 142 -35.57 -16.08 18.05
CA PHE E 142 -34.85 -14.96 18.69
C PHE E 142 -35.36 -13.61 18.15
N ARG E 143 -35.66 -12.70 19.07
CA ARG E 143 -35.98 -11.29 18.77
C ARG E 143 -34.80 -10.42 19.26
N PHE E 144 -34.31 -9.52 18.41
CA PHE E 144 -33.36 -8.45 18.82
C PHE E 144 -34.18 -7.31 19.44
N GLN E 145 -33.80 -6.91 20.65
CA GLN E 145 -34.32 -5.70 21.34
C GLN E 145 -33.13 -4.76 21.58
N GLU E 146 -33.39 -3.49 21.82
CA GLU E 146 -32.33 -2.45 21.93
C GLU E 146 -31.78 -2.43 23.35
N MET E 147 -30.57 -2.94 23.57
CA MET E 147 -29.83 -2.72 24.83
C MET E 147 -29.79 -1.21 25.08
N GLN E 148 -30.30 -0.77 26.23
CA GLN E 148 -30.47 0.67 26.58
C GLN E 148 -29.22 1.18 27.30
N GLY E 149 -29.00 2.50 27.22
CA GLY E 149 -27.84 3.19 27.80
C GLY E 149 -26.52 2.57 27.37
N PHE E 150 -26.31 2.39 26.06
CA PHE E 150 -25.04 1.86 25.48
C PHE E 150 -24.88 2.26 24.01
N SER E 151 -25.67 1.67 23.10
CA SER E 151 -25.53 1.81 21.61
C SER E 151 -25.45 3.29 21.24
N GLY E 152 -24.46 3.67 20.44
CA GLY E 152 -24.22 5.05 19.94
C GLY E 152 -22.79 5.22 19.42
N LEU E 153 -22.26 6.45 19.48
CA LEU E 153 -20.86 6.78 19.11
C LEU E 153 -20.15 7.43 20.32
N GLY E 154 -18.89 7.06 20.56
CA GLY E 154 -18.04 7.63 21.64
C GLY E 154 -17.62 9.06 21.32
N ASP E 155 -16.67 9.63 22.06
CA ASP E 155 -16.32 11.07 21.89
C ASP E 155 -14.79 11.27 21.83
N GLN E 156 -14.05 10.26 21.37
CA GLN E 156 -12.73 10.46 20.70
C GLN E 156 -12.68 9.50 19.51
N LEU E 157 -13.41 9.89 18.46
CA LEU E 157 -13.52 9.17 17.17
C LEU E 157 -12.24 9.40 16.37
N GLY E 158 -11.65 10.60 16.48
CA GLY E 158 -10.33 10.96 15.92
C GLY E 158 -10.40 11.23 14.41
N GLU E 159 -11.60 11.48 13.88
CA GLU E 159 -11.85 11.69 12.43
C GLU E 159 -12.03 13.18 12.16
N GLU E 160 -11.14 13.75 11.34
CA GLU E 160 -10.94 15.21 11.26
C GLU E 160 -11.69 15.78 10.06
N GLU E 161 -11.80 15.04 8.95
CA GLU E 161 -12.44 15.57 7.70
C GLU E 161 -13.95 15.56 7.91
N TRP E 162 -14.48 14.43 8.35
CA TRP E 162 -15.93 14.33 8.61
C TRP E 162 -16.21 14.84 10.01
N ILE E 163 -17.48 15.18 10.24
CA ILE E 163 -18.00 15.63 11.57
C ILE E 163 -19.46 15.16 11.64
N VAL E 164 -19.76 14.37 12.67
CA VAL E 164 -20.97 13.50 12.72
C VAL E 164 -22.15 14.39 13.14
N THR E 165 -23.17 14.53 12.29
CA THR E 165 -24.39 15.31 12.63
C THR E 165 -25.16 14.59 13.75
N GLU E 166 -25.57 13.33 13.53
CA GLU E 166 -26.50 12.60 14.43
C GLU E 166 -26.31 11.08 14.32
N VAL E 167 -26.69 10.34 15.36
CA VAL E 167 -26.73 8.84 15.38
C VAL E 167 -28.18 8.39 15.63
N ASN E 168 -28.60 7.30 14.96
CA ASN E 168 -29.95 6.69 15.09
C ASN E 168 -29.77 5.19 15.33
N THR E 169 -30.58 4.61 16.23
CA THR E 169 -30.64 3.14 16.46
C THR E 169 -32.09 2.73 16.18
N HIS E 170 -32.28 1.58 15.55
CA HIS E 170 -33.63 1.02 15.33
C HIS E 170 -33.49 -0.45 14.95
N LEU E 171 -34.60 -1.17 15.02
CA LEU E 171 -34.63 -2.61 14.67
C LEU E 171 -35.43 -2.75 13.39
N THR E 172 -35.27 -3.88 12.71
CA THR E 172 -36.05 -4.24 11.50
C THR E 172 -35.74 -5.70 11.16
N THR E 173 -36.17 -6.16 9.99
CA THR E 173 -36.04 -7.59 9.60
C THR E 173 -35.18 -7.71 8.35
N HIS E 174 -34.81 -8.94 8.03
CA HIS E 174 -34.15 -9.37 6.78
C HIS E 174 -34.65 -10.77 6.41
N ASN E 175 -34.17 -11.34 5.31
CA ASN E 175 -34.53 -12.73 4.90
C ASN E 175 -33.33 -13.34 4.17
N GLU E 176 -32.15 -13.19 4.76
CA GLU E 176 -30.83 -13.45 4.11
C GLU E 176 -30.68 -14.94 3.79
N PHE E 177 -30.79 -15.80 4.81
CA PHE E 177 -30.52 -17.26 4.72
C PHE E 177 -31.83 -18.02 4.95
N THR E 178 -32.58 -17.59 5.98
CA THR E 178 -34.00 -17.93 6.26
C THR E 178 -34.90 -17.30 5.19
N LYS E 179 -36.10 -17.84 5.03
CA LYS E 179 -37.21 -17.15 4.34
C LYS E 179 -38.26 -16.75 5.39
N GLY E 180 -38.06 -17.19 6.64
CA GLY E 180 -38.68 -16.57 7.82
C GLY E 180 -38.04 -15.23 8.12
N ASP E 181 -38.86 -14.23 8.50
CA ASP E 181 -38.39 -12.89 8.97
C ASP E 181 -37.38 -13.08 10.11
N ALA E 182 -36.29 -12.29 10.07
CA ALA E 182 -35.17 -12.30 11.06
C ALA E 182 -34.88 -10.87 11.52
N SER E 183 -34.37 -10.72 12.75
CA SER E 183 -34.02 -9.42 13.37
C SER E 183 -32.79 -8.81 12.66
N ARG E 184 -32.76 -7.48 12.53
CA ARG E 184 -31.56 -6.69 12.13
C ARG E 184 -31.48 -5.42 12.99
N PHE E 185 -30.58 -5.39 13.98
CA PHE E 185 -30.23 -4.17 14.75
C PHE E 185 -29.35 -3.30 13.85
N VAL E 186 -29.68 -2.01 13.77
CA VAL E 186 -28.98 -1.04 12.87
C VAL E 186 -28.48 0.14 13.70
N LEU E 187 -27.18 0.45 13.56
CA LEU E 187 -26.56 1.71 14.02
C LEU E 187 -26.22 2.53 12.77
N GLU E 188 -27.02 3.56 12.49
CA GLU E 188 -26.82 4.59 11.42
C GLU E 188 -26.14 5.81 12.04
N PHE E 189 -25.26 6.48 11.30
CA PHE E 189 -24.81 7.86 11.61
C PHE E 189 -24.62 8.62 10.29
N HIS E 190 -25.03 9.89 10.26
CA HIS E 190 -24.66 10.86 9.22
C HIS E 190 -23.46 11.66 9.71
N ALA E 191 -22.52 11.91 8.82
CA ALA E 191 -21.46 12.93 9.00
C ALA E 191 -21.49 13.83 7.76
N GLU E 192 -20.94 15.03 7.91
CA GLU E 192 -20.69 15.95 6.78
C GLU E 192 -19.24 16.42 6.86
N ARG E 193 -18.77 16.98 5.75
CA ARG E 193 -17.35 17.12 5.36
C ARG E 193 -16.86 18.52 5.76
N HIS E 194 -15.77 18.61 6.53
CA HIS E 194 -15.00 19.87 6.80
C HIS E 194 -14.33 20.34 5.50
N LEU E 195 -14.82 21.43 4.91
CA LEU E 195 -14.46 21.87 3.54
C LEU E 195 -13.15 22.67 3.56
N ASN E 196 -12.56 22.94 4.73
CA ASN E 196 -11.27 23.64 4.85
C ASN E 196 -10.34 23.09 3.76
N TYR E 197 -10.02 21.80 3.83
CA TYR E 197 -9.10 21.14 2.88
C TYR E 197 -9.40 21.67 1.46
N TYR E 198 -10.64 21.54 0.99
CA TYR E 198 -11.06 21.87 -0.39
C TYR E 198 -10.84 23.36 -0.64
N LEU E 199 -11.35 24.23 0.23
CA LEU E 199 -11.05 25.68 0.14
C LEU E 199 -9.55 25.84 -0.10
N MET E 200 -8.75 25.28 0.82
CA MET E 200 -7.31 25.60 0.99
C MET E 200 -6.50 25.12 -0.20
N ARG E 201 -6.82 23.93 -0.72
CA ARG E 201 -5.97 23.22 -1.72
C ARG E 201 -6.53 23.41 -3.13
N ILE E 202 -7.87 23.49 -3.27
CA ILE E 202 -8.56 23.53 -4.62
C ILE E 202 -9.10 24.93 -4.88
N LEU E 203 -10.13 25.37 -4.15
CA LEU E 203 -10.84 26.64 -4.45
C LEU E 203 -9.82 27.81 -4.47
N ILE E 204 -9.11 28.05 -3.37
CA ILE E 204 -8.22 29.25 -3.24
C ILE E 204 -7.26 29.29 -4.44
N PRO E 205 -6.45 28.23 -4.69
CA PRO E 205 -5.53 28.24 -5.84
C PRO E 205 -6.25 28.65 -7.13
N VAL E 206 -7.25 27.86 -7.54
CA VAL E 206 -8.00 28.07 -8.79
C VAL E 206 -8.40 29.54 -8.90
N LEU E 207 -8.91 30.16 -7.83
CA LEU E 207 -9.33 31.58 -7.88
C LEU E 207 -8.08 32.45 -8.08
N LEU E 208 -7.02 32.19 -7.31
CA LEU E 208 -5.73 32.88 -7.54
C LEU E 208 -5.37 32.79 -9.03
N ILE E 209 -5.19 31.57 -9.54
CA ILE E 209 -4.80 31.35 -10.97
C ILE E 209 -5.70 32.22 -11.85
N ILE E 210 -7.03 32.16 -11.66
CA ILE E 210 -8.02 32.87 -12.52
C ILE E 210 -7.83 34.38 -12.40
N THR E 211 -7.67 34.89 -11.18
CA THR E 211 -7.58 36.34 -10.90
C THR E 211 -6.26 36.91 -11.39
N VAL E 212 -5.15 36.32 -10.96
CA VAL E 212 -3.79 36.74 -11.41
C VAL E 212 -3.80 36.69 -12.94
N SER E 213 -4.23 35.56 -13.52
CA SER E 213 -4.35 35.39 -14.99
C SER E 213 -4.98 36.64 -15.56
N TRP E 214 -6.14 37.05 -15.03
CA TRP E 214 -6.90 38.22 -15.52
C TRP E 214 -6.05 39.50 -15.45
N PHE E 215 -5.26 39.69 -14.39
CA PHE E 215 -4.43 40.92 -14.23
C PHE E 215 -3.59 41.14 -15.50
N THR E 216 -3.02 40.07 -16.05
CA THR E 216 -2.09 40.14 -17.22
C THR E 216 -2.84 40.59 -18.47
N PHE E 217 -4.16 40.79 -18.38
CA PHE E 217 -4.95 41.30 -19.52
C PHE E 217 -4.62 42.77 -19.70
N PHE E 218 -4.42 43.49 -18.59
CA PHE E 218 -4.11 44.94 -18.60
C PHE E 218 -2.75 45.20 -19.26
N LEU E 219 -2.00 44.16 -19.61
CA LEU E 219 -0.75 44.27 -20.41
C LEU E 219 -1.11 44.47 -21.89
N GLN E 220 -2.31 44.04 -22.29
CA GLN E 220 -2.85 44.22 -23.67
C GLN E 220 -1.98 43.45 -24.67
N ASP E 221 -1.41 42.31 -24.27
CA ASP E 221 -0.67 41.38 -25.18
C ASP E 221 -1.48 40.10 -25.35
N TYR E 222 -2.13 39.95 -26.52
CA TYR E 222 -3.11 38.87 -26.83
C TYR E 222 -2.38 37.54 -26.99
N THR E 223 -1.21 37.54 -27.63
CA THR E 223 -0.26 36.40 -27.59
C THR E 223 -0.11 35.98 -26.13
N LYS E 224 0.34 36.86 -25.25
CA LYS E 224 0.63 36.53 -23.84
C LYS E 224 -0.65 36.11 -23.09
N ARG E 225 -1.83 36.49 -23.56
CA ARG E 225 -3.10 36.03 -22.94
C ARG E 225 -3.34 34.58 -23.36
N ILE E 226 -3.12 34.26 -24.63
CA ILE E 226 -3.39 32.93 -25.24
C ILE E 226 -2.43 31.89 -24.65
N ASP E 227 -1.16 32.27 -24.53
CA ASP E 227 -0.12 31.41 -23.93
C ASP E 227 -0.56 31.10 -22.50
N LEU E 228 -1.14 32.11 -21.84
CA LEU E 228 -1.50 32.07 -20.42
C LEU E 228 -2.70 31.13 -20.23
N ALA E 229 -3.78 31.42 -20.95
CA ALA E 229 -5.05 30.67 -20.87
C ALA E 229 -4.80 29.21 -21.25
N GLY E 230 -3.94 28.96 -22.25
CA GLY E 230 -3.57 27.59 -22.67
C GLY E 230 -2.91 26.82 -21.54
N GLY E 231 -2.07 27.50 -20.75
CA GLY E 231 -1.36 26.95 -19.58
C GLY E 231 -2.32 26.66 -18.44
N ASN E 232 -3.24 27.60 -18.17
CA ASN E 232 -4.35 27.42 -17.20
C ASN E 232 -5.06 26.10 -17.53
N LEU E 233 -5.41 25.88 -18.79
CA LEU E 233 -6.16 24.66 -19.23
C LEU E 233 -5.50 23.43 -18.61
N LEU E 234 -4.21 23.22 -18.89
CA LEU E 234 -3.45 22.04 -18.39
C LEU E 234 -3.51 22.07 -16.87
N LEU E 235 -3.31 23.25 -16.25
CA LEU E 235 -3.41 23.41 -14.78
C LEU E 235 -4.72 22.77 -14.33
N PHE E 236 -5.86 23.19 -14.87
CA PHE E 236 -7.19 22.68 -14.47
C PHE E 236 -7.26 21.18 -14.74
N ILE E 237 -6.79 20.76 -15.92
CA ILE E 237 -6.73 19.33 -16.32
C ILE E 237 -5.94 18.57 -15.25
N ALA E 238 -4.93 19.19 -14.65
CA ALA E 238 -4.22 18.57 -13.51
C ALA E 238 -5.21 18.48 -12.34
N PHE E 239 -5.80 19.60 -11.92
CA PHE E 239 -6.74 19.64 -10.77
C PHE E 239 -7.80 18.56 -10.99
N ASN E 240 -8.18 18.35 -12.25
CA ASN E 240 -9.10 17.28 -12.71
C ASN E 240 -8.62 15.90 -12.24
N PHE E 241 -7.32 15.64 -12.28
CA PHE E 241 -6.72 14.35 -11.83
C PHE E 241 -6.48 14.36 -10.32
N THR E 242 -6.11 15.49 -9.71
CA THR E 242 -6.04 15.60 -8.23
C THR E 242 -7.38 15.12 -7.68
N ILE E 243 -8.45 15.72 -8.15
CA ILE E 243 -9.81 15.51 -7.57
C ILE E 243 -10.31 14.11 -7.93
N SER E 244 -10.15 13.68 -9.18
CA SER E 244 -10.62 12.35 -9.63
C SER E 244 -10.16 11.26 -8.66
N SER E 245 -8.93 11.35 -8.15
CA SER E 245 -8.30 10.27 -7.35
C SER E 245 -8.76 10.28 -5.88
N ASP E 246 -9.49 11.29 -5.40
CA ASP E 246 -10.16 11.22 -4.06
C ASP E 246 -11.32 10.23 -4.16
N LEU E 247 -11.93 10.12 -5.34
CA LEU E 247 -13.26 9.52 -5.60
C LEU E 247 -13.12 8.23 -6.39
N PRO E 248 -14.20 7.41 -6.46
CA PRO E 248 -14.26 6.25 -7.34
C PRO E 248 -14.40 6.67 -8.80
N ARG E 249 -14.45 5.68 -9.69
CA ARG E 249 -14.64 5.89 -11.14
C ARG E 249 -16.15 5.93 -11.38
N LEU E 250 -16.79 6.89 -10.73
CA LEU E 250 -18.27 7.09 -10.75
C LEU E 250 -18.74 7.17 -12.21
N GLY E 251 -19.92 6.61 -12.46
CA GLY E 251 -20.66 6.80 -13.71
C GLY E 251 -21.51 8.06 -13.67
N TYR E 252 -21.59 8.72 -12.51
CA TYR E 252 -22.39 9.96 -12.34
C TYR E 252 -21.45 11.15 -12.19
N ILE E 253 -21.98 12.35 -12.44
CA ILE E 253 -21.22 13.60 -12.59
C ILE E 253 -21.30 14.40 -11.28
N THR E 254 -20.16 14.54 -10.59
CA THR E 254 -19.98 15.35 -9.35
C THR E 254 -20.30 16.83 -9.64
N LEU E 255 -20.52 17.63 -8.59
CA LEU E 255 -20.54 19.11 -8.66
C LEU E 255 -19.13 19.60 -8.98
N MET E 256 -18.15 19.07 -8.26
CA MET E 256 -16.71 19.28 -8.56
C MET E 256 -16.51 19.11 -10.07
N ASP E 257 -16.94 17.99 -10.64
CA ASP E 257 -16.75 17.68 -12.08
C ASP E 257 -17.24 18.84 -12.94
N ALA E 258 -18.41 19.39 -12.62
CA ALA E 258 -18.99 20.54 -13.33
C ALA E 258 -18.02 21.72 -13.22
N PHE E 259 -17.70 22.15 -12.00
CA PHE E 259 -16.84 23.33 -11.68
C PHE E 259 -15.62 23.32 -12.61
N LEU E 260 -14.96 22.16 -12.71
CA LEU E 260 -13.76 21.97 -13.56
C LEU E 260 -14.17 22.14 -15.03
N VAL E 261 -15.06 21.30 -15.55
CA VAL E 261 -15.49 21.40 -16.98
C VAL E 261 -15.95 22.84 -17.23
N GLY E 262 -16.53 23.49 -16.21
CA GLY E 262 -16.85 24.93 -16.24
C GLY E 262 -15.64 25.72 -16.68
N THR E 263 -14.57 25.64 -15.89
CA THR E 263 -13.31 26.41 -16.13
C THR E 263 -12.80 26.05 -17.53
N PHE E 264 -12.76 24.75 -17.86
CA PHE E 264 -12.30 24.22 -19.17
C PHE E 264 -12.95 25.01 -20.30
N ILE E 265 -14.28 25.06 -20.29
CA ILE E 265 -15.11 25.72 -21.34
C ILE E 265 -14.66 27.19 -21.43
N ILE E 266 -14.73 27.93 -20.33
CA ILE E 266 -14.36 29.38 -20.30
C ILE E 266 -12.97 29.53 -20.89
N THR E 267 -11.99 28.88 -20.27
CA THR E 267 -10.56 28.95 -20.61
C THR E 267 -10.41 28.75 -22.13
N ALA E 268 -11.00 27.70 -22.70
CA ALA E 268 -10.94 27.41 -24.15
C ALA E 268 -11.45 28.61 -24.96
N LEU E 269 -12.51 29.27 -24.47
CA LEU E 269 -13.16 30.40 -25.18
C LEU E 269 -12.34 31.67 -24.92
N VAL E 270 -11.67 31.76 -23.78
CA VAL E 270 -10.68 32.85 -23.53
C VAL E 270 -9.61 32.76 -24.64
N VAL E 271 -9.10 31.55 -24.89
CA VAL E 271 -8.11 31.30 -25.97
C VAL E 271 -8.74 31.81 -27.26
N LEU E 272 -9.86 31.20 -27.64
CA LEU E 272 -10.55 31.45 -28.93
C LEU E 272 -10.78 32.95 -29.14
N GLY E 273 -11.26 33.65 -28.13
CA GLY E 273 -11.54 35.10 -28.17
C GLY E 273 -10.27 35.90 -28.42
N ASN E 274 -9.23 35.65 -27.62
CA ASN E 274 -7.95 36.39 -27.73
C ASN E 274 -7.24 36.01 -29.03
N VAL E 275 -7.47 34.79 -29.56
CA VAL E 275 -6.97 34.38 -30.90
C VAL E 275 -7.51 35.39 -31.92
N TRP E 276 -8.78 35.73 -31.77
CA TRP E 276 -9.52 36.53 -32.76
C TRP E 276 -9.17 38.03 -32.57
N LEU E 277 -9.01 38.50 -31.34
CA LEU E 277 -8.43 39.85 -31.05
C LEU E 277 -7.06 39.98 -31.71
N ARG E 278 -6.24 38.93 -31.62
CA ARG E 278 -4.85 38.90 -32.13
C ARG E 278 -4.87 38.81 -33.65
N ARG E 279 -5.85 38.07 -34.19
CA ARG E 279 -6.13 38.00 -35.64
C ARG E 279 -6.30 39.42 -36.20
N LEU E 280 -6.94 40.34 -35.46
CA LEU E 280 -7.28 41.71 -35.95
C LEU E 280 -6.03 42.60 -35.98
N GLU E 281 -5.11 42.44 -35.04
CA GLU E 281 -3.78 43.11 -35.05
C GLU E 281 -3.00 42.64 -36.27
N ASN E 282 -3.03 41.33 -36.55
CA ASN E 282 -2.38 40.68 -37.72
C ASN E 282 -2.92 41.22 -39.06
N HIS E 283 -4.12 41.82 -39.05
CA HIS E 283 -4.88 42.21 -40.28
C HIS E 283 -5.01 43.74 -40.36
N GLY E 284 -4.19 44.48 -39.59
CA GLY E 284 -4.08 45.94 -39.66
C GLY E 284 -5.27 46.63 -39.03
N LYS E 285 -5.95 45.94 -38.13
CA LYS E 285 -7.11 46.47 -37.38
C LYS E 285 -6.73 46.45 -35.90
N GLN E 286 -5.51 46.86 -35.59
CA GLN E 286 -4.93 46.93 -34.22
C GLN E 286 -5.87 47.77 -33.32
N ALA E 287 -6.32 48.95 -33.78
CA ALA E 287 -7.08 49.98 -33.02
C ALA E 287 -8.50 49.51 -32.73
N LEU E 288 -9.03 48.62 -33.58
CA LEU E 288 -10.35 47.99 -33.41
C LEU E 288 -10.25 46.94 -32.30
N ALA E 289 -9.32 46.00 -32.44
CA ALA E 289 -9.01 44.96 -31.43
C ALA E 289 -8.88 45.65 -30.07
N ARG E 290 -8.23 46.81 -30.02
CA ARG E 290 -8.07 47.66 -28.80
C ARG E 290 -9.44 48.15 -28.32
N LYS E 291 -10.33 48.52 -29.25
CA LYS E 291 -11.73 48.87 -28.89
C LYS E 291 -12.39 47.63 -28.29
N LEU E 292 -12.44 46.53 -29.02
CA LEU E 292 -13.11 45.29 -28.57
C LEU E 292 -12.53 44.81 -27.25
N ASP E 293 -11.28 45.15 -26.96
CA ASP E 293 -10.48 44.64 -25.81
C ASP E 293 -11.35 44.73 -24.55
N ILE E 294 -12.06 45.85 -24.33
CA ILE E 294 -12.75 46.10 -23.04
C ILE E 294 -13.74 44.96 -22.78
N TYR E 295 -14.37 44.43 -23.83
CA TYR E 295 -15.23 43.20 -23.74
C TYR E 295 -14.37 42.08 -23.15
N ALA E 296 -13.33 41.69 -23.90
CA ALA E 296 -12.38 40.62 -23.54
C ALA E 296 -11.99 40.77 -22.06
N ILE E 297 -11.72 41.99 -21.59
CA ILE E 297 -11.21 42.27 -20.20
C ILE E 297 -12.35 42.08 -19.18
N THR E 298 -13.60 42.31 -19.55
CA THR E 298 -14.75 42.23 -18.60
C THR E 298 -15.71 41.12 -19.06
N SER E 299 -15.27 40.20 -19.92
CA SER E 299 -15.93 38.90 -20.15
C SER E 299 -15.32 37.85 -19.23
N TYR E 300 -14.07 38.05 -18.82
CA TYR E 300 -13.33 37.11 -17.94
C TYR E 300 -14.11 37.01 -16.63
N PRO E 301 -14.29 38.13 -15.87
CA PRO E 301 -14.90 38.04 -14.54
C PRO E 301 -16.38 37.64 -14.59
N LEU E 302 -17.06 37.99 -15.69
CA LEU E 302 -18.51 37.75 -15.89
C LEU E 302 -18.77 36.32 -16.36
N ALA E 303 -17.95 35.79 -17.28
CA ALA E 303 -18.02 34.39 -17.74
C ALA E 303 -17.83 33.44 -16.55
N TYR E 304 -16.94 33.78 -15.61
CA TYR E 304 -16.62 32.98 -14.39
C TYR E 304 -17.61 33.32 -13.25
N LEU E 305 -18.49 34.32 -13.40
CA LEU E 305 -19.52 34.64 -12.38
C LEU E 305 -20.92 34.25 -12.89
N LEU E 306 -21.18 34.39 -14.20
CA LEU E 306 -22.20 33.61 -14.95
C LEU E 306 -22.05 32.13 -14.60
N GLY E 307 -20.80 31.66 -14.45
CA GLY E 307 -20.44 30.28 -14.07
C GLY E 307 -20.88 29.95 -12.66
N ALA E 308 -20.67 30.87 -11.71
CA ALA E 308 -20.96 30.71 -10.25
C ALA E 308 -22.46 30.51 -10.01
N LEU E 309 -23.32 30.82 -10.98
CA LEU E 309 -24.80 30.68 -10.90
C LEU E 309 -25.30 29.65 -11.92
N THR E 310 -24.51 29.28 -12.92
CA THR E 310 -24.79 28.09 -13.79
C THR E 310 -24.79 26.84 -12.89
N LEU E 311 -23.86 26.79 -11.92
CA LEU E 311 -23.69 25.66 -10.98
C LEU E 311 -24.64 25.80 -9.80
N TRP E 312 -24.53 26.94 -9.09
CA TRP E 312 -25.25 27.22 -7.82
C TRP E 312 -26.76 27.13 -8.03
N LEU E 313 -27.22 27.22 -9.28
CA LEU E 313 -28.63 26.91 -9.65
C LEU E 313 -28.73 25.42 -10.02
N LEU E 314 -28.07 24.98 -11.10
CA LEU E 314 -28.13 23.58 -11.62
C LEU E 314 -27.98 22.55 -10.48
N PHE E 315 -27.12 22.81 -9.47
CA PHE E 315 -26.75 21.84 -8.40
C PHE E 315 -27.20 22.34 -7.02
N PHE E 316 -28.04 23.39 -6.94
CA PHE E 316 -28.73 23.86 -5.70
C PHE E 316 -30.06 24.51 -6.15
#